data_2HZ1
# 
_entry.id   2HZ1 
# 
_audit_conform.dict_name       mmcif_pdbx.dic 
_audit_conform.dict_version    5.398 
_audit_conform.dict_location   http://mmcif.pdb.org/dictionaries/ascii/mmcif_pdbx.dic 
# 
loop_
_database_2.database_id 
_database_2.database_code 
_database_2.pdbx_database_accession 
_database_2.pdbx_DOI 
PDB   2HZ1         pdb_00002hz1 10.2210/pdb2hz1/pdb 
RCSB  RCSB038930   ?            ?                   
WWPDB D_1000038930 ?            ?                   
# 
loop_
_pdbx_audit_revision_history.ordinal 
_pdbx_audit_revision_history.data_content_type 
_pdbx_audit_revision_history.major_revision 
_pdbx_audit_revision_history.minor_revision 
_pdbx_audit_revision_history.revision_date 
1 'Structure model' 1 0 2006-08-29 
2 'Structure model' 1 1 2008-05-01 
3 'Structure model' 1 2 2011-07-13 
4 'Structure model' 1 3 2023-08-30 
5 'Structure model' 1 4 2024-11-06 
# 
_pdbx_audit_revision_details.ordinal             1 
_pdbx_audit_revision_details.revision_ordinal    1 
_pdbx_audit_revision_details.data_content_type   'Structure model' 
_pdbx_audit_revision_details.provider            repository 
_pdbx_audit_revision_details.type                'Initial release' 
_pdbx_audit_revision_details.description         ? 
_pdbx_audit_revision_details.details             ? 
# 
loop_
_pdbx_audit_revision_group.ordinal 
_pdbx_audit_revision_group.revision_ordinal 
_pdbx_audit_revision_group.data_content_type 
_pdbx_audit_revision_group.group 
1 2 'Structure model' 'Version format compliance' 
2 3 'Structure model' 'Source and taxonomy'       
3 3 'Structure model' 'Version format compliance' 
4 4 'Structure model' 'Data collection'           
5 4 'Structure model' 'Database references'       
6 4 'Structure model' 'Derived calculations'      
7 4 'Structure model' 'Refinement description'    
8 5 'Structure model' 'Structure summary'         
# 
loop_
_pdbx_audit_revision_category.ordinal 
_pdbx_audit_revision_category.revision_ordinal 
_pdbx_audit_revision_category.data_content_type 
_pdbx_audit_revision_category.category 
1  4 'Structure model' chem_comp_atom                
2  4 'Structure model' chem_comp_bond                
3  4 'Structure model' database_2                    
4  4 'Structure model' pdbx_initial_refinement_model 
5  4 'Structure model' pdbx_struct_conn_angle        
6  4 'Structure model' struct_conn                   
7  4 'Structure model' struct_conn_type              
8  4 'Structure model' struct_site                   
9  5 'Structure model' pdbx_entry_details            
10 5 'Structure model' pdbx_modification_feature     
# 
loop_
_pdbx_audit_revision_item.ordinal 
_pdbx_audit_revision_item.revision_ordinal 
_pdbx_audit_revision_item.data_content_type 
_pdbx_audit_revision_item.item 
1  4 'Structure model' '_database_2.pdbx_DOI'                        
2  4 'Structure model' '_database_2.pdbx_database_accession'         
3  4 'Structure model' '_pdbx_struct_conn_angle.ptnr1_auth_comp_id'  
4  4 'Structure model' '_pdbx_struct_conn_angle.ptnr1_auth_seq_id'   
5  4 'Structure model' '_pdbx_struct_conn_angle.ptnr1_label_asym_id' 
6  4 'Structure model' '_pdbx_struct_conn_angle.ptnr1_label_atom_id' 
7  4 'Structure model' '_pdbx_struct_conn_angle.ptnr1_label_comp_id' 
8  4 'Structure model' '_pdbx_struct_conn_angle.ptnr1_label_seq_id'  
9  4 'Structure model' '_pdbx_struct_conn_angle.ptnr1_symmetry'      
10 4 'Structure model' '_pdbx_struct_conn_angle.ptnr2_auth_comp_id'  
11 4 'Structure model' '_pdbx_struct_conn_angle.ptnr2_auth_seq_id'   
12 4 'Structure model' '_pdbx_struct_conn_angle.ptnr2_label_asym_id' 
13 4 'Structure model' '_pdbx_struct_conn_angle.ptnr2_label_atom_id' 
14 4 'Structure model' '_pdbx_struct_conn_angle.ptnr2_label_comp_id' 
15 4 'Structure model' '_pdbx_struct_conn_angle.ptnr3_auth_comp_id'  
16 4 'Structure model' '_pdbx_struct_conn_angle.ptnr3_auth_seq_id'   
17 4 'Structure model' '_pdbx_struct_conn_angle.ptnr3_label_asym_id' 
18 4 'Structure model' '_pdbx_struct_conn_angle.ptnr3_label_atom_id' 
19 4 'Structure model' '_pdbx_struct_conn_angle.ptnr3_label_comp_id' 
20 4 'Structure model' '_pdbx_struct_conn_angle.ptnr3_label_seq_id'  
21 4 'Structure model' '_pdbx_struct_conn_angle.ptnr3_symmetry'      
22 4 'Structure model' '_pdbx_struct_conn_angle.value'               
23 4 'Structure model' '_struct_conn.conn_type_id'                   
24 4 'Structure model' '_struct_conn.id'                             
25 4 'Structure model' '_struct_conn.pdbx_dist_value'                
26 4 'Structure model' '_struct_conn.pdbx_leaving_atom_flag'         
27 4 'Structure model' '_struct_conn.ptnr1_auth_comp_id'             
28 4 'Structure model' '_struct_conn.ptnr1_auth_seq_id'              
29 4 'Structure model' '_struct_conn.ptnr1_label_asym_id'            
30 4 'Structure model' '_struct_conn.ptnr1_label_atom_id'            
31 4 'Structure model' '_struct_conn.ptnr1_label_comp_id'            
32 4 'Structure model' '_struct_conn.ptnr1_label_seq_id'             
33 4 'Structure model' '_struct_conn.ptnr1_symmetry'                 
34 4 'Structure model' '_struct_conn.ptnr2_auth_comp_id'             
35 4 'Structure model' '_struct_conn.ptnr2_auth_seq_id'              
36 4 'Structure model' '_struct_conn.ptnr2_label_asym_id'            
37 4 'Structure model' '_struct_conn.ptnr2_label_atom_id'            
38 4 'Structure model' '_struct_conn.ptnr2_label_comp_id'            
39 4 'Structure model' '_struct_conn.ptnr2_label_seq_id'             
40 4 'Structure model' '_struct_conn.ptnr2_symmetry'                 
41 4 'Structure model' '_struct_conn_type.id'                        
42 4 'Structure model' '_struct_site.pdbx_auth_asym_id'              
43 4 'Structure model' '_struct_site.pdbx_auth_comp_id'              
44 4 'Structure model' '_struct_site.pdbx_auth_seq_id'               
# 
_pdbx_database_status.status_code                     REL 
_pdbx_database_status.entry_id                        2HZ1 
_pdbx_database_status.recvd_initial_deposition_date   2006-08-08 
_pdbx_database_status.deposit_site                    RCSB 
_pdbx_database_status.process_site                    RCSB 
_pdbx_database_status.status_code_sf                  REL 
_pdbx_database_status.status_code_mr                  ? 
_pdbx_database_status.SG_entry                        ? 
_pdbx_database_status.pdb_format_compatible           Y 
_pdbx_database_status.status_code_cs                  ? 
_pdbx_database_status.status_code_nmr_data            ? 
_pdbx_database_status.methods_development_category    ? 
# 
loop_
_pdbx_database_related.db_name 
_pdbx_database_related.db_id 
_pdbx_database_related.details 
_pdbx_database_related.content_type 
PDB 2HZ2 . unspecified 
PDB 2HZ3 . unspecified 
PDB 1RTX . unspecified 
# 
_audit_author.name           'Hoy, J.A.' 
_audit_author.pdbx_ordinal   1 
# 
_citation.id                        primary 
_citation.title                     
'Covalent heme attachment in Synechocystis hemoglobin is required to prevent ferrous heme dissociation' 
_citation.journal_abbrev            'Protein Sci.' 
_citation.journal_volume            16 
_citation.page_first                250 
_citation.page_last                 260 
_citation.year                      2007 
_citation.journal_id_ASTM           PRCIEI 
_citation.country                   US 
_citation.journal_id_ISSN           0961-8368 
_citation.journal_id_CSD            0795 
_citation.book_publisher            ? 
_citation.pdbx_database_id_PubMed   17242429 
_citation.pdbx_database_id_DOI      10.1110/ps.062572607 
# 
loop_
_citation_author.citation_id 
_citation_author.name 
_citation_author.ordinal 
_citation_author.identifier_ORCID 
primary 'Hoy, J.A.'      1 ? 
primary 'Smagghe, B.J.'  2 ? 
primary 'Halder, P.'     3 ? 
primary 'Hargrove, M.S.' 4 ? 
# 
loop_
_entity.id 
_entity.type 
_entity.src_method 
_entity.pdbx_description 
_entity.formula_weight 
_entity.pdbx_number_of_molecules 
_entity.pdbx_ec 
_entity.pdbx_mutation 
_entity.pdbx_fragment 
_entity.details 
1 polymer     man Cyanoglobin                       13757.427 1   ? ? ? ? 
2 non-polymer syn 'CADMIUM ION'                     112.411   2   ? ? ? ? 
3 non-polymer syn 'SULFITE ION'                     80.063    1   ? ? ? ? 
4 non-polymer syn 'PROTOPORPHYRIN IX CONTAINING FE' 616.487   1   ? ? ? ? 
5 non-polymer syn 'SULFUR DIOXIDE'                  64.064    2   ? ? ? ? 
6 water       nat water                             18.015    130 ? ? ? ? 
# 
_entity_name_com.entity_id   1 
_entity_name_com.name        'Hemoglobin, Hb' 
# 
_entity_poly.entity_id                      1 
_entity_poly.type                           'polypeptide(L)' 
_entity_poly.nstd_linkage                   no 
_entity_poly.nstd_monomer                   no 
_entity_poly.pdbx_seq_one_letter_code       
;STLYEKLGGTTAVDLAVDKFYERVLQDDRIKHFFADVDMAKQRAHQKAFLTYAFGGTDKYDGRYMREAHKELVENHGLNG
EHFDAVAEDLLATLKEMGVPEDLIAEVAAVAGAPAHKRDVLNQ
;
_entity_poly.pdbx_seq_one_letter_code_can   
;STLYEKLGGTTAVDLAVDKFYERVLQDDRIKHFFADVDMAKQRAHQKAFLTYAFGGTDKYDGRYMREAHKELVENHGLNG
EHFDAVAEDLLATLKEMGVPEDLIAEVAAVAGAPAHKRDVLNQ
;
_entity_poly.pdbx_strand_id                 A 
_entity_poly.pdbx_target_identifier         ? 
# 
loop_
_pdbx_entity_nonpoly.entity_id 
_pdbx_entity_nonpoly.name 
_pdbx_entity_nonpoly.comp_id 
2 'CADMIUM ION'                     CD  
3 'SULFITE ION'                     SO3 
4 'PROTOPORPHYRIN IX CONTAINING FE' HEM 
5 'SULFUR DIOXIDE'                  SO2 
6 water                             HOH 
# 
loop_
_entity_poly_seq.entity_id 
_entity_poly_seq.num 
_entity_poly_seq.mon_id 
_entity_poly_seq.hetero 
1 1   SER n 
1 2   THR n 
1 3   LEU n 
1 4   TYR n 
1 5   GLU n 
1 6   LYS n 
1 7   LEU n 
1 8   GLY n 
1 9   GLY n 
1 10  THR n 
1 11  THR n 
1 12  ALA n 
1 13  VAL n 
1 14  ASP n 
1 15  LEU n 
1 16  ALA n 
1 17  VAL n 
1 18  ASP n 
1 19  LYS n 
1 20  PHE n 
1 21  TYR n 
1 22  GLU n 
1 23  ARG n 
1 24  VAL n 
1 25  LEU n 
1 26  GLN n 
1 27  ASP n 
1 28  ASP n 
1 29  ARG n 
1 30  ILE n 
1 31  LYS n 
1 32  HIS n 
1 33  PHE n 
1 34  PHE n 
1 35  ALA n 
1 36  ASP n 
1 37  VAL n 
1 38  ASP n 
1 39  MET n 
1 40  ALA n 
1 41  LYS n 
1 42  GLN n 
1 43  ARG n 
1 44  ALA n 
1 45  HIS n 
1 46  GLN n 
1 47  LYS n 
1 48  ALA n 
1 49  PHE n 
1 50  LEU n 
1 51  THR n 
1 52  TYR n 
1 53  ALA n 
1 54  PHE n 
1 55  GLY n 
1 56  GLY n 
1 57  THR n 
1 58  ASP n 
1 59  LYS n 
1 60  TYR n 
1 61  ASP n 
1 62  GLY n 
1 63  ARG n 
1 64  TYR n 
1 65  MET n 
1 66  ARG n 
1 67  GLU n 
1 68  ALA n 
1 69  HIS n 
1 70  LYS n 
1 71  GLU n 
1 72  LEU n 
1 73  VAL n 
1 74  GLU n 
1 75  ASN n 
1 76  HIS n 
1 77  GLY n 
1 78  LEU n 
1 79  ASN n 
1 80  GLY n 
1 81  GLU n 
1 82  HIS n 
1 83  PHE n 
1 84  ASP n 
1 85  ALA n 
1 86  VAL n 
1 87  ALA n 
1 88  GLU n 
1 89  ASP n 
1 90  LEU n 
1 91  LEU n 
1 92  ALA n 
1 93  THR n 
1 94  LEU n 
1 95  LYS n 
1 96  GLU n 
1 97  MET n 
1 98  GLY n 
1 99  VAL n 
1 100 PRO n 
1 101 GLU n 
1 102 ASP n 
1 103 LEU n 
1 104 ILE n 
1 105 ALA n 
1 106 GLU n 
1 107 VAL n 
1 108 ALA n 
1 109 ALA n 
1 110 VAL n 
1 111 ALA n 
1 112 GLY n 
1 113 ALA n 
1 114 PRO n 
1 115 ALA n 
1 116 HIS n 
1 117 LYS n 
1 118 ARG n 
1 119 ASP n 
1 120 VAL n 
1 121 LEU n 
1 122 ASN n 
1 123 GLN n 
# 
_entity_src_gen.entity_id                          1 
_entity_src_gen.pdbx_src_id                        1 
_entity_src_gen.pdbx_alt_source_flag               sample 
_entity_src_gen.pdbx_seq_type                      ? 
_entity_src_gen.pdbx_beg_seq_num                   ? 
_entity_src_gen.pdbx_end_seq_num                   ? 
_entity_src_gen.gene_src_common_name               ? 
_entity_src_gen.gene_src_genus                     Synechocystis 
_entity_src_gen.pdbx_gene_src_gene                 glbN 
_entity_src_gen.gene_src_species                   ? 
_entity_src_gen.gene_src_strain                    'PCC 6803' 
_entity_src_gen.gene_src_tissue                    ? 
_entity_src_gen.gene_src_tissue_fraction           ? 
_entity_src_gen.gene_src_details                   ? 
_entity_src_gen.pdbx_gene_src_fragment             ? 
_entity_src_gen.pdbx_gene_src_scientific_name      'Synechocystis sp.' 
_entity_src_gen.pdbx_gene_src_ncbi_taxonomy_id     1148 
_entity_src_gen.pdbx_gene_src_variant              ? 
_entity_src_gen.pdbx_gene_src_cell_line            ? 
_entity_src_gen.pdbx_gene_src_atcc                 ? 
_entity_src_gen.pdbx_gene_src_organ                ? 
_entity_src_gen.pdbx_gene_src_organelle            ? 
_entity_src_gen.pdbx_gene_src_cell                 ? 
_entity_src_gen.pdbx_gene_src_cellular_location    ? 
_entity_src_gen.host_org_common_name               ? 
_entity_src_gen.pdbx_host_org_scientific_name      'Escherichia coli' 
_entity_src_gen.pdbx_host_org_ncbi_taxonomy_id     562 
_entity_src_gen.host_org_genus                     Escherichia 
_entity_src_gen.pdbx_host_org_gene                 ? 
_entity_src_gen.pdbx_host_org_organ                ? 
_entity_src_gen.host_org_species                   ? 
_entity_src_gen.pdbx_host_org_tissue               ? 
_entity_src_gen.pdbx_host_org_tissue_fraction      ? 
_entity_src_gen.pdbx_host_org_strain               ? 
_entity_src_gen.pdbx_host_org_variant              ? 
_entity_src_gen.pdbx_host_org_cell_line            ? 
_entity_src_gen.pdbx_host_org_atcc                 ? 
_entity_src_gen.pdbx_host_org_culture_collection   ? 
_entity_src_gen.pdbx_host_org_cell                 ? 
_entity_src_gen.pdbx_host_org_organelle            ? 
_entity_src_gen.pdbx_host_org_cellular_location    ? 
_entity_src_gen.pdbx_host_org_vector_type          ? 
_entity_src_gen.pdbx_host_org_vector               ? 
_entity_src_gen.host_org_details                   ? 
_entity_src_gen.expression_system_id               ? 
_entity_src_gen.plasmid_name                       ? 
_entity_src_gen.plasmid_details                    ? 
_entity_src_gen.pdbx_description                   ? 
# 
loop_
_chem_comp.id 
_chem_comp.type 
_chem_comp.mon_nstd_flag 
_chem_comp.name 
_chem_comp.pdbx_synonyms 
_chem_comp.formula 
_chem_comp.formula_weight 
ALA 'L-peptide linking' y ALANINE                           ?    'C3 H7 N O2'       89.093  
ARG 'L-peptide linking' y ARGININE                          ?    'C6 H15 N4 O2 1'   175.209 
ASN 'L-peptide linking' y ASPARAGINE                        ?    'C4 H8 N2 O3'      132.118 
ASP 'L-peptide linking' y 'ASPARTIC ACID'                   ?    'C4 H7 N O4'       133.103 
CD  non-polymer         . 'CADMIUM ION'                     ?    'Cd 2'             112.411 
GLN 'L-peptide linking' y GLUTAMINE                         ?    'C5 H10 N2 O3'     146.144 
GLU 'L-peptide linking' y 'GLUTAMIC ACID'                   ?    'C5 H9 N O4'       147.129 
GLY 'peptide linking'   y GLYCINE                           ?    'C2 H5 N O2'       75.067  
HEM non-polymer         . 'PROTOPORPHYRIN IX CONTAINING FE' HEME 'C34 H32 Fe N4 O4' 616.487 
HIS 'L-peptide linking' y HISTIDINE                         ?    'C6 H10 N3 O2 1'   156.162 
HOH non-polymer         . WATER                             ?    'H2 O'             18.015  
ILE 'L-peptide linking' y ISOLEUCINE                        ?    'C6 H13 N O2'      131.173 
LEU 'L-peptide linking' y LEUCINE                           ?    'C6 H13 N O2'      131.173 
LYS 'L-peptide linking' y LYSINE                            ?    'C6 H15 N2 O2 1'   147.195 
MET 'L-peptide linking' y METHIONINE                        ?    'C5 H11 N O2 S'    149.211 
PHE 'L-peptide linking' y PHENYLALANINE                     ?    'C9 H11 N O2'      165.189 
PRO 'L-peptide linking' y PROLINE                           ?    'C5 H9 N O2'       115.130 
SER 'L-peptide linking' y SERINE                            ?    'C3 H7 N O3'       105.093 
SO2 non-polymer         . 'SULFUR DIOXIDE'                  ?    'O2 S'             64.064  
SO3 non-polymer         . 'SULFITE ION'                     ?    'O3 S -2'          80.063  
THR 'L-peptide linking' y THREONINE                         ?    'C4 H9 N O3'       119.119 
TYR 'L-peptide linking' y TYROSINE                          ?    'C9 H11 N O3'      181.189 
VAL 'L-peptide linking' y VALINE                            ?    'C5 H11 N O2'      117.146 
# 
loop_
_pdbx_poly_seq_scheme.asym_id 
_pdbx_poly_seq_scheme.entity_id 
_pdbx_poly_seq_scheme.seq_id 
_pdbx_poly_seq_scheme.mon_id 
_pdbx_poly_seq_scheme.ndb_seq_num 
_pdbx_poly_seq_scheme.pdb_seq_num 
_pdbx_poly_seq_scheme.auth_seq_num 
_pdbx_poly_seq_scheme.pdb_mon_id 
_pdbx_poly_seq_scheme.auth_mon_id 
_pdbx_poly_seq_scheme.pdb_strand_id 
_pdbx_poly_seq_scheme.pdb_ins_code 
_pdbx_poly_seq_scheme.hetero 
A 1 1   SER 1   2   2   SER SER A . n 
A 1 2   THR 2   3   3   THR THR A . n 
A 1 3   LEU 3   4   4   LEU LEU A . n 
A 1 4   TYR 4   5   5   TYR TYR A . n 
A 1 5   GLU 5   6   6   GLU GLU A . n 
A 1 6   LYS 6   7   7   LYS LYS A . n 
A 1 7   LEU 7   8   8   LEU LEU A . n 
A 1 8   GLY 8   9   9   GLY GLY A . n 
A 1 9   GLY 9   10  10  GLY GLY A . n 
A 1 10  THR 10  11  11  THR THR A . n 
A 1 11  THR 11  12  12  THR THR A . n 
A 1 12  ALA 12  13  13  ALA ALA A . n 
A 1 13  VAL 13  14  14  VAL VAL A . n 
A 1 14  ASP 14  15  15  ASP ASP A . n 
A 1 15  LEU 15  16  16  LEU LEU A . n 
A 1 16  ALA 16  17  17  ALA ALA A . n 
A 1 17  VAL 17  18  18  VAL VAL A . n 
A 1 18  ASP 18  19  19  ASP ASP A . n 
A 1 19  LYS 19  20  20  LYS LYS A . n 
A 1 20  PHE 20  21  21  PHE PHE A . n 
A 1 21  TYR 21  22  22  TYR TYR A . n 
A 1 22  GLU 22  23  23  GLU GLU A . n 
A 1 23  ARG 23  24  24  ARG ARG A . n 
A 1 24  VAL 24  25  25  VAL VAL A . n 
A 1 25  LEU 25  26  26  LEU LEU A . n 
A 1 26  GLN 26  27  27  GLN GLN A . n 
A 1 27  ASP 27  28  28  ASP ASP A . n 
A 1 28  ASP 28  29  29  ASP ASP A . n 
A 1 29  ARG 29  30  30  ARG ARG A . n 
A 1 30  ILE 30  31  31  ILE ILE A . n 
A 1 31  LYS 31  32  32  LYS LYS A . n 
A 1 32  HIS 32  33  33  HIS HIS A . n 
A 1 33  PHE 33  34  34  PHE PHE A . n 
A 1 34  PHE 34  35  35  PHE PHE A . n 
A 1 35  ALA 35  36  36  ALA ALA A . n 
A 1 36  ASP 36  37  37  ASP ASP A . n 
A 1 37  VAL 37  38  38  VAL VAL A . n 
A 1 38  ASP 38  39  39  ASP ASP A . n 
A 1 39  MET 39  40  40  MET MET A . n 
A 1 40  ALA 40  41  41  ALA ALA A . n 
A 1 41  LYS 41  42  42  LYS LYS A . n 
A 1 42  GLN 42  43  43  GLN GLN A . n 
A 1 43  ARG 43  44  44  ARG ARG A . n 
A 1 44  ALA 44  45  45  ALA ALA A . n 
A 1 45  HIS 45  46  46  HIS HIS A . n 
A 1 46  GLN 46  47  47  GLN GLN A . n 
A 1 47  LYS 47  48  48  LYS LYS A . n 
A 1 48  ALA 48  49  49  ALA ALA A . n 
A 1 49  PHE 49  50  50  PHE PHE A . n 
A 1 50  LEU 50  51  51  LEU LEU A . n 
A 1 51  THR 51  52  52  THR THR A . n 
A 1 52  TYR 52  53  53  TYR TYR A . n 
A 1 53  ALA 53  54  54  ALA ALA A . n 
A 1 54  PHE 54  55  55  PHE PHE A . n 
A 1 55  GLY 55  56  56  GLY GLY A . n 
A 1 56  GLY 56  57  57  GLY GLY A . n 
A 1 57  THR 57  58  58  THR THR A . n 
A 1 58  ASP 58  59  59  ASP ASP A . n 
A 1 59  LYS 59  60  60  LYS LYS A . n 
A 1 60  TYR 60  61  61  TYR TYR A . n 
A 1 61  ASP 61  62  62  ASP ASP A . n 
A 1 62  GLY 62  63  63  GLY GLY A . n 
A 1 63  ARG 63  64  64  ARG ARG A . n 
A 1 64  TYR 64  65  65  TYR TYR A . n 
A 1 65  MET 65  66  66  MET MET A . n 
A 1 66  ARG 66  67  67  ARG ARG A . n 
A 1 67  GLU 67  68  68  GLU GLU A . n 
A 1 68  ALA 68  69  69  ALA ALA A . n 
A 1 69  HIS 69  70  70  HIS HIS A . n 
A 1 70  LYS 70  71  71  LYS LYS A . n 
A 1 71  GLU 71  72  72  GLU GLU A . n 
A 1 72  LEU 72  73  73  LEU LEU A . n 
A 1 73  VAL 73  74  74  VAL VAL A . n 
A 1 74  GLU 74  75  75  GLU GLU A . n 
A 1 75  ASN 75  76  76  ASN ASN A . n 
A 1 76  HIS 76  77  77  HIS HIS A . n 
A 1 77  GLY 77  78  78  GLY GLY A . n 
A 1 78  LEU 78  79  79  LEU LEU A . n 
A 1 79  ASN 79  80  80  ASN ASN A . n 
A 1 80  GLY 80  81  81  GLY GLY A . n 
A 1 81  GLU 81  82  82  GLU GLU A . n 
A 1 82  HIS 82  83  83  HIS HIS A . n 
A 1 83  PHE 83  84  84  PHE PHE A . n 
A 1 84  ASP 84  85  85  ASP ASP A . n 
A 1 85  ALA 85  86  86  ALA ALA A . n 
A 1 86  VAL 86  87  87  VAL VAL A . n 
A 1 87  ALA 87  88  88  ALA ALA A . n 
A 1 88  GLU 88  89  89  GLU GLU A . n 
A 1 89  ASP 89  90  90  ASP ASP A . n 
A 1 90  LEU 90  91  91  LEU LEU A . n 
A 1 91  LEU 91  92  92  LEU LEU A . n 
A 1 92  ALA 92  93  93  ALA ALA A . n 
A 1 93  THR 93  94  94  THR THR A . n 
A 1 94  LEU 94  95  95  LEU LEU A . n 
A 1 95  LYS 95  96  96  LYS LYS A . n 
A 1 96  GLU 96  97  97  GLU GLU A . n 
A 1 97  MET 97  98  98  MET MET A . n 
A 1 98  GLY 98  99  99  GLY GLY A . n 
A 1 99  VAL 99  100 100 VAL VAL A . n 
A 1 100 PRO 100 101 101 PRO PRO A . n 
A 1 101 GLU 101 102 102 GLU GLU A . n 
A 1 102 ASP 102 103 103 ASP ASP A . n 
A 1 103 LEU 103 104 104 LEU LEU A . n 
A 1 104 ILE 104 105 105 ILE ILE A . n 
A 1 105 ALA 105 106 106 ALA ALA A . n 
A 1 106 GLU 106 107 107 GLU GLU A . n 
A 1 107 VAL 107 108 108 VAL VAL A . n 
A 1 108 ALA 108 109 109 ALA ALA A . n 
A 1 109 ALA 109 110 110 ALA ALA A . n 
A 1 110 VAL 110 111 111 VAL VAL A . n 
A 1 111 ALA 111 112 112 ALA ALA A . n 
A 1 112 GLY 112 113 113 GLY GLY A . n 
A 1 113 ALA 113 114 114 ALA ALA A . n 
A 1 114 PRO 114 115 115 PRO PRO A . n 
A 1 115 ALA 115 116 116 ALA ALA A . n 
A 1 116 HIS 116 117 117 HIS HIS A . n 
A 1 117 LYS 117 118 118 LYS LYS A . n 
A 1 118 ARG 118 119 119 ARG ARG A . n 
A 1 119 ASP 119 120 120 ASP ASP A . n 
A 1 120 VAL 120 121 121 VAL VAL A . n 
A 1 121 LEU 121 122 122 LEU LEU A . n 
A 1 122 ASN 122 123 123 ASN ASN A . n 
A 1 123 GLN 123 124 124 GLN GLN A . n 
# 
loop_
_pdbx_nonpoly_scheme.asym_id 
_pdbx_nonpoly_scheme.entity_id 
_pdbx_nonpoly_scheme.mon_id 
_pdbx_nonpoly_scheme.ndb_seq_num 
_pdbx_nonpoly_scheme.pdb_seq_num 
_pdbx_nonpoly_scheme.auth_seq_num 
_pdbx_nonpoly_scheme.pdb_mon_id 
_pdbx_nonpoly_scheme.auth_mon_id 
_pdbx_nonpoly_scheme.pdb_strand_id 
_pdbx_nonpoly_scheme.pdb_ins_code 
B 2 CD  1   201 1   CD  CD  A . 
C 2 CD  1   202 2   CD  CD  A . 
D 3 SO3 1   204 4   SO3 SO3 A . 
E 4 HEM 1   125 125 HEM HEM A . 
F 5 SO2 1   203 3   SO2 SO2 A . 
G 5 SO2 1   205 5   SO2 SO2 A . 
H 6 HOH 1   206 1   HOH HOH A . 
H 6 HOH 2   207 2   HOH HOH A . 
H 6 HOH 3   208 3   HOH HOH A . 
H 6 HOH 4   209 4   HOH HOH A . 
H 6 HOH 5   210 5   HOH HOH A . 
H 6 HOH 6   211 6   HOH HOH A . 
H 6 HOH 7   212 7   HOH HOH A . 
H 6 HOH 8   213 8   HOH HOH A . 
H 6 HOH 9   214 9   HOH HOH A . 
H 6 HOH 10  215 10  HOH HOH A . 
H 6 HOH 11  216 11  HOH HOH A . 
H 6 HOH 12  217 12  HOH HOH A . 
H 6 HOH 13  218 13  HOH HOH A . 
H 6 HOH 14  219 14  HOH HOH A . 
H 6 HOH 15  220 15  HOH HOH A . 
H 6 HOH 16  221 16  HOH HOH A . 
H 6 HOH 17  222 17  HOH HOH A . 
H 6 HOH 18  223 18  HOH HOH A . 
H 6 HOH 19  224 19  HOH HOH A . 
H 6 HOH 20  225 20  HOH HOH A . 
H 6 HOH 21  226 21  HOH HOH A . 
H 6 HOH 22  227 22  HOH HOH A . 
H 6 HOH 23  228 23  HOH HOH A . 
H 6 HOH 24  229 24  HOH HOH A . 
H 6 HOH 25  230 25  HOH HOH A . 
H 6 HOH 26  231 26  HOH HOH A . 
H 6 HOH 27  232 27  HOH HOH A . 
H 6 HOH 28  233 28  HOH HOH A . 
H 6 HOH 29  234 29  HOH HOH A . 
H 6 HOH 30  235 30  HOH HOH A . 
H 6 HOH 31  236 31  HOH HOH A . 
H 6 HOH 32  237 32  HOH HOH A . 
H 6 HOH 33  238 33  HOH HOH A . 
H 6 HOH 34  239 34  HOH HOH A . 
H 6 HOH 35  240 35  HOH HOH A . 
H 6 HOH 36  241 36  HOH HOH A . 
H 6 HOH 37  242 37  HOH HOH A . 
H 6 HOH 38  243 39  HOH HOH A . 
H 6 HOH 39  244 40  HOH HOH A . 
H 6 HOH 40  245 41  HOH HOH A . 
H 6 HOH 41  246 42  HOH HOH A . 
H 6 HOH 42  247 43  HOH HOH A . 
H 6 HOH 43  248 44  HOH HOH A . 
H 6 HOH 44  249 45  HOH HOH A . 
H 6 HOH 45  250 46  HOH HOH A . 
H 6 HOH 46  251 47  HOH HOH A . 
H 6 HOH 47  252 48  HOH HOH A . 
H 6 HOH 48  253 49  HOH HOH A . 
H 6 HOH 49  254 50  HOH HOH A . 
H 6 HOH 50  255 51  HOH HOH A . 
H 6 HOH 51  256 52  HOH HOH A . 
H 6 HOH 52  257 53  HOH HOH A . 
H 6 HOH 53  258 54  HOH HOH A . 
H 6 HOH 54  259 55  HOH HOH A . 
H 6 HOH 55  260 56  HOH HOH A . 
H 6 HOH 56  261 57  HOH HOH A . 
H 6 HOH 57  262 58  HOH HOH A . 
H 6 HOH 58  263 59  HOH HOH A . 
H 6 HOH 59  264 60  HOH HOH A . 
H 6 HOH 60  265 61  HOH HOH A . 
H 6 HOH 61  266 62  HOH HOH A . 
H 6 HOH 62  267 63  HOH HOH A . 
H 6 HOH 63  268 64  HOH HOH A . 
H 6 HOH 64  269 65  HOH HOH A . 
H 6 HOH 65  270 66  HOH HOH A . 
H 6 HOH 66  271 67  HOH HOH A . 
H 6 HOH 67  272 68  HOH HOH A . 
H 6 HOH 68  273 69  HOH HOH A . 
H 6 HOH 69  274 70  HOH HOH A . 
H 6 HOH 70  275 71  HOH HOH A . 
H 6 HOH 71  276 72  HOH HOH A . 
H 6 HOH 72  277 73  HOH HOH A . 
H 6 HOH 73  278 74  HOH HOH A . 
H 6 HOH 74  279 75  HOH HOH A . 
H 6 HOH 75  280 76  HOH HOH A . 
H 6 HOH 76  281 77  HOH HOH A . 
H 6 HOH 77  282 78  HOH HOH A . 
H 6 HOH 78  283 79  HOH HOH A . 
H 6 HOH 79  284 80  HOH HOH A . 
H 6 HOH 80  285 82  HOH HOH A . 
H 6 HOH 81  286 83  HOH HOH A . 
H 6 HOH 82  287 84  HOH HOH A . 
H 6 HOH 83  288 85  HOH HOH A . 
H 6 HOH 84  289 86  HOH HOH A . 
H 6 HOH 85  290 87  HOH HOH A . 
H 6 HOH 86  291 88  HOH HOH A . 
H 6 HOH 87  292 89  HOH HOH A . 
H 6 HOH 88  293 90  HOH HOH A . 
H 6 HOH 89  294 91  HOH HOH A . 
H 6 HOH 90  295 92  HOH HOH A . 
H 6 HOH 91  296 93  HOH HOH A . 
H 6 HOH 92  297 94  HOH HOH A . 
H 6 HOH 93  298 95  HOH HOH A . 
H 6 HOH 94  299 96  HOH HOH A . 
H 6 HOH 95  300 97  HOH HOH A . 
H 6 HOH 96  301 98  HOH HOH A . 
H 6 HOH 97  302 99  HOH HOH A . 
H 6 HOH 98  303 100 HOH HOH A . 
H 6 HOH 99  304 101 HOH HOH A . 
H 6 HOH 100 305 102 HOH HOH A . 
H 6 HOH 101 306 103 HOH HOH A . 
H 6 HOH 102 307 104 HOH HOH A . 
H 6 HOH 103 308 105 HOH HOH A . 
H 6 HOH 104 309 106 HOH HOH A . 
H 6 HOH 105 310 107 HOH HOH A . 
H 6 HOH 106 311 108 HOH HOH A . 
H 6 HOH 107 312 109 HOH HOH A . 
H 6 HOH 108 313 110 HOH HOH A . 
H 6 HOH 109 314 111 HOH HOH A . 
H 6 HOH 110 315 112 HOH HOH A . 
H 6 HOH 111 316 113 HOH HOH A . 
H 6 HOH 112 317 114 HOH HOH A . 
H 6 HOH 113 318 115 HOH HOH A . 
H 6 HOH 114 319 116 HOH HOH A . 
H 6 HOH 115 320 117 HOH HOH A . 
H 6 HOH 116 321 119 HOH HOH A . 
H 6 HOH 117 322 120 HOH HOH A . 
H 6 HOH 118 323 121 HOH HOH A . 
H 6 HOH 119 324 122 HOH HOH A . 
H 6 HOH 120 325 123 HOH HOH A . 
H 6 HOH 121 326 124 HOH HOH A . 
H 6 HOH 122 327 125 HOH HOH A . 
H 6 HOH 123 328 126 HOH HOH A . 
H 6 HOH 124 329 127 HOH HOH A . 
H 6 HOH 125 330 128 HOH HOH A . 
H 6 HOH 126 331 129 HOH HOH A . 
H 6 HOH 127 332 130 HOH HOH A . 
H 6 HOH 128 333 131 HOH HOH A . 
H 6 HOH 129 334 132 HOH HOH A . 
H 6 HOH 130 335 133 HOH HOH A . 
# 
loop_
_software.name 
_software.classification 
_software.version 
_software.citation_id 
_software.pdbx_ordinal 
REFMAC       refinement        5.1.24         ? 1 
CrystalClear 'data collection' '(MSC/RIGAKU)' ? 2 
d*TREK       'data reduction'  .              ? 3 
d*TREK       'data scaling'    .              ? 4 
AMoRE        phasing           .              ? 5 
# 
_cell.entry_id           2HZ1 
_cell.length_a           42.662 
_cell.length_b           46.503 
_cell.length_c           62.621 
_cell.angle_alpha        90.00 
_cell.angle_beta         90.00 
_cell.angle_gamma        90.00 
_cell.Z_PDB              4 
_cell.pdbx_unique_axis   ? 
_cell.length_a_esd       ? 
_cell.length_b_esd       ? 
_cell.length_c_esd       ? 
_cell.angle_alpha_esd    ? 
_cell.angle_beta_esd     ? 
_cell.angle_gamma_esd    ? 
# 
_symmetry.entry_id                         2HZ1 
_symmetry.space_group_name_H-M             'P 21 21 21' 
_symmetry.pdbx_full_space_group_name_H-M   ? 
_symmetry.cell_setting                     ? 
_symmetry.Int_Tables_number                19 
_symmetry.space_group_name_Hall            ? 
# 
_exptl.entry_id          2HZ1 
_exptl.method            'X-RAY DIFFRACTION' 
_exptl.crystals_number   1 
# 
_exptl_crystal.id                    1 
_exptl_crystal.density_meas          ? 
_exptl_crystal.density_Matthews      2.26 
_exptl_crystal.density_percent_sol   45.51 
_exptl_crystal.description           ? 
_exptl_crystal.F_000                 ? 
_exptl_crystal.preparation           ? 
# 
_exptl_crystal_grow.crystal_id      1 
_exptl_crystal_grow.method          'VAPOR DIFFUSION, HANGING DROP' 
_exptl_crystal_grow.temp            298 
_exptl_crystal_grow.temp_details    ? 
_exptl_crystal_grow.pH              6.5 
_exptl_crystal_grow.pdbx_details    
;31% PEG MME 5000, 0.1 M MES, 0.2 M ammonium sulfate, 0.01 M cadmium chloride, 0.01 M sodium hepes, pH 6.5, VAPOR DIFFUSION, HANGING DROP, temperature 298K
;
_exptl_crystal_grow.pdbx_pH_range   . 
# 
_diffrn.id                     1 
_diffrn.ambient_temp           100 
_diffrn.ambient_temp_details   ? 
_diffrn.crystal_id             1 
# 
_diffrn_detector.diffrn_id              1 
_diffrn_detector.detector               'IMAGE PLATE' 
_diffrn_detector.type                   'RIGAKU RAXIS IV' 
_diffrn_detector.pdbx_collection_date   2005-10-01 
_diffrn_detector.details                ? 
# 
_diffrn_radiation.diffrn_id                        1 
_diffrn_radiation.wavelength_id                    1 
_diffrn_radiation.pdbx_monochromatic_or_laue_m_l   M 
_diffrn_radiation.monochromator                    ? 
_diffrn_radiation.pdbx_diffrn_protocol             'SINGLE WAVELENGTH' 
_diffrn_radiation.pdbx_scattering_type             x-ray 
# 
_diffrn_radiation_wavelength.id           1 
_diffrn_radiation_wavelength.wavelength   1.54 
_diffrn_radiation_wavelength.wt           1.0 
# 
_diffrn_source.diffrn_id                   1 
_diffrn_source.source                      'ROTATING ANODE' 
_diffrn_source.type                        'RIGAKU RU200' 
_diffrn_source.pdbx_synchrotron_site       ? 
_diffrn_source.pdbx_synchrotron_beamline   ? 
_diffrn_source.pdbx_wavelength             ? 
_diffrn_source.pdbx_wavelength_list        1.54 
# 
_reflns.entry_id                     2HZ1 
_reflns.observed_criterion_sigma_F   ? 
_reflns.observed_criterion_sigma_I   ? 
_reflns.d_resolution_high            1.8 
_reflns.d_resolution_low             37.27 
_reflns.number_all                   11443 
_reflns.number_obs                   11435 
_reflns.percent_possible_obs         99.93 
_reflns.pdbx_Rmerge_I_obs            0.046 
_reflns.pdbx_Rsym_value              0.248 
_reflns.pdbx_netI_over_sigmaI        ? 
_reflns.B_iso_Wilson_estimate        ? 
_reflns.pdbx_redundancy              6.83 
_reflns.R_free_details               ? 
_reflns.limit_h_max                  ? 
_reflns.limit_h_min                  ? 
_reflns.limit_k_max                  ? 
_reflns.limit_k_min                  ? 
_reflns.limit_l_max                  ? 
_reflns.limit_l_min                  ? 
_reflns.observed_criterion_F_max     ? 
_reflns.observed_criterion_F_min     ? 
_reflns.pdbx_chi_squared             ? 
_reflns.pdbx_scaling_rejects         ? 
_reflns.pdbx_ordinal                 1 
_reflns.pdbx_diffrn_id               1 
# 
_reflns_shell.d_res_high             1.8 
_reflns_shell.d_res_low              1.86 
_reflns_shell.percent_possible_all   99 
_reflns_shell.Rmerge_I_obs           0.143 
_reflns_shell.pdbx_Rsym_value        ? 
_reflns_shell.meanI_over_sigI_obs    9.6 
_reflns_shell.pdbx_redundancy        6.68 
_reflns_shell.percent_possible_obs   ? 
_reflns_shell.number_unique_all      ? 
_reflns_shell.number_measured_all    ? 
_reflns_shell.number_measured_obs    ? 
_reflns_shell.number_unique_obs      ? 
_reflns_shell.pdbx_chi_squared       ? 
_reflns_shell.pdbx_ordinal           1 
_reflns_shell.pdbx_diffrn_id         1 
# 
_refine.entry_id                                 2HZ1 
_refine.ls_number_reflns_obs                     11435 
_refine.ls_number_reflns_all                     11443 
_refine.pdbx_ls_sigma_I                          ? 
_refine.pdbx_ls_sigma_F                          0 
_refine.pdbx_data_cutoff_high_absF               ? 
_refine.pdbx_data_cutoff_low_absF                ? 
_refine.pdbx_data_cutoff_high_rms_absF           ? 
_refine.ls_d_res_low                             37.27 
_refine.ls_d_res_high                            1.80 
_refine.ls_percent_reflns_obs                    99.93 
_refine.ls_R_factor_obs                          0.19117 
_refine.ls_R_factor_all                          0.1912 
_refine.ls_R_factor_R_work                       0.18875 
_refine.ls_R_factor_R_free                       0.2385 
_refine.ls_R_factor_R_free_error                 ? 
_refine.ls_R_factor_R_free_error_details         ? 
_refine.ls_percent_reflns_R_free                 5.0 
_refine.ls_number_reflns_R_free                  598 
_refine.ls_number_parameters                     ? 
_refine.ls_number_restraints                     ? 
_refine.occupancy_min                            ? 
_refine.occupancy_max                            ? 
_refine.correlation_coeff_Fo_to_Fc               0.948 
_refine.correlation_coeff_Fo_to_Fc_free          0.919 
_refine.B_iso_mean                               18.300 
_refine.aniso_B[1][1]                            -0.09 
_refine.aniso_B[2][2]                            -0.73 
_refine.aniso_B[3][3]                            0.83 
_refine.aniso_B[1][2]                            0.00 
_refine.aniso_B[1][3]                            0.00 
_refine.aniso_B[2][3]                            0.00 
_refine.solvent_model_details                    'BABINET MODEL WITH MASK' 
_refine.solvent_model_param_ksol                 ? 
_refine.solvent_model_param_bsol                 ? 
_refine.pdbx_solvent_vdw_probe_radii             1.40 
_refine.pdbx_solvent_ion_probe_radii             0.80 
_refine.pdbx_solvent_shrinkage_radii             0.80 
_refine.pdbx_ls_cross_valid_method               THROUGHOUT 
_refine.details                                  'HYDROGENS HAVE BEEN ADDED IN THE RIDING POSITIONS' 
_refine.pdbx_starting_model                      'pdb entry 1RTX' 
_refine.pdbx_method_to_determine_struct          'MOLECULAR REPLACEMENT' 
_refine.pdbx_isotropic_thermal_model             ? 
_refine.pdbx_stereochemistry_target_values       'MAXIMUM LIKELIHOOD' 
_refine.pdbx_stereochem_target_val_spec_case     ? 
_refine.pdbx_R_Free_selection_details            RANDOM 
_refine.pdbx_overall_ESU_R                       0.142 
_refine.pdbx_overall_ESU_R_Free                  0.139 
_refine.overall_SU_ML                            0.091 
_refine.overall_SU_B                             2.856 
_refine.ls_redundancy_reflns_obs                 ? 
_refine.B_iso_min                                ? 
_refine.B_iso_max                                ? 
_refine.overall_SU_R_Cruickshank_DPI             ? 
_refine.overall_SU_R_free                        ? 
_refine.ls_wR_factor_R_free                      ? 
_refine.ls_wR_factor_R_work                      ? 
_refine.overall_FOM_free_R_set                   ? 
_refine.overall_FOM_work_R_set                   ? 
_refine.pdbx_refine_id                           'X-RAY DIFFRACTION' 
_refine.pdbx_diffrn_id                           1 
_refine.pdbx_TLS_residual_ADP_flag               ? 
_refine.pdbx_overall_phase_error                 ? 
_refine.pdbx_overall_SU_R_free_Cruickshank_DPI   ? 
_refine.pdbx_overall_SU_R_Blow_DPI               ? 
_refine.pdbx_overall_SU_R_free_Blow_DPI          ? 
# 
_refine_hist.pdbx_refine_id                   'X-RAY DIFFRACTION' 
_refine_hist.cycle_id                         LAST 
_refine_hist.pdbx_number_atoms_protein        969 
_refine_hist.pdbx_number_atoms_nucleic_acid   0 
_refine_hist.pdbx_number_atoms_ligand         55 
_refine_hist.number_atoms_solvent             130 
_refine_hist.number_atoms_total               1154 
_refine_hist.d_res_high                       1.80 
_refine_hist.d_res_low                        37.27 
# 
loop_
_refine_ls_restr.type 
_refine_ls_restr.dev_ideal 
_refine_ls_restr.dev_ideal_target 
_refine_ls_restr.weight 
_refine_ls_restr.number 
_refine_ls_restr.pdbx_refine_id 
_refine_ls_restr.pdbx_restraint_function 
r_bond_refined_d         0.016 0.021 ? 1044 'X-RAY DIFFRACTION' ? 
r_bond_other_d           0.002 0.020 ? 908  'X-RAY DIFFRACTION' ? 
r_angle_refined_deg      1.596 2.011 ? 1417 'X-RAY DIFFRACTION' ? 
r_angle_other_deg        0.958 3.000 ? 2100 'X-RAY DIFFRACTION' ? 
r_dihedral_angle_1_deg   5.345 5.000 ? 122  'X-RAY DIFFRACTION' ? 
r_chiral_restr           0.100 0.200 ? 146  'X-RAY DIFFRACTION' ? 
r_gen_planes_refined     0.016 0.020 ? 1192 'X-RAY DIFFRACTION' ? 
r_gen_planes_other       0.016 0.020 ? 221  'X-RAY DIFFRACTION' ? 
r_nbd_refined            0.256 0.200 ? 308  'X-RAY DIFFRACTION' ? 
r_nbd_other              0.238 0.200 ? 1095 'X-RAY DIFFRACTION' ? 
r_nbtor_other            0.091 0.200 ? 529  'X-RAY DIFFRACTION' ? 
r_xyhbond_nbd_refined    0.267 0.200 ? 90   'X-RAY DIFFRACTION' ? 
r_metal_ion_refined      0.011 0.200 ? 1    'X-RAY DIFFRACTION' ? 
r_symmetry_vdw_refined   0.331 0.200 ? 19   'X-RAY DIFFRACTION' ? 
r_symmetry_vdw_other     0.285 0.200 ? 45   'X-RAY DIFFRACTION' ? 
r_symmetry_hbond_refined 0.226 0.200 ? 14   'X-RAY DIFFRACTION' ? 
r_mcbond_it              0.946 1.500 ? 608  'X-RAY DIFFRACTION' ? 
r_mcangle_it             1.723 2.000 ? 962  'X-RAY DIFFRACTION' ? 
r_scbond_it              2.710 3.000 ? 436  'X-RAY DIFFRACTION' ? 
r_scangle_it             4.181 4.500 ? 455  'X-RAY DIFFRACTION' ? 
# 
_refine_ls_shell.pdbx_total_number_of_bins_used   20 
_refine_ls_shell.d_res_high                       1.800 
_refine_ls_shell.d_res_low                        1.847 
_refine_ls_shell.number_reflns_R_work             823 
_refine_ls_shell.R_factor_R_work                  0.251 
_refine_ls_shell.percent_reflns_obs               ? 
_refine_ls_shell.R_factor_R_free                  0.363 
_refine_ls_shell.R_factor_R_free_error            ? 
_refine_ls_shell.percent_reflns_R_free            ? 
_refine_ls_shell.number_reflns_R_free             44 
_refine_ls_shell.number_reflns_all                ? 
_refine_ls_shell.R_factor_all                     ? 
_refine_ls_shell.number_reflns_obs                ? 
_refine_ls_shell.redundancy_reflns_obs            ? 
_refine_ls_shell.pdbx_refine_id                   'X-RAY DIFFRACTION' 
# 
_struct.entry_id                  2HZ1 
_struct.title                     'The x-ray crystal structure of ferrous Synechocystis hemoglobin with a covalent linkage' 
_struct.pdbx_model_details        ? 
_struct.pdbx_CASP_flag            ? 
_struct.pdbx_model_type_details   ? 
# 
_struct_keywords.entry_id        2HZ1 
_struct_keywords.pdbx_keywords   'OXYGEN STORAGE/TRANSPORT' 
_struct_keywords.text            
'Synechocystis, hemoglobin, heme, globin, ferrous, hexacoordinate, covalent heme vinyl link, OXYGEN STORAGE-TRANSPORT COMPLEX' 
# 
loop_
_struct_asym.id 
_struct_asym.pdbx_blank_PDB_chainid_flag 
_struct_asym.pdbx_modified 
_struct_asym.entity_id 
_struct_asym.details 
A N N 1 ? 
B N N 2 ? 
C N N 2 ? 
D N N 3 ? 
E N N 4 ? 
F N N 5 ? 
G N N 5 ? 
H N N 6 ? 
# 
_struct_ref.id                         1 
_struct_ref.db_name                    UNP 
_struct_ref.db_code                    GLBN_SYNY3 
_struct_ref.pdbx_db_accession          P73925 
_struct_ref.entity_id                  1 
_struct_ref.pdbx_seq_one_letter_code   
;STLYEKLGGTTAVDLAVDKFYERVLQDDRIKHFFADVDMAKQRAHQKAFLTYAFGGTDKYDGRYMREAHKELVENHGLNG
EHFDAVAEDLLATLKEMGVPEDLIAEVAAVAGAPAHKRDVLNQ
;
_struct_ref.pdbx_align_begin           2 
_struct_ref.pdbx_db_isoform            ? 
# 
_struct_ref_seq.align_id                      1 
_struct_ref_seq.ref_id                        1 
_struct_ref_seq.pdbx_PDB_id_code              2HZ1 
_struct_ref_seq.pdbx_strand_id                A 
_struct_ref_seq.seq_align_beg                 1 
_struct_ref_seq.pdbx_seq_align_beg_ins_code   ? 
_struct_ref_seq.seq_align_end                 123 
_struct_ref_seq.pdbx_seq_align_end_ins_code   ? 
_struct_ref_seq.pdbx_db_accession             P73925 
_struct_ref_seq.db_align_beg                  2 
_struct_ref_seq.pdbx_db_align_beg_ins_code    ? 
_struct_ref_seq.db_align_end                  124 
_struct_ref_seq.pdbx_db_align_end_ins_code    ? 
_struct_ref_seq.pdbx_auth_seq_align_beg       2 
_struct_ref_seq.pdbx_auth_seq_align_end       124 
# 
_pdbx_struct_assembly.id                   1 
_pdbx_struct_assembly.details              author_defined_assembly 
_pdbx_struct_assembly.method_details       ? 
_pdbx_struct_assembly.oligomeric_details   monomeric 
_pdbx_struct_assembly.oligomeric_count     1 
# 
_pdbx_struct_assembly_gen.assembly_id       1 
_pdbx_struct_assembly_gen.oper_expression   1 
_pdbx_struct_assembly_gen.asym_id_list      A,B,C,D,E,F,G,H 
# 
_pdbx_struct_oper_list.id                   1 
_pdbx_struct_oper_list.type                 'identity operation' 
_pdbx_struct_oper_list.name                 1_555 
_pdbx_struct_oper_list.symmetry_operation   x,y,z 
_pdbx_struct_oper_list.matrix[1][1]         1.0000000000 
_pdbx_struct_oper_list.matrix[1][2]         0.0000000000 
_pdbx_struct_oper_list.matrix[1][3]         0.0000000000 
_pdbx_struct_oper_list.vector[1]            0.0000000000 
_pdbx_struct_oper_list.matrix[2][1]         0.0000000000 
_pdbx_struct_oper_list.matrix[2][2]         1.0000000000 
_pdbx_struct_oper_list.matrix[2][3]         0.0000000000 
_pdbx_struct_oper_list.vector[2]            0.0000000000 
_pdbx_struct_oper_list.matrix[3][1]         0.0000000000 
_pdbx_struct_oper_list.matrix[3][2]         0.0000000000 
_pdbx_struct_oper_list.matrix[3][3]         1.0000000000 
_pdbx_struct_oper_list.vector[3]            0.0000000000 
# 
_struct_biol.id   1 
# 
loop_
_struct_conf.conf_type_id 
_struct_conf.id 
_struct_conf.pdbx_PDB_helix_id 
_struct_conf.beg_label_comp_id 
_struct_conf.beg_label_asym_id 
_struct_conf.beg_label_seq_id 
_struct_conf.pdbx_beg_PDB_ins_code 
_struct_conf.end_label_comp_id 
_struct_conf.end_label_asym_id 
_struct_conf.end_label_seq_id 
_struct_conf.pdbx_end_PDB_ins_code 
_struct_conf.beg_auth_comp_id 
_struct_conf.beg_auth_asym_id 
_struct_conf.beg_auth_seq_id 
_struct_conf.end_auth_comp_id 
_struct_conf.end_auth_asym_id 
_struct_conf.end_auth_seq_id 
_struct_conf.pdbx_PDB_helix_class 
_struct_conf.details 
_struct_conf.pdbx_PDB_helix_length 
HELX_P HELX_P1 1 THR A 2   ? GLY A 8   ? THR A 3   GLY A 9   1 ? 7  
HELX_P HELX_P2 2 GLY A 9   ? GLN A 26  ? GLY A 10  GLN A 27  1 ? 18 
HELX_P HELX_P3 3 ILE A 30  ? ALA A 35  ? ILE A 31  ALA A 36  5 ? 6  
HELX_P HELX_P4 4 ASP A 38  ? GLY A 55  ? ASP A 39  GLY A 56  1 ? 18 
HELX_P HELX_P5 5 GLY A 56  ? TYR A 60  ? GLY A 57  TYR A 61  5 ? 5  
HELX_P HELX_P6 6 ASP A 61  ? HIS A 76  ? ASP A 62  HIS A 77  1 ? 16 
HELX_P HELX_P7 7 ASN A 79  ? MET A 97  ? ASN A 80  MET A 98  1 ? 19 
HELX_P HELX_P8 8 PRO A 100 ? GLY A 112 ? PRO A 101 GLY A 113 1 ? 13 
HELX_P HELX_P9 9 ALA A 113 ? LEU A 121 ? ALA A 114 LEU A 122 1 ? 9  
# 
_struct_conf_type.id          HELX_P 
_struct_conf_type.criteria    ? 
_struct_conf_type.reference   ? 
# 
loop_
_struct_conn.id 
_struct_conn.conn_type_id 
_struct_conn.pdbx_leaving_atom_flag 
_struct_conn.pdbx_PDB_id 
_struct_conn.ptnr1_label_asym_id 
_struct_conn.ptnr1_label_comp_id 
_struct_conn.ptnr1_label_seq_id 
_struct_conn.ptnr1_label_atom_id 
_struct_conn.pdbx_ptnr1_label_alt_id 
_struct_conn.pdbx_ptnr1_PDB_ins_code 
_struct_conn.pdbx_ptnr1_standard_comp_id 
_struct_conn.ptnr1_symmetry 
_struct_conn.ptnr2_label_asym_id 
_struct_conn.ptnr2_label_comp_id 
_struct_conn.ptnr2_label_seq_id 
_struct_conn.ptnr2_label_atom_id 
_struct_conn.pdbx_ptnr2_label_alt_id 
_struct_conn.pdbx_ptnr2_PDB_ins_code 
_struct_conn.ptnr1_auth_asym_id 
_struct_conn.ptnr1_auth_comp_id 
_struct_conn.ptnr1_auth_seq_id 
_struct_conn.ptnr2_auth_asym_id 
_struct_conn.ptnr2_auth_comp_id 
_struct_conn.ptnr2_auth_seq_id 
_struct_conn.ptnr2_symmetry 
_struct_conn.pdbx_ptnr3_label_atom_id 
_struct_conn.pdbx_ptnr3_label_seq_id 
_struct_conn.pdbx_ptnr3_label_comp_id 
_struct_conn.pdbx_ptnr3_label_asym_id 
_struct_conn.pdbx_ptnr3_label_alt_id 
_struct_conn.pdbx_ptnr3_PDB_ins_code 
_struct_conn.details 
_struct_conn.pdbx_dist_value 
_struct_conn.pdbx_value_order 
_struct_conn.pdbx_role 
covale1  covale none ? A HIS 116 NE2 ? ? ? 1_555 E HEM . CAB ? ? A HIS 117 A HEM 125 1_555 ? ? ? ? ? ? ? 1.937 ? ? 
metalc1  metalc ?    ? A ASP 14  OD2 ? ? ? 3_555 B CD  . CD  ? ? A ASP 15  A CD  201 1_555 ? ? ? ? ? ? ? 2.368 ? ? 
metalc2  metalc ?    ? A ASP 14  OD1 ? ? ? 3_555 B CD  . CD  ? ? A ASP 15  A CD  201 1_555 ? ? ? ? ? ? ? 2.436 ? ? 
metalc3  metalc ?    ? A ASP 18  OD1 ? ? ? 3_555 B CD  . CD  ? ? A ASP 19  A CD  201 1_555 ? ? ? ? ? ? ? 3.069 ? ? 
metalc4  metalc ?    ? A ASP 18  OD2 ? ? ? 3_555 B CD  . CD  ? ? A ASP 19  A CD  201 1_555 ? ? ? ? ? ? ? 2.291 ? ? 
metalc5  metalc ?    ? A HIS 32  ND1 ? ? ? 1_555 B CD  . CD  ? ? A HIS 33  A CD  201 1_555 ? ? ? ? ? ? ? 2.272 ? ? 
metalc6  metalc ?    ? A HIS 32  O   ? ? ? 1_555 B CD  . CD  ? ? A HIS 33  A CD  201 1_555 ? ? ? ? ? ? ? 2.649 ? ? 
metalc7  metalc ?    ? A HIS 45  NE2 ? ? ? 1_555 E HEM . FE  ? ? A HIS 46  A HEM 125 1_555 ? ? ? ? ? ? ? 1.989 ? ? 
metalc8  metalc ?    ? A HIS 69  NE2 ? ? ? 1_555 E HEM . FE  ? ? A HIS 70  A HEM 125 1_555 ? ? ? ? ? ? ? 2.074 ? ? 
metalc9  metalc ?    ? A GLU 71  OE2 ? ? ? 4_555 C CD  . CD  ? ? A GLU 72  A CD  202 1_555 ? ? ? ? ? ? ? 2.415 ? ? 
metalc10 metalc ?    ? A GLU 71  OE1 ? ? ? 4_555 C CD  . CD  ? ? A GLU 72  A CD  202 1_555 ? ? ? ? ? ? ? 2.531 ? ? 
metalc11 metalc ?    ? A HIS 76  ND1 ? ? ? 1_555 B CD  . CD  ? ? A HIS 77  A CD  201 1_555 ? ? ? ? ? ? ? 2.527 ? ? 
metalc12 metalc ?    ? A ASP 119 OD2 ? ? ? 1_555 C CD  . CD  ? ? A ASP 120 A CD  202 1_555 ? ? ? ? ? ? ? 2.521 ? ? 
metalc13 metalc ?    ? A ASP 119 OD1 ? ? ? 1_555 C CD  . CD  ? ? A ASP 120 A CD  202 1_555 ? ? ? ? ? ? ? 2.314 ? ? 
metalc14 metalc ?    ? C CD  .   CD  ? ? ? 1_555 H HOH . O   ? ? A CD  202 A HOH 230 1_555 ? ? ? ? ? ? ? 2.274 ? ? 
metalc15 metalc ?    ? C CD  .   CD  ? ? ? 1_555 H HOH . O   ? ? A CD  202 A HOH 240 1_555 ? ? ? ? ? ? ? 2.288 ? ? 
metalc16 metalc ?    ? C CD  .   CD  ? ? ? 1_555 H HOH . O   ? ? A CD  202 A HOH 297 1_555 ? ? ? ? ? ? ? 2.289 ? ? 
# 
loop_
_struct_conn_type.id 
_struct_conn_type.criteria 
_struct_conn_type.reference 
covale ? ? 
metalc ? ? 
# 
loop_
_pdbx_struct_conn_angle.id 
_pdbx_struct_conn_angle.ptnr1_label_atom_id 
_pdbx_struct_conn_angle.ptnr1_label_alt_id 
_pdbx_struct_conn_angle.ptnr1_label_asym_id 
_pdbx_struct_conn_angle.ptnr1_label_comp_id 
_pdbx_struct_conn_angle.ptnr1_label_seq_id 
_pdbx_struct_conn_angle.ptnr1_auth_atom_id 
_pdbx_struct_conn_angle.ptnr1_auth_asym_id 
_pdbx_struct_conn_angle.ptnr1_auth_comp_id 
_pdbx_struct_conn_angle.ptnr1_auth_seq_id 
_pdbx_struct_conn_angle.ptnr1_PDB_ins_code 
_pdbx_struct_conn_angle.ptnr1_symmetry 
_pdbx_struct_conn_angle.ptnr2_label_atom_id 
_pdbx_struct_conn_angle.ptnr2_label_alt_id 
_pdbx_struct_conn_angle.ptnr2_label_asym_id 
_pdbx_struct_conn_angle.ptnr2_label_comp_id 
_pdbx_struct_conn_angle.ptnr2_label_seq_id 
_pdbx_struct_conn_angle.ptnr2_auth_atom_id 
_pdbx_struct_conn_angle.ptnr2_auth_asym_id 
_pdbx_struct_conn_angle.ptnr2_auth_comp_id 
_pdbx_struct_conn_angle.ptnr2_auth_seq_id 
_pdbx_struct_conn_angle.ptnr2_PDB_ins_code 
_pdbx_struct_conn_angle.ptnr2_symmetry 
_pdbx_struct_conn_angle.ptnr3_label_atom_id 
_pdbx_struct_conn_angle.ptnr3_label_alt_id 
_pdbx_struct_conn_angle.ptnr3_label_asym_id 
_pdbx_struct_conn_angle.ptnr3_label_comp_id 
_pdbx_struct_conn_angle.ptnr3_label_seq_id 
_pdbx_struct_conn_angle.ptnr3_auth_atom_id 
_pdbx_struct_conn_angle.ptnr3_auth_asym_id 
_pdbx_struct_conn_angle.ptnr3_auth_comp_id 
_pdbx_struct_conn_angle.ptnr3_auth_seq_id 
_pdbx_struct_conn_angle.ptnr3_PDB_ins_code 
_pdbx_struct_conn_angle.ptnr3_symmetry 
_pdbx_struct_conn_angle.value 
_pdbx_struct_conn_angle.value_esd 
1  OD2 ? A ASP 14  ? A ASP 15  ? 3_555 CD ? B CD  . ? A CD  201 ? 1_555 OD1 ? A ASP 14  ? A ASP 15  ? 3_555 52.7  ? 
2  OD2 ? A ASP 14  ? A ASP 15  ? 3_555 CD ? B CD  . ? A CD  201 ? 1_555 OD1 ? A ASP 18  ? A ASP 19  ? 3_555 77.5  ? 
3  OD1 ? A ASP 14  ? A ASP 15  ? 3_555 CD ? B CD  . ? A CD  201 ? 1_555 OD1 ? A ASP 18  ? A ASP 19  ? 3_555 111.4 ? 
4  OD2 ? A ASP 14  ? A ASP 15  ? 3_555 CD ? B CD  . ? A CD  201 ? 1_555 OD2 ? A ASP 18  ? A ASP 19  ? 3_555 87.9  ? 
5  OD1 ? A ASP 14  ? A ASP 15  ? 3_555 CD ? B CD  . ? A CD  201 ? 1_555 OD2 ? A ASP 18  ? A ASP 19  ? 3_555 85.3  ? 
6  OD1 ? A ASP 18  ? A ASP 19  ? 3_555 CD ? B CD  . ? A CD  201 ? 1_555 OD2 ? A ASP 18  ? A ASP 19  ? 3_555 44.8  ? 
7  OD2 ? A ASP 14  ? A ASP 15  ? 3_555 CD ? B CD  . ? A CD  201 ? 1_555 ND1 ? A HIS 32  ? A HIS 33  ? 1_555 103.1 ? 
8  OD1 ? A ASP 14  ? A ASP 15  ? 3_555 CD ? B CD  . ? A CD  201 ? 1_555 ND1 ? A HIS 32  ? A HIS 33  ? 1_555 148.3 ? 
9  OD1 ? A ASP 18  ? A ASP 19  ? 3_555 CD ? B CD  . ? A CD  201 ? 1_555 ND1 ? A HIS 32  ? A HIS 33  ? 1_555 77.0  ? 
10 OD2 ? A ASP 18  ? A ASP 19  ? 3_555 CD ? B CD  . ? A CD  201 ? 1_555 ND1 ? A HIS 32  ? A HIS 33  ? 1_555 117.0 ? 
11 OD2 ? A ASP 14  ? A ASP 15  ? 3_555 CD ? B CD  . ? A CD  201 ? 1_555 O   ? A HIS 32  ? A HIS 33  ? 1_555 87.3  ? 
12 OD1 ? A ASP 14  ? A ASP 15  ? 3_555 CD ? B CD  . ? A CD  201 ? 1_555 O   ? A HIS 32  ? A HIS 33  ? 1_555 77.2  ? 
13 OD1 ? A ASP 18  ? A ASP 19  ? 3_555 CD ? B CD  . ? A CD  201 ? 1_555 O   ? A HIS 32  ? A HIS 33  ? 1_555 150.4 ? 
14 OD2 ? A ASP 18  ? A ASP 19  ? 3_555 CD ? B CD  . ? A CD  201 ? 1_555 O   ? A HIS 32  ? A HIS 33  ? 1_555 161.0 ? 
15 ND1 ? A HIS 32  ? A HIS 33  ? 1_555 CD ? B CD  . ? A CD  201 ? 1_555 O   ? A HIS 32  ? A HIS 33  ? 1_555 82.0  ? 
16 OD2 ? A ASP 14  ? A ASP 15  ? 3_555 CD ? B CD  . ? A CD  201 ? 1_555 ND1 ? A HIS 76  ? A HIS 77  ? 1_555 143.4 ? 
17 OD1 ? A ASP 14  ? A ASP 15  ? 3_555 CD ? B CD  . ? A CD  201 ? 1_555 ND1 ? A HIS 76  ? A HIS 77  ? 1_555 90.8  ? 
18 OD1 ? A ASP 18  ? A ASP 19  ? 3_555 CD ? B CD  . ? A CD  201 ? 1_555 ND1 ? A HIS 76  ? A HIS 77  ? 1_555 120.3 ? 
19 OD2 ? A ASP 18  ? A ASP 19  ? 3_555 CD ? B CD  . ? A CD  201 ? 1_555 ND1 ? A HIS 76  ? A HIS 77  ? 1_555 86.1  ? 
20 ND1 ? A HIS 32  ? A HIS 33  ? 1_555 CD ? B CD  . ? A CD  201 ? 1_555 ND1 ? A HIS 76  ? A HIS 77  ? 1_555 111.8 ? 
21 O   ? A HIS 32  ? A HIS 33  ? 1_555 CD ? B CD  . ? A CD  201 ? 1_555 ND1 ? A HIS 76  ? A HIS 77  ? 1_555 86.8  ? 
22 NE2 ? A HIS 45  ? A HIS 46  ? 1_555 FE ? E HEM . ? A HEM 125 ? 1_555 NA  ? E HEM .   ? A HEM 125 ? 1_555 94.8  ? 
23 NE2 ? A HIS 45  ? A HIS 46  ? 1_555 FE ? E HEM . ? A HEM 125 ? 1_555 NB  ? E HEM .   ? A HEM 125 ? 1_555 97.2  ? 
24 NA  ? E HEM .   ? A HEM 125 ? 1_555 FE ? E HEM . ? A HEM 125 ? 1_555 NB  ? E HEM .   ? A HEM 125 ? 1_555 90.3  ? 
25 NE2 ? A HIS 45  ? A HIS 46  ? 1_555 FE ? E HEM . ? A HEM 125 ? 1_555 NC  ? E HEM .   ? A HEM 125 ? 1_555 84.0  ? 
26 NA  ? E HEM .   ? A HEM 125 ? 1_555 FE ? E HEM . ? A HEM 125 ? 1_555 NC  ? E HEM .   ? A HEM 125 ? 1_555 178.6 ? 
27 NB  ? E HEM .   ? A HEM 125 ? 1_555 FE ? E HEM . ? A HEM 125 ? 1_555 NC  ? E HEM .   ? A HEM 125 ? 1_555 90.4  ? 
28 NE2 ? A HIS 45  ? A HIS 46  ? 1_555 FE ? E HEM . ? A HEM 125 ? 1_555 ND  ? E HEM .   ? A HEM 125 ? 1_555 83.0  ? 
29 NA  ? E HEM .   ? A HEM 125 ? 1_555 FE ? E HEM . ? A HEM 125 ? 1_555 ND  ? E HEM .   ? A HEM 125 ? 1_555 88.1  ? 
30 NB  ? E HEM .   ? A HEM 125 ? 1_555 FE ? E HEM . ? A HEM 125 ? 1_555 ND  ? E HEM .   ? A HEM 125 ? 1_555 178.4 ? 
31 NC  ? E HEM .   ? A HEM 125 ? 1_555 FE ? E HEM . ? A HEM 125 ? 1_555 ND  ? E HEM .   ? A HEM 125 ? 1_555 91.2  ? 
32 NE2 ? A HIS 45  ? A HIS 46  ? 1_555 FE ? E HEM . ? A HEM 125 ? 1_555 NE2 ? A HIS 69  ? A HIS 70  ? 1_555 173.5 ? 
33 NA  ? E HEM .   ? A HEM 125 ? 1_555 FE ? E HEM . ? A HEM 125 ? 1_555 NE2 ? A HIS 69  ? A HIS 70  ? 1_555 88.7  ? 
34 NB  ? E HEM .   ? A HEM 125 ? 1_555 FE ? E HEM . ? A HEM 125 ? 1_555 NE2 ? A HIS 69  ? A HIS 70  ? 1_555 88.2  ? 
35 NC  ? E HEM .   ? A HEM 125 ? 1_555 FE ? E HEM . ? A HEM 125 ? 1_555 NE2 ? A HIS 69  ? A HIS 70  ? 1_555 92.4  ? 
36 ND  ? E HEM .   ? A HEM 125 ? 1_555 FE ? E HEM . ? A HEM 125 ? 1_555 NE2 ? A HIS 69  ? A HIS 70  ? 1_555 91.7  ? 
37 OE2 ? A GLU 71  ? A GLU 72  ? 4_555 CD ? C CD  . ? A CD  202 ? 1_555 OE1 ? A GLU 71  ? A GLU 72  ? 4_555 53.1  ? 
38 OE2 ? A GLU 71  ? A GLU 72  ? 4_555 CD ? C CD  . ? A CD  202 ? 1_555 OD2 ? A ASP 119 ? A ASP 120 ? 1_555 79.1  ? 
39 OE1 ? A GLU 71  ? A GLU 72  ? 4_555 CD ? C CD  . ? A CD  202 ? 1_555 OD2 ? A ASP 119 ? A ASP 120 ? 1_555 130.5 ? 
40 OE2 ? A GLU 71  ? A GLU 72  ? 4_555 CD ? C CD  . ? A CD  202 ? 1_555 OD1 ? A ASP 119 ? A ASP 120 ? 1_555 132.0 ? 
41 OE1 ? A GLU 71  ? A GLU 72  ? 4_555 CD ? C CD  . ? A CD  202 ? 1_555 OD1 ? A ASP 119 ? A ASP 120 ? 1_555 173.2 ? 
42 OD2 ? A ASP 119 ? A ASP 120 ? 1_555 CD ? C CD  . ? A CD  202 ? 1_555 OD1 ? A ASP 119 ? A ASP 120 ? 1_555 53.4  ? 
43 OE2 ? A GLU 71  ? A GLU 72  ? 4_555 CD ? C CD  . ? A CD  202 ? 1_555 O   ? H HOH .   ? A HOH 230 ? 1_555 104.6 ? 
44 OE1 ? A GLU 71  ? A GLU 72  ? 4_555 CD ? C CD  . ? A CD  202 ? 1_555 O   ? H HOH .   ? A HOH 230 ? 1_555 91.8  ? 
45 OD2 ? A ASP 119 ? A ASP 120 ? 1_555 CD ? C CD  . ? A CD  202 ? 1_555 O   ? H HOH .   ? A HOH 230 ? 1_555 88.2  ? 
46 OD1 ? A ASP 119 ? A ASP 120 ? 1_555 CD ? C CD  . ? A CD  202 ? 1_555 O   ? H HOH .   ? A HOH 230 ? 1_555 82.5  ? 
47 OE2 ? A GLU 71  ? A GLU 72  ? 4_555 CD ? C CD  . ? A CD  202 ? 1_555 O   ? H HOH .   ? A HOH 240 ? 1_555 88.0  ? 
48 OE1 ? A GLU 71  ? A GLU 72  ? 4_555 CD ? C CD  . ? A CD  202 ? 1_555 O   ? H HOH .   ? A HOH 240 ? 1_555 95.6  ? 
49 OD2 ? A ASP 119 ? A ASP 120 ? 1_555 CD ? C CD  . ? A CD  202 ? 1_555 O   ? H HOH .   ? A HOH 240 ? 1_555 94.6  ? 
50 OD1 ? A ASP 119 ? A ASP 120 ? 1_555 CD ? C CD  . ? A CD  202 ? 1_555 O   ? H HOH .   ? A HOH 240 ? 1_555 89.3  ? 
51 O   ? H HOH .   ? A HOH 230 ? 1_555 CD ? C CD  . ? A CD  202 ? 1_555 O   ? H HOH .   ? A HOH 240 ? 1_555 167.4 ? 
52 OE2 ? A GLU 71  ? A GLU 72  ? 4_555 CD ? C CD  . ? A CD  202 ? 1_555 O   ? H HOH .   ? A HOH 297 ? 1_555 140.4 ? 
53 OE1 ? A GLU 71  ? A GLU 72  ? 4_555 CD ? C CD  . ? A CD  202 ? 1_555 O   ? H HOH .   ? A HOH 297 ? 1_555 88.5  ? 
54 OD2 ? A ASP 119 ? A ASP 120 ? 1_555 CD ? C CD  . ? A CD  202 ? 1_555 O   ? H HOH .   ? A HOH 297 ? 1_555 140.4 ? 
55 OD1 ? A ASP 119 ? A ASP 120 ? 1_555 CD ? C CD  . ? A CD  202 ? 1_555 O   ? H HOH .   ? A HOH 297 ? 1_555 87.1  ? 
56 O   ? H HOH .   ? A HOH 230 ? 1_555 CD ? C CD  . ? A CD  202 ? 1_555 O   ? H HOH .   ? A HOH 297 ? 1_555 83.5  ? 
57 O   ? H HOH .   ? A HOH 240 ? 1_555 CD ? C CD  . ? A CD  202 ? 1_555 O   ? H HOH .   ? A HOH 297 ? 1_555 86.6  ? 
# 
_pdbx_modification_feature.ordinal                            1 
_pdbx_modification_feature.label_comp_id                      HEM 
_pdbx_modification_feature.label_asym_id                      E 
_pdbx_modification_feature.label_seq_id                       . 
_pdbx_modification_feature.label_alt_id                       ? 
_pdbx_modification_feature.modified_residue_label_comp_id     HIS 
_pdbx_modification_feature.modified_residue_label_asym_id     A 
_pdbx_modification_feature.modified_residue_label_seq_id      116 
_pdbx_modification_feature.modified_residue_label_alt_id      ? 
_pdbx_modification_feature.auth_comp_id                       HEM 
_pdbx_modification_feature.auth_asym_id                       A 
_pdbx_modification_feature.auth_seq_id                        125 
_pdbx_modification_feature.PDB_ins_code                       ? 
_pdbx_modification_feature.symmetry                           1_555 
_pdbx_modification_feature.modified_residue_auth_comp_id      HIS 
_pdbx_modification_feature.modified_residue_auth_asym_id      A 
_pdbx_modification_feature.modified_residue_auth_seq_id       117 
_pdbx_modification_feature.modified_residue_PDB_ins_code      ? 
_pdbx_modification_feature.modified_residue_symmetry          1_555 
_pdbx_modification_feature.comp_id_linking_atom               CAB 
_pdbx_modification_feature.modified_residue_id_linking_atom   NE2 
_pdbx_modification_feature.modified_residue_id                HIS 
_pdbx_modification_feature.ref_pcm_id                         6 
_pdbx_modification_feature.ref_comp_id                        HEM 
_pdbx_modification_feature.type                               None 
_pdbx_modification_feature.category                           Heme/heme-like 
# 
loop_
_struct_site.id 
_struct_site.pdbx_evidence_code 
_struct_site.pdbx_auth_asym_id 
_struct_site.pdbx_auth_comp_id 
_struct_site.pdbx_auth_seq_id 
_struct_site.pdbx_auth_ins_code 
_struct_site.pdbx_num_residues 
_struct_site.details 
AC1 Software A CD  201 ? 4  'BINDING SITE FOR RESIDUE CD A 201'  
AC2 Software A CD  202 ? 5  'BINDING SITE FOR RESIDUE CD A 202'  
AC3 Software A SO3 204 ? 7  'BINDING SITE FOR RESIDUE SO3 A 204' 
AC4 Software A HEM 125 ? 17 'BINDING SITE FOR RESIDUE HEM A 125' 
AC5 Software A SO2 203 ? 4  'BINDING SITE FOR RESIDUE SO2 A 203' 
AC6 Software A SO2 205 ? 4  'BINDING SITE FOR RESIDUE SO2 A 205' 
# 
loop_
_struct_site_gen.id 
_struct_site_gen.site_id 
_struct_site_gen.pdbx_num_res 
_struct_site_gen.label_comp_id 
_struct_site_gen.label_asym_id 
_struct_site_gen.label_seq_id 
_struct_site_gen.pdbx_auth_ins_code 
_struct_site_gen.auth_comp_id 
_struct_site_gen.auth_asym_id 
_struct_site_gen.auth_seq_id 
_struct_site_gen.label_atom_id 
_struct_site_gen.label_alt_id 
_struct_site_gen.symmetry 
_struct_site_gen.details 
1  AC1 4  ASP A 14  ? ASP A 15  . ? 3_555 ? 
2  AC1 4  ASP A 18  ? ASP A 19  . ? 3_555 ? 
3  AC1 4  HIS A 32  ? HIS A 33  . ? 1_555 ? 
4  AC1 4  HIS A 76  ? HIS A 77  . ? 1_555 ? 
5  AC2 5  GLU A 71  ? GLU A 72  . ? 4_555 ? 
6  AC2 5  ASP A 119 ? ASP A 120 . ? 1_555 ? 
7  AC2 5  HOH H .   ? HOH A 230 . ? 1_555 ? 
8  AC2 5  HOH H .   ? HOH A 240 . ? 1_555 ? 
9  AC2 5  HOH H .   ? HOH A 297 . ? 1_555 ? 
10 AC3 7  LYS A 31  ? LYS A 32  . ? 3_545 ? 
11 AC3 7  HIS A 32  ? HIS A 33  . ? 3_545 ? 
12 AC3 7  ARG A 43  ? ARG A 44  . ? 1_555 ? 
13 AC3 7  LYS A 47  ? LYS A 48  . ? 1_555 ? 
14 AC3 7  HOH H .   ? HOH A 206 . ? 3_545 ? 
15 AC3 7  HOH H .   ? HOH A 212 . ? 1_555 ? 
16 AC3 7  HOH H .   ? HOH A 331 . ? 1_555 ? 
17 AC4 17 PHE A 33  ? PHE A 34  . ? 1_555 ? 
18 AC4 17 LYS A 41  ? LYS A 42  . ? 1_555 ? 
19 AC4 17 HIS A 45  ? HIS A 46  . ? 1_555 ? 
20 AC4 17 PHE A 49  ? PHE A 50  . ? 1_555 ? 
21 AC4 17 TYR A 52  ? TYR A 53  . ? 1_555 ? 
22 AC4 17 TYR A 60  ? TYR A 61  . ? 1_555 ? 
23 AC4 17 TYR A 64  ? TYR A 65  . ? 1_555 ? 
24 AC4 17 MET A 65  ? MET A 66  . ? 1_555 ? 
25 AC4 17 HIS A 69  ? HIS A 70  . ? 1_555 ? 
26 AC4 17 LEU A 72  ? LEU A 73  . ? 1_555 ? 
27 AC4 17 LEU A 78  ? LEU A 79  . ? 1_555 ? 
28 AC4 17 VAL A 86  ? VAL A 87  . ? 1_555 ? 
29 AC4 17 HIS A 116 ? HIS A 117 . ? 1_555 ? 
30 AC4 17 HOH H .   ? HOH A 215 . ? 1_555 ? 
31 AC4 17 HOH H .   ? HOH A 261 . ? 1_555 ? 
32 AC4 17 HOH H .   ? HOH A 311 . ? 1_555 ? 
33 AC4 17 HOH H .   ? HOH A 315 . ? 1_555 ? 
34 AC5 4  THR A 10  ? THR A 11  . ? 1_555 ? 
35 AC5 4  THR A 11  ? THR A 12  . ? 1_555 ? 
36 AC5 4  HOH H .   ? HOH A 249 . ? 1_555 ? 
37 AC5 4  HOH H .   ? HOH A 303 . ? 1_555 ? 
38 AC6 4  GLU A 22  ? GLU A 23  . ? 1_555 ? 
39 AC6 4  ASP A 58  ? ASP A 59  . ? 2_555 ? 
40 AC6 4  GLU A 74  ? GLU A 75  . ? 3_545 ? 
41 AC6 4  HOH H .   ? HOH A 257 . ? 1_555 ? 
# 
_pdbx_entry_details.entry_id                   2HZ1 
_pdbx_entry_details.compound_details           ? 
_pdbx_entry_details.source_details             ? 
_pdbx_entry_details.nonpolymer_details         ? 
_pdbx_entry_details.sequence_details           ? 
_pdbx_entry_details.has_ligand_of_interest     ? 
_pdbx_entry_details.has_protein_modification   Y 
# 
loop_
_pdbx_validate_close_contact.id 
_pdbx_validate_close_contact.PDB_model_num 
_pdbx_validate_close_contact.auth_atom_id_1 
_pdbx_validate_close_contact.auth_asym_id_1 
_pdbx_validate_close_contact.auth_comp_id_1 
_pdbx_validate_close_contact.auth_seq_id_1 
_pdbx_validate_close_contact.PDB_ins_code_1 
_pdbx_validate_close_contact.label_alt_id_1 
_pdbx_validate_close_contact.auth_atom_id_2 
_pdbx_validate_close_contact.auth_asym_id_2 
_pdbx_validate_close_contact.auth_comp_id_2 
_pdbx_validate_close_contact.auth_seq_id_2 
_pdbx_validate_close_contact.PDB_ins_code_2 
_pdbx_validate_close_contact.label_alt_id_2 
_pdbx_validate_close_contact.dist 
1 1 O   A HOH 316 ? ? O A HOH 330 ? ? 1.39 
2 1 OG1 A THR 3   ? ? O A HOH 223 ? ? 1.74 
3 1 O1  A SO3 204 ? ? O A HOH 212 ? ? 1.98 
4 1 NZ  A LYS 71  ? ? O A HOH 268 ? ? 2.08 
5 1 N   A SER 2   ? ? O A HOH 234 ? ? 2.17 
# 
loop_
_pdbx_validate_rmsd_angle.id 
_pdbx_validate_rmsd_angle.PDB_model_num 
_pdbx_validate_rmsd_angle.auth_atom_id_1 
_pdbx_validate_rmsd_angle.auth_asym_id_1 
_pdbx_validate_rmsd_angle.auth_comp_id_1 
_pdbx_validate_rmsd_angle.auth_seq_id_1 
_pdbx_validate_rmsd_angle.PDB_ins_code_1 
_pdbx_validate_rmsd_angle.label_alt_id_1 
_pdbx_validate_rmsd_angle.auth_atom_id_2 
_pdbx_validate_rmsd_angle.auth_asym_id_2 
_pdbx_validate_rmsd_angle.auth_comp_id_2 
_pdbx_validate_rmsd_angle.auth_seq_id_2 
_pdbx_validate_rmsd_angle.PDB_ins_code_2 
_pdbx_validate_rmsd_angle.label_alt_id_2 
_pdbx_validate_rmsd_angle.auth_atom_id_3 
_pdbx_validate_rmsd_angle.auth_asym_id_3 
_pdbx_validate_rmsd_angle.auth_comp_id_3 
_pdbx_validate_rmsd_angle.auth_seq_id_3 
_pdbx_validate_rmsd_angle.PDB_ins_code_3 
_pdbx_validate_rmsd_angle.label_alt_id_3 
_pdbx_validate_rmsd_angle.angle_value 
_pdbx_validate_rmsd_angle.angle_target_value 
_pdbx_validate_rmsd_angle.angle_deviation 
_pdbx_validate_rmsd_angle.angle_standard_deviation 
_pdbx_validate_rmsd_angle.linker_flag 
1 1 CB A ASP 29 ? ? CG A ASP 29 ? ? OD2 A ASP 29 ? ? 123.93 118.30 5.63 0.90 N 
2 1 CB A ASP 59 ? ? CG A ASP 59 ? ? OD2 A ASP 59 ? ? 124.26 118.30 5.96 0.90 N 
# 
loop_
_chem_comp_atom.comp_id 
_chem_comp_atom.atom_id 
_chem_comp_atom.type_symbol 
_chem_comp_atom.pdbx_aromatic_flag 
_chem_comp_atom.pdbx_stereo_config 
_chem_comp_atom.pdbx_ordinal 
ALA N    N  N N 1   
ALA CA   C  N S 2   
ALA C    C  N N 3   
ALA O    O  N N 4   
ALA CB   C  N N 5   
ALA OXT  O  N N 6   
ALA H    H  N N 7   
ALA H2   H  N N 8   
ALA HA   H  N N 9   
ALA HB1  H  N N 10  
ALA HB2  H  N N 11  
ALA HB3  H  N N 12  
ALA HXT  H  N N 13  
ARG N    N  N N 14  
ARG CA   C  N S 15  
ARG C    C  N N 16  
ARG O    O  N N 17  
ARG CB   C  N N 18  
ARG CG   C  N N 19  
ARG CD   C  N N 20  
ARG NE   N  N N 21  
ARG CZ   C  N N 22  
ARG NH1  N  N N 23  
ARG NH2  N  N N 24  
ARG OXT  O  N N 25  
ARG H    H  N N 26  
ARG H2   H  N N 27  
ARG HA   H  N N 28  
ARG HB2  H  N N 29  
ARG HB3  H  N N 30  
ARG HG2  H  N N 31  
ARG HG3  H  N N 32  
ARG HD2  H  N N 33  
ARG HD3  H  N N 34  
ARG HE   H  N N 35  
ARG HH11 H  N N 36  
ARG HH12 H  N N 37  
ARG HH21 H  N N 38  
ARG HH22 H  N N 39  
ARG HXT  H  N N 40  
ASN N    N  N N 41  
ASN CA   C  N S 42  
ASN C    C  N N 43  
ASN O    O  N N 44  
ASN CB   C  N N 45  
ASN CG   C  N N 46  
ASN OD1  O  N N 47  
ASN ND2  N  N N 48  
ASN OXT  O  N N 49  
ASN H    H  N N 50  
ASN H2   H  N N 51  
ASN HA   H  N N 52  
ASN HB2  H  N N 53  
ASN HB3  H  N N 54  
ASN HD21 H  N N 55  
ASN HD22 H  N N 56  
ASN HXT  H  N N 57  
ASP N    N  N N 58  
ASP CA   C  N S 59  
ASP C    C  N N 60  
ASP O    O  N N 61  
ASP CB   C  N N 62  
ASP CG   C  N N 63  
ASP OD1  O  N N 64  
ASP OD2  O  N N 65  
ASP OXT  O  N N 66  
ASP H    H  N N 67  
ASP H2   H  N N 68  
ASP HA   H  N N 69  
ASP HB2  H  N N 70  
ASP HB3  H  N N 71  
ASP HD2  H  N N 72  
ASP HXT  H  N N 73  
CD  CD   CD N N 74  
GLN N    N  N N 75  
GLN CA   C  N S 76  
GLN C    C  N N 77  
GLN O    O  N N 78  
GLN CB   C  N N 79  
GLN CG   C  N N 80  
GLN CD   C  N N 81  
GLN OE1  O  N N 82  
GLN NE2  N  N N 83  
GLN OXT  O  N N 84  
GLN H    H  N N 85  
GLN H2   H  N N 86  
GLN HA   H  N N 87  
GLN HB2  H  N N 88  
GLN HB3  H  N N 89  
GLN HG2  H  N N 90  
GLN HG3  H  N N 91  
GLN HE21 H  N N 92  
GLN HE22 H  N N 93  
GLN HXT  H  N N 94  
GLU N    N  N N 95  
GLU CA   C  N S 96  
GLU C    C  N N 97  
GLU O    O  N N 98  
GLU CB   C  N N 99  
GLU CG   C  N N 100 
GLU CD   C  N N 101 
GLU OE1  O  N N 102 
GLU OE2  O  N N 103 
GLU OXT  O  N N 104 
GLU H    H  N N 105 
GLU H2   H  N N 106 
GLU HA   H  N N 107 
GLU HB2  H  N N 108 
GLU HB3  H  N N 109 
GLU HG2  H  N N 110 
GLU HG3  H  N N 111 
GLU HE2  H  N N 112 
GLU HXT  H  N N 113 
GLY N    N  N N 114 
GLY CA   C  N N 115 
GLY C    C  N N 116 
GLY O    O  N N 117 
GLY OXT  O  N N 118 
GLY H    H  N N 119 
GLY H2   H  N N 120 
GLY HA2  H  N N 121 
GLY HA3  H  N N 122 
GLY HXT  H  N N 123 
HEM CHA  C  N N 124 
HEM CHB  C  N N 125 
HEM CHC  C  N N 126 
HEM CHD  C  N N 127 
HEM C1A  C  Y N 128 
HEM C2A  C  Y N 129 
HEM C3A  C  Y N 130 
HEM C4A  C  Y N 131 
HEM CMA  C  N N 132 
HEM CAA  C  N N 133 
HEM CBA  C  N N 134 
HEM CGA  C  N N 135 
HEM O1A  O  N N 136 
HEM O2A  O  N N 137 
HEM C1B  C  N N 138 
HEM C2B  C  N N 139 
HEM C3B  C  N N 140 
HEM C4B  C  N N 141 
HEM CMB  C  N N 142 
HEM CAB  C  N N 143 
HEM CBB  C  N N 144 
HEM C1C  C  Y N 145 
HEM C2C  C  Y N 146 
HEM C3C  C  Y N 147 
HEM C4C  C  Y N 148 
HEM CMC  C  N N 149 
HEM CAC  C  N N 150 
HEM CBC  C  N N 151 
HEM C1D  C  N N 152 
HEM C2D  C  N N 153 
HEM C3D  C  N N 154 
HEM C4D  C  N N 155 
HEM CMD  C  N N 156 
HEM CAD  C  N N 157 
HEM CBD  C  N N 158 
HEM CGD  C  N N 159 
HEM O1D  O  N N 160 
HEM O2D  O  N N 161 
HEM NA   N  Y N 162 
HEM NB   N  N N 163 
HEM NC   N  Y N 164 
HEM ND   N  N N 165 
HEM FE   FE N N 166 
HEM HHB  H  N N 167 
HEM HHC  H  N N 168 
HEM HHD  H  N N 169 
HEM HMA  H  N N 170 
HEM HMAA H  N N 171 
HEM HMAB H  N N 172 
HEM HAA  H  N N 173 
HEM HAAA H  N N 174 
HEM HBA  H  N N 175 
HEM HBAA H  N N 176 
HEM HMB  H  N N 177 
HEM HMBA H  N N 178 
HEM HMBB H  N N 179 
HEM HAB  H  N N 180 
HEM HBB  H  N N 181 
HEM HBBA H  N N 182 
HEM HMC  H  N N 183 
HEM HMCA H  N N 184 
HEM HMCB H  N N 185 
HEM HAC  H  N N 186 
HEM HBC  H  N N 187 
HEM HBCA H  N N 188 
HEM HMD  H  N N 189 
HEM HMDA H  N N 190 
HEM HMDB H  N N 191 
HEM HAD  H  N N 192 
HEM HADA H  N N 193 
HEM HBD  H  N N 194 
HEM HBDA H  N N 195 
HEM H2A  H  N N 196 
HEM H2D  H  N N 197 
HEM HHA  H  N N 198 
HIS N    N  N N 199 
HIS CA   C  N S 200 
HIS C    C  N N 201 
HIS O    O  N N 202 
HIS CB   C  N N 203 
HIS CG   C  Y N 204 
HIS ND1  N  Y N 205 
HIS CD2  C  Y N 206 
HIS CE1  C  Y N 207 
HIS NE2  N  Y N 208 
HIS OXT  O  N N 209 
HIS H    H  N N 210 
HIS H2   H  N N 211 
HIS HA   H  N N 212 
HIS HB2  H  N N 213 
HIS HB3  H  N N 214 
HIS HD1  H  N N 215 
HIS HD2  H  N N 216 
HIS HE1  H  N N 217 
HIS HE2  H  N N 218 
HIS HXT  H  N N 219 
HOH O    O  N N 220 
HOH H1   H  N N 221 
HOH H2   H  N N 222 
ILE N    N  N N 223 
ILE CA   C  N S 224 
ILE C    C  N N 225 
ILE O    O  N N 226 
ILE CB   C  N S 227 
ILE CG1  C  N N 228 
ILE CG2  C  N N 229 
ILE CD1  C  N N 230 
ILE OXT  O  N N 231 
ILE H    H  N N 232 
ILE H2   H  N N 233 
ILE HA   H  N N 234 
ILE HB   H  N N 235 
ILE HG12 H  N N 236 
ILE HG13 H  N N 237 
ILE HG21 H  N N 238 
ILE HG22 H  N N 239 
ILE HG23 H  N N 240 
ILE HD11 H  N N 241 
ILE HD12 H  N N 242 
ILE HD13 H  N N 243 
ILE HXT  H  N N 244 
LEU N    N  N N 245 
LEU CA   C  N S 246 
LEU C    C  N N 247 
LEU O    O  N N 248 
LEU CB   C  N N 249 
LEU CG   C  N N 250 
LEU CD1  C  N N 251 
LEU CD2  C  N N 252 
LEU OXT  O  N N 253 
LEU H    H  N N 254 
LEU H2   H  N N 255 
LEU HA   H  N N 256 
LEU HB2  H  N N 257 
LEU HB3  H  N N 258 
LEU HG   H  N N 259 
LEU HD11 H  N N 260 
LEU HD12 H  N N 261 
LEU HD13 H  N N 262 
LEU HD21 H  N N 263 
LEU HD22 H  N N 264 
LEU HD23 H  N N 265 
LEU HXT  H  N N 266 
LYS N    N  N N 267 
LYS CA   C  N S 268 
LYS C    C  N N 269 
LYS O    O  N N 270 
LYS CB   C  N N 271 
LYS CG   C  N N 272 
LYS CD   C  N N 273 
LYS CE   C  N N 274 
LYS NZ   N  N N 275 
LYS OXT  O  N N 276 
LYS H    H  N N 277 
LYS H2   H  N N 278 
LYS HA   H  N N 279 
LYS HB2  H  N N 280 
LYS HB3  H  N N 281 
LYS HG2  H  N N 282 
LYS HG3  H  N N 283 
LYS HD2  H  N N 284 
LYS HD3  H  N N 285 
LYS HE2  H  N N 286 
LYS HE3  H  N N 287 
LYS HZ1  H  N N 288 
LYS HZ2  H  N N 289 
LYS HZ3  H  N N 290 
LYS HXT  H  N N 291 
MET N    N  N N 292 
MET CA   C  N S 293 
MET C    C  N N 294 
MET O    O  N N 295 
MET CB   C  N N 296 
MET CG   C  N N 297 
MET SD   S  N N 298 
MET CE   C  N N 299 
MET OXT  O  N N 300 
MET H    H  N N 301 
MET H2   H  N N 302 
MET HA   H  N N 303 
MET HB2  H  N N 304 
MET HB3  H  N N 305 
MET HG2  H  N N 306 
MET HG3  H  N N 307 
MET HE1  H  N N 308 
MET HE2  H  N N 309 
MET HE3  H  N N 310 
MET HXT  H  N N 311 
PHE N    N  N N 312 
PHE CA   C  N S 313 
PHE C    C  N N 314 
PHE O    O  N N 315 
PHE CB   C  N N 316 
PHE CG   C  Y N 317 
PHE CD1  C  Y N 318 
PHE CD2  C  Y N 319 
PHE CE1  C  Y N 320 
PHE CE2  C  Y N 321 
PHE CZ   C  Y N 322 
PHE OXT  O  N N 323 
PHE H    H  N N 324 
PHE H2   H  N N 325 
PHE HA   H  N N 326 
PHE HB2  H  N N 327 
PHE HB3  H  N N 328 
PHE HD1  H  N N 329 
PHE HD2  H  N N 330 
PHE HE1  H  N N 331 
PHE HE2  H  N N 332 
PHE HZ   H  N N 333 
PHE HXT  H  N N 334 
PRO N    N  N N 335 
PRO CA   C  N S 336 
PRO C    C  N N 337 
PRO O    O  N N 338 
PRO CB   C  N N 339 
PRO CG   C  N N 340 
PRO CD   C  N N 341 
PRO OXT  O  N N 342 
PRO H    H  N N 343 
PRO HA   H  N N 344 
PRO HB2  H  N N 345 
PRO HB3  H  N N 346 
PRO HG2  H  N N 347 
PRO HG3  H  N N 348 
PRO HD2  H  N N 349 
PRO HD3  H  N N 350 
PRO HXT  H  N N 351 
SER N    N  N N 352 
SER CA   C  N S 353 
SER C    C  N N 354 
SER O    O  N N 355 
SER CB   C  N N 356 
SER OG   O  N N 357 
SER OXT  O  N N 358 
SER H    H  N N 359 
SER H2   H  N N 360 
SER HA   H  N N 361 
SER HB2  H  N N 362 
SER HB3  H  N N 363 
SER HG   H  N N 364 
SER HXT  H  N N 365 
SO2 S    S  N N 366 
SO2 O1   O  N N 367 
SO2 O2   O  N N 368 
SO3 S    S  N N 369 
SO3 O1   O  N N 370 
SO3 O2   O  N N 371 
SO3 O3   O  N N 372 
THR N    N  N N 373 
THR CA   C  N S 374 
THR C    C  N N 375 
THR O    O  N N 376 
THR CB   C  N R 377 
THR OG1  O  N N 378 
THR CG2  C  N N 379 
THR OXT  O  N N 380 
THR H    H  N N 381 
THR H2   H  N N 382 
THR HA   H  N N 383 
THR HB   H  N N 384 
THR HG1  H  N N 385 
THR HG21 H  N N 386 
THR HG22 H  N N 387 
THR HG23 H  N N 388 
THR HXT  H  N N 389 
TYR N    N  N N 390 
TYR CA   C  N S 391 
TYR C    C  N N 392 
TYR O    O  N N 393 
TYR CB   C  N N 394 
TYR CG   C  Y N 395 
TYR CD1  C  Y N 396 
TYR CD2  C  Y N 397 
TYR CE1  C  Y N 398 
TYR CE2  C  Y N 399 
TYR CZ   C  Y N 400 
TYR OH   O  N N 401 
TYR OXT  O  N N 402 
TYR H    H  N N 403 
TYR H2   H  N N 404 
TYR HA   H  N N 405 
TYR HB2  H  N N 406 
TYR HB3  H  N N 407 
TYR HD1  H  N N 408 
TYR HD2  H  N N 409 
TYR HE1  H  N N 410 
TYR HE2  H  N N 411 
TYR HH   H  N N 412 
TYR HXT  H  N N 413 
VAL N    N  N N 414 
VAL CA   C  N S 415 
VAL C    C  N N 416 
VAL O    O  N N 417 
VAL CB   C  N N 418 
VAL CG1  C  N N 419 
VAL CG2  C  N N 420 
VAL OXT  O  N N 421 
VAL H    H  N N 422 
VAL H2   H  N N 423 
VAL HA   H  N N 424 
VAL HB   H  N N 425 
VAL HG11 H  N N 426 
VAL HG12 H  N N 427 
VAL HG13 H  N N 428 
VAL HG21 H  N N 429 
VAL HG22 H  N N 430 
VAL HG23 H  N N 431 
VAL HXT  H  N N 432 
# 
loop_
_chem_comp_bond.comp_id 
_chem_comp_bond.atom_id_1 
_chem_comp_bond.atom_id_2 
_chem_comp_bond.value_order 
_chem_comp_bond.pdbx_aromatic_flag 
_chem_comp_bond.pdbx_stereo_config 
_chem_comp_bond.pdbx_ordinal 
ALA N   CA   sing N N 1   
ALA N   H    sing N N 2   
ALA N   H2   sing N N 3   
ALA CA  C    sing N N 4   
ALA CA  CB   sing N N 5   
ALA CA  HA   sing N N 6   
ALA C   O    doub N N 7   
ALA C   OXT  sing N N 8   
ALA CB  HB1  sing N N 9   
ALA CB  HB2  sing N N 10  
ALA CB  HB3  sing N N 11  
ALA OXT HXT  sing N N 12  
ARG N   CA   sing N N 13  
ARG N   H    sing N N 14  
ARG N   H2   sing N N 15  
ARG CA  C    sing N N 16  
ARG CA  CB   sing N N 17  
ARG CA  HA   sing N N 18  
ARG C   O    doub N N 19  
ARG C   OXT  sing N N 20  
ARG CB  CG   sing N N 21  
ARG CB  HB2  sing N N 22  
ARG CB  HB3  sing N N 23  
ARG CG  CD   sing N N 24  
ARG CG  HG2  sing N N 25  
ARG CG  HG3  sing N N 26  
ARG CD  NE   sing N N 27  
ARG CD  HD2  sing N N 28  
ARG CD  HD3  sing N N 29  
ARG NE  CZ   sing N N 30  
ARG NE  HE   sing N N 31  
ARG CZ  NH1  sing N N 32  
ARG CZ  NH2  doub N N 33  
ARG NH1 HH11 sing N N 34  
ARG NH1 HH12 sing N N 35  
ARG NH2 HH21 sing N N 36  
ARG NH2 HH22 sing N N 37  
ARG OXT HXT  sing N N 38  
ASN N   CA   sing N N 39  
ASN N   H    sing N N 40  
ASN N   H2   sing N N 41  
ASN CA  C    sing N N 42  
ASN CA  CB   sing N N 43  
ASN CA  HA   sing N N 44  
ASN C   O    doub N N 45  
ASN C   OXT  sing N N 46  
ASN CB  CG   sing N N 47  
ASN CB  HB2  sing N N 48  
ASN CB  HB3  sing N N 49  
ASN CG  OD1  doub N N 50  
ASN CG  ND2  sing N N 51  
ASN ND2 HD21 sing N N 52  
ASN ND2 HD22 sing N N 53  
ASN OXT HXT  sing N N 54  
ASP N   CA   sing N N 55  
ASP N   H    sing N N 56  
ASP N   H2   sing N N 57  
ASP CA  C    sing N N 58  
ASP CA  CB   sing N N 59  
ASP CA  HA   sing N N 60  
ASP C   O    doub N N 61  
ASP C   OXT  sing N N 62  
ASP CB  CG   sing N N 63  
ASP CB  HB2  sing N N 64  
ASP CB  HB3  sing N N 65  
ASP CG  OD1  doub N N 66  
ASP CG  OD2  sing N N 67  
ASP OD2 HD2  sing N N 68  
ASP OXT HXT  sing N N 69  
GLN N   CA   sing N N 70  
GLN N   H    sing N N 71  
GLN N   H2   sing N N 72  
GLN CA  C    sing N N 73  
GLN CA  CB   sing N N 74  
GLN CA  HA   sing N N 75  
GLN C   O    doub N N 76  
GLN C   OXT  sing N N 77  
GLN CB  CG   sing N N 78  
GLN CB  HB2  sing N N 79  
GLN CB  HB3  sing N N 80  
GLN CG  CD   sing N N 81  
GLN CG  HG2  sing N N 82  
GLN CG  HG3  sing N N 83  
GLN CD  OE1  doub N N 84  
GLN CD  NE2  sing N N 85  
GLN NE2 HE21 sing N N 86  
GLN NE2 HE22 sing N N 87  
GLN OXT HXT  sing N N 88  
GLU N   CA   sing N N 89  
GLU N   H    sing N N 90  
GLU N   H2   sing N N 91  
GLU CA  C    sing N N 92  
GLU CA  CB   sing N N 93  
GLU CA  HA   sing N N 94  
GLU C   O    doub N N 95  
GLU C   OXT  sing N N 96  
GLU CB  CG   sing N N 97  
GLU CB  HB2  sing N N 98  
GLU CB  HB3  sing N N 99  
GLU CG  CD   sing N N 100 
GLU CG  HG2  sing N N 101 
GLU CG  HG3  sing N N 102 
GLU CD  OE1  doub N N 103 
GLU CD  OE2  sing N N 104 
GLU OE2 HE2  sing N N 105 
GLU OXT HXT  sing N N 106 
GLY N   CA   sing N N 107 
GLY N   H    sing N N 108 
GLY N   H2   sing N N 109 
GLY CA  C    sing N N 110 
GLY CA  HA2  sing N N 111 
GLY CA  HA3  sing N N 112 
GLY C   O    doub N N 113 
GLY C   OXT  sing N N 114 
GLY OXT HXT  sing N N 115 
HEM CHA C1A  sing N N 116 
HEM CHA C4D  doub N N 117 
HEM CHA HHA  sing N N 118 
HEM CHB C4A  sing N N 119 
HEM CHB C1B  doub N N 120 
HEM CHB HHB  sing N N 121 
HEM CHC C4B  sing N N 122 
HEM CHC C1C  doub N N 123 
HEM CHC HHC  sing N N 124 
HEM CHD C4C  doub N N 125 
HEM CHD C1D  sing N N 126 
HEM CHD HHD  sing N N 127 
HEM C1A C2A  doub Y N 128 
HEM C1A NA   sing Y N 129 
HEM C2A C3A  sing Y N 130 
HEM C2A CAA  sing N N 131 
HEM C3A C4A  doub Y N 132 
HEM C3A CMA  sing N N 133 
HEM C4A NA   sing Y N 134 
HEM CMA HMA  sing N N 135 
HEM CMA HMAA sing N N 136 
HEM CMA HMAB sing N N 137 
HEM CAA CBA  sing N N 138 
HEM CAA HAA  sing N N 139 
HEM CAA HAAA sing N N 140 
HEM CBA CGA  sing N N 141 
HEM CBA HBA  sing N N 142 
HEM CBA HBAA sing N N 143 
HEM CGA O1A  doub N N 144 
HEM CGA O2A  sing N N 145 
HEM C1B C2B  sing N N 146 
HEM C1B NB   sing N N 147 
HEM C2B C3B  doub N N 148 
HEM C2B CMB  sing N N 149 
HEM C3B C4B  sing N N 150 
HEM C3B CAB  sing N N 151 
HEM C4B NB   doub N N 152 
HEM CMB HMB  sing N N 153 
HEM CMB HMBA sing N N 154 
HEM CMB HMBB sing N N 155 
HEM CAB CBB  doub N N 156 
HEM CAB HAB  sing N N 157 
HEM CBB HBB  sing N N 158 
HEM CBB HBBA sing N N 159 
HEM C1C C2C  sing Y N 160 
HEM C1C NC   sing Y N 161 
HEM C2C C3C  doub Y N 162 
HEM C2C CMC  sing N N 163 
HEM C3C C4C  sing Y N 164 
HEM C3C CAC  sing N N 165 
HEM C4C NC   sing Y N 166 
HEM CMC HMC  sing N N 167 
HEM CMC HMCA sing N N 168 
HEM CMC HMCB sing N N 169 
HEM CAC CBC  doub N N 170 
HEM CAC HAC  sing N N 171 
HEM CBC HBC  sing N N 172 
HEM CBC HBCA sing N N 173 
HEM C1D C2D  sing N N 174 
HEM C1D ND   doub N N 175 
HEM C2D C3D  doub N N 176 
HEM C2D CMD  sing N N 177 
HEM C3D C4D  sing N N 178 
HEM C3D CAD  sing N N 179 
HEM C4D ND   sing N N 180 
HEM CMD HMD  sing N N 181 
HEM CMD HMDA sing N N 182 
HEM CMD HMDB sing N N 183 
HEM CAD CBD  sing N N 184 
HEM CAD HAD  sing N N 185 
HEM CAD HADA sing N N 186 
HEM CBD CGD  sing N N 187 
HEM CBD HBD  sing N N 188 
HEM CBD HBDA sing N N 189 
HEM CGD O1D  doub N N 190 
HEM CGD O2D  sing N N 191 
HEM O2A H2A  sing N N 192 
HEM O2D H2D  sing N N 193 
HEM FE  NA   sing N N 194 
HEM FE  NB   sing N N 195 
HEM FE  NC   sing N N 196 
HEM FE  ND   sing N N 197 
HIS N   CA   sing N N 198 
HIS N   H    sing N N 199 
HIS N   H2   sing N N 200 
HIS CA  C    sing N N 201 
HIS CA  CB   sing N N 202 
HIS CA  HA   sing N N 203 
HIS C   O    doub N N 204 
HIS C   OXT  sing N N 205 
HIS CB  CG   sing N N 206 
HIS CB  HB2  sing N N 207 
HIS CB  HB3  sing N N 208 
HIS CG  ND1  sing Y N 209 
HIS CG  CD2  doub Y N 210 
HIS ND1 CE1  doub Y N 211 
HIS ND1 HD1  sing N N 212 
HIS CD2 NE2  sing Y N 213 
HIS CD2 HD2  sing N N 214 
HIS CE1 NE2  sing Y N 215 
HIS CE1 HE1  sing N N 216 
HIS NE2 HE2  sing N N 217 
HIS OXT HXT  sing N N 218 
HOH O   H1   sing N N 219 
HOH O   H2   sing N N 220 
ILE N   CA   sing N N 221 
ILE N   H    sing N N 222 
ILE N   H2   sing N N 223 
ILE CA  C    sing N N 224 
ILE CA  CB   sing N N 225 
ILE CA  HA   sing N N 226 
ILE C   O    doub N N 227 
ILE C   OXT  sing N N 228 
ILE CB  CG1  sing N N 229 
ILE CB  CG2  sing N N 230 
ILE CB  HB   sing N N 231 
ILE CG1 CD1  sing N N 232 
ILE CG1 HG12 sing N N 233 
ILE CG1 HG13 sing N N 234 
ILE CG2 HG21 sing N N 235 
ILE CG2 HG22 sing N N 236 
ILE CG2 HG23 sing N N 237 
ILE CD1 HD11 sing N N 238 
ILE CD1 HD12 sing N N 239 
ILE CD1 HD13 sing N N 240 
ILE OXT HXT  sing N N 241 
LEU N   CA   sing N N 242 
LEU N   H    sing N N 243 
LEU N   H2   sing N N 244 
LEU CA  C    sing N N 245 
LEU CA  CB   sing N N 246 
LEU CA  HA   sing N N 247 
LEU C   O    doub N N 248 
LEU C   OXT  sing N N 249 
LEU CB  CG   sing N N 250 
LEU CB  HB2  sing N N 251 
LEU CB  HB3  sing N N 252 
LEU CG  CD1  sing N N 253 
LEU CG  CD2  sing N N 254 
LEU CG  HG   sing N N 255 
LEU CD1 HD11 sing N N 256 
LEU CD1 HD12 sing N N 257 
LEU CD1 HD13 sing N N 258 
LEU CD2 HD21 sing N N 259 
LEU CD2 HD22 sing N N 260 
LEU CD2 HD23 sing N N 261 
LEU OXT HXT  sing N N 262 
LYS N   CA   sing N N 263 
LYS N   H    sing N N 264 
LYS N   H2   sing N N 265 
LYS CA  C    sing N N 266 
LYS CA  CB   sing N N 267 
LYS CA  HA   sing N N 268 
LYS C   O    doub N N 269 
LYS C   OXT  sing N N 270 
LYS CB  CG   sing N N 271 
LYS CB  HB2  sing N N 272 
LYS CB  HB3  sing N N 273 
LYS CG  CD   sing N N 274 
LYS CG  HG2  sing N N 275 
LYS CG  HG3  sing N N 276 
LYS CD  CE   sing N N 277 
LYS CD  HD2  sing N N 278 
LYS CD  HD3  sing N N 279 
LYS CE  NZ   sing N N 280 
LYS CE  HE2  sing N N 281 
LYS CE  HE3  sing N N 282 
LYS NZ  HZ1  sing N N 283 
LYS NZ  HZ2  sing N N 284 
LYS NZ  HZ3  sing N N 285 
LYS OXT HXT  sing N N 286 
MET N   CA   sing N N 287 
MET N   H    sing N N 288 
MET N   H2   sing N N 289 
MET CA  C    sing N N 290 
MET CA  CB   sing N N 291 
MET CA  HA   sing N N 292 
MET C   O    doub N N 293 
MET C   OXT  sing N N 294 
MET CB  CG   sing N N 295 
MET CB  HB2  sing N N 296 
MET CB  HB3  sing N N 297 
MET CG  SD   sing N N 298 
MET CG  HG2  sing N N 299 
MET CG  HG3  sing N N 300 
MET SD  CE   sing N N 301 
MET CE  HE1  sing N N 302 
MET CE  HE2  sing N N 303 
MET CE  HE3  sing N N 304 
MET OXT HXT  sing N N 305 
PHE N   CA   sing N N 306 
PHE N   H    sing N N 307 
PHE N   H2   sing N N 308 
PHE CA  C    sing N N 309 
PHE CA  CB   sing N N 310 
PHE CA  HA   sing N N 311 
PHE C   O    doub N N 312 
PHE C   OXT  sing N N 313 
PHE CB  CG   sing N N 314 
PHE CB  HB2  sing N N 315 
PHE CB  HB3  sing N N 316 
PHE CG  CD1  doub Y N 317 
PHE CG  CD2  sing Y N 318 
PHE CD1 CE1  sing Y N 319 
PHE CD1 HD1  sing N N 320 
PHE CD2 CE2  doub Y N 321 
PHE CD2 HD2  sing N N 322 
PHE CE1 CZ   doub Y N 323 
PHE CE1 HE1  sing N N 324 
PHE CE2 CZ   sing Y N 325 
PHE CE2 HE2  sing N N 326 
PHE CZ  HZ   sing N N 327 
PHE OXT HXT  sing N N 328 
PRO N   CA   sing N N 329 
PRO N   CD   sing N N 330 
PRO N   H    sing N N 331 
PRO CA  C    sing N N 332 
PRO CA  CB   sing N N 333 
PRO CA  HA   sing N N 334 
PRO C   O    doub N N 335 
PRO C   OXT  sing N N 336 
PRO CB  CG   sing N N 337 
PRO CB  HB2  sing N N 338 
PRO CB  HB3  sing N N 339 
PRO CG  CD   sing N N 340 
PRO CG  HG2  sing N N 341 
PRO CG  HG3  sing N N 342 
PRO CD  HD2  sing N N 343 
PRO CD  HD3  sing N N 344 
PRO OXT HXT  sing N N 345 
SER N   CA   sing N N 346 
SER N   H    sing N N 347 
SER N   H2   sing N N 348 
SER CA  C    sing N N 349 
SER CA  CB   sing N N 350 
SER CA  HA   sing N N 351 
SER C   O    doub N N 352 
SER C   OXT  sing N N 353 
SER CB  OG   sing N N 354 
SER CB  HB2  sing N N 355 
SER CB  HB3  sing N N 356 
SER OG  HG   sing N N 357 
SER OXT HXT  sing N N 358 
SO2 S   O1   doub N N 359 
SO2 S   O2   doub N N 360 
SO3 S   O1   doub N N 361 
SO3 S   O2   sing N N 362 
SO3 S   O3   sing N N 363 
THR N   CA   sing N N 364 
THR N   H    sing N N 365 
THR N   H2   sing N N 366 
THR CA  C    sing N N 367 
THR CA  CB   sing N N 368 
THR CA  HA   sing N N 369 
THR C   O    doub N N 370 
THR C   OXT  sing N N 371 
THR CB  OG1  sing N N 372 
THR CB  CG2  sing N N 373 
THR CB  HB   sing N N 374 
THR OG1 HG1  sing N N 375 
THR CG2 HG21 sing N N 376 
THR CG2 HG22 sing N N 377 
THR CG2 HG23 sing N N 378 
THR OXT HXT  sing N N 379 
TYR N   CA   sing N N 380 
TYR N   H    sing N N 381 
TYR N   H2   sing N N 382 
TYR CA  C    sing N N 383 
TYR CA  CB   sing N N 384 
TYR CA  HA   sing N N 385 
TYR C   O    doub N N 386 
TYR C   OXT  sing N N 387 
TYR CB  CG   sing N N 388 
TYR CB  HB2  sing N N 389 
TYR CB  HB3  sing N N 390 
TYR CG  CD1  doub Y N 391 
TYR CG  CD2  sing Y N 392 
TYR CD1 CE1  sing Y N 393 
TYR CD1 HD1  sing N N 394 
TYR CD2 CE2  doub Y N 395 
TYR CD2 HD2  sing N N 396 
TYR CE1 CZ   doub Y N 397 
TYR CE1 HE1  sing N N 398 
TYR CE2 CZ   sing Y N 399 
TYR CE2 HE2  sing N N 400 
TYR CZ  OH   sing N N 401 
TYR OH  HH   sing N N 402 
TYR OXT HXT  sing N N 403 
VAL N   CA   sing N N 404 
VAL N   H    sing N N 405 
VAL N   H2   sing N N 406 
VAL CA  C    sing N N 407 
VAL CA  CB   sing N N 408 
VAL CA  HA   sing N N 409 
VAL C   O    doub N N 410 
VAL C   OXT  sing N N 411 
VAL CB  CG1  sing N N 412 
VAL CB  CG2  sing N N 413 
VAL CB  HB   sing N N 414 
VAL CG1 HG11 sing N N 415 
VAL CG1 HG12 sing N N 416 
VAL CG1 HG13 sing N N 417 
VAL CG2 HG21 sing N N 418 
VAL CG2 HG22 sing N N 419 
VAL CG2 HG23 sing N N 420 
VAL OXT HXT  sing N N 421 
# 
_pdbx_initial_refinement_model.id               1 
_pdbx_initial_refinement_model.entity_id_list   ? 
_pdbx_initial_refinement_model.type             'experimental model' 
_pdbx_initial_refinement_model.source_name      PDB 
_pdbx_initial_refinement_model.accession_code   1RTX 
_pdbx_initial_refinement_model.details          'pdb entry 1RTX' 
# 
_atom_sites.entry_id                    2HZ1 
_atom_sites.fract_transf_matrix[1][1]   0.00299404 
_atom_sites.fract_transf_matrix[1][2]   0.02153846 
_atom_sites.fract_transf_matrix[1][3]   -0.00875010 
_atom_sites.fract_transf_matrix[2][1]   -0.01860494 
_atom_sites.fract_transf_matrix[2][2]   0.00617702 
_atom_sites.fract_transf_matrix[2][3]   0.00883870 
_atom_sites.fract_transf_matrix[3][1]   0.00774355 
_atom_sites.fract_transf_matrix[3][2]   0.00431914 
_atom_sites.fract_transf_matrix[3][3]   0.01328124 
_atom_sites.fract_transf_vector[1]      0.245601 
_atom_sites.fract_transf_vector[2]      0.126962 
_atom_sites.fract_transf_vector[3]      0.213011 
# 
loop_
_atom_type.symbol 
C  
CD 
FE 
N  
O  
S  
# 
loop_
_atom_site.group_PDB 
_atom_site.id 
_atom_site.type_symbol 
_atom_site.label_atom_id 
_atom_site.label_alt_id 
_atom_site.label_comp_id 
_atom_site.label_asym_id 
_atom_site.label_entity_id 
_atom_site.label_seq_id 
_atom_site.pdbx_PDB_ins_code 
_atom_site.Cartn_x 
_atom_site.Cartn_y 
_atom_site.Cartn_z 
_atom_site.occupancy 
_atom_site.B_iso_or_equiv 
_atom_site.pdbx_formal_charge 
_atom_site.auth_seq_id 
_atom_site.auth_comp_id 
_atom_site.auth_asym_id 
_atom_site.auth_atom_id 
_atom_site.pdbx_PDB_model_num 
ATOM   1    N  N   . SER A 1 1   ? 12.933  8.259   -11.823 1.00 37.86 ? 2   SER A N   1 
ATOM   2    C  CA  . SER A 1 1   ? 11.682  7.880   -12.559 1.00 37.98 ? 2   SER A CA  1 
ATOM   3    C  C   . SER A 1 1   ? 11.122  6.597   -11.981 1.00 36.92 ? 2   SER A C   1 
ATOM   4    O  O   . SER A 1 1   ? 9.934   6.518   -11.715 1.00 37.63 ? 2   SER A O   1 
ATOM   5    C  CB  . SER A 1 1   ? 11.934  7.750   -14.078 1.00 38.55 ? 2   SER A CB  1 
ATOM   6    O  OG  . SER A 1 1   ? 11.326  6.600   -14.680 1.00 40.73 ? 2   SER A OG  1 
ATOM   7    N  N   . THR A 1 2   ? 11.961  5.587   -11.782 1.00 35.88 ? 3   THR A N   1 
ATOM   8    C  CA  . THR A 1 2   ? 11.450  4.348   -11.192 1.00 35.22 ? 3   THR A CA  1 
ATOM   9    C  C   . THR A 1 2   ? 11.626  4.354   -9.683  1.00 33.20 ? 3   THR A C   1 
ATOM   10   O  O   . THR A 1 2   ? 12.249  5.242   -9.126  1.00 30.92 ? 3   THR A O   1 
ATOM   11   C  CB  . THR A 1 2   ? 12.052  3.060   -11.828 1.00 36.04 ? 3   THR A CB  1 
ATOM   12   O  OG1 . THR A 1 2   ? 13.331  3.322   -12.416 1.00 37.48 ? 3   THR A OG1 1 
ATOM   13   C  CG2 . THR A 1 2   ? 11.173  2.584   -13.022 1.00 37.46 ? 3   THR A CG2 1 
ATOM   14   N  N   . LEU A 1 3   ? 11.040  3.337   -9.061  1.00 31.59 ? 4   LEU A N   1 
ATOM   15   C  CA  . LEU A 1 3   ? 11.030  3.165   -7.626  1.00 30.22 ? 4   LEU A CA  1 
ATOM   16   C  C   . LEU A 1 3   ? 12.438  3.080   -7.069  1.00 28.91 ? 4   LEU A C   1 
ATOM   17   O  O   . LEU A 1 3   ? 12.701  3.620   -6.017  1.00 28.46 ? 4   LEU A O   1 
ATOM   18   C  CB  . LEU A 1 3   ? 10.246  1.900   -7.256  1.00 30.18 ? 4   LEU A CB  1 
ATOM   19   C  CG  . LEU A 1 3   ? 10.151  1.524   -5.764  1.00 30.74 ? 4   LEU A CG  1 
ATOM   20   C  CD1 . LEU A 1 3   ? 9.504   2.609   -4.967  1.00 29.55 ? 4   LEU A CD1 1 
ATOM   21   C  CD2 . LEU A 1 3   ? 9.409   0.179   -5.528  1.00 29.78 ? 4   LEU A CD2 1 
ATOM   22   N  N   . TYR A 1 4   ? 13.338  2.419   -7.795  1.00 27.72 ? 5   TYR A N   1 
ATOM   23   C  CA  . TYR A 1 4   ? 14.701  2.207   -7.345  1.00 26.97 ? 5   TYR A CA  1 
ATOM   24   C  C   . TYR A 1 4   ? 15.537  3.491   -7.396  1.00 26.31 ? 5   TYR A C   1 
ATOM   25   O  O   . TYR A 1 4   ? 16.393  3.683   -6.571  1.00 25.76 ? 5   TYR A O   1 
ATOM   26   C  CB  . TYR A 1 4   ? 15.355  1.092   -8.160  1.00 28.01 ? 5   TYR A CB  1 
ATOM   27   C  CG  . TYR A 1 4   ? 14.551  -0.172  -8.101  1.00 28.96 ? 5   TYR A CG  1 
ATOM   28   C  CD1 . TYR A 1 4   ? 13.589  -0.449  -9.071  1.00 32.81 ? 5   TYR A CD1 1 
ATOM   29   C  CD2 . TYR A 1 4   ? 14.710  -1.071  -7.051  1.00 31.00 ? 5   TYR A CD2 1 
ATOM   30   C  CE1 . TYR A 1 4   ? 12.809  -1.604  -9.009  1.00 35.10 ? 5   TYR A CE1 1 
ATOM   31   C  CE2 . TYR A 1 4   ? 13.942  -2.237  -6.983  1.00 33.15 ? 5   TYR A CE2 1 
ATOM   32   C  CZ  . TYR A 1 4   ? 12.999  -2.495  -7.963  1.00 34.39 ? 5   TYR A CZ  1 
ATOM   33   O  OH  . TYR A 1 4   ? 12.230  -3.625  -7.896  1.00 36.27 ? 5   TYR A OH  1 
ATOM   34   N  N   . GLU A 1 5   ? 15.266  4.365   -8.360  1.00 25.78 ? 6   GLU A N   1 
ATOM   35   C  CA  . GLU A 1 5   ? 15.882  5.690   -8.392  1.00 25.38 ? 6   GLU A CA  1 
ATOM   36   C  C   . GLU A 1 5   ? 15.422  6.549   -7.228  1.00 23.98 ? 6   GLU A C   1 
ATOM   37   O  O   . GLU A 1 5   ? 16.224  7.248   -6.612  1.00 22.81 ? 6   GLU A O   1 
ATOM   38   C  CB  . GLU A 1 5   ? 15.496  6.411   -9.676  1.00 25.62 ? 6   GLU A CB  1 
ATOM   39   C  CG  . GLU A 1 5   ? 16.369  6.055   -10.849 1.00 28.99 ? 6   GLU A CG  1 
ATOM   40   C  CD  . GLU A 1 5   ? 16.099  6.956   -12.030 1.00 32.42 ? 6   GLU A CD  1 
ATOM   41   O  OE1 . GLU A 1 5   ? 15.080  6.698   -12.701 1.00 34.41 ? 6   GLU A OE1 1 
ATOM   42   O  OE2 . GLU A 1 5   ? 16.901  7.898   -12.276 1.00 35.32 ? 6   GLU A OE2 1 
ATOM   43   N  N   . LYS A 1 6   ? 14.116  6.519   -6.958  1.00 22.37 ? 7   LYS A N   1 
ATOM   44   C  CA  . LYS A 1 6   ? 13.554  7.349   -5.901  1.00 22.04 ? 7   LYS A CA  1 
ATOM   45   C  C   . LYS A 1 6   ? 14.114  7.005   -4.541  1.00 21.32 ? 7   LYS A C   1 
ATOM   46   O  O   . LYS A 1 6   ? 14.368  7.892   -3.726  1.00 21.68 ? 7   LYS A O   1 
ATOM   47   C  CB  . LYS A 1 6   ? 12.033  7.256   -5.885  1.00 21.70 ? 7   LYS A CB  1 
ATOM   48   C  CG  . LYS A 1 6   ? 11.383  7.958   -7.077  1.00 23.56 ? 7   LYS A CG  1 
ATOM   49   C  CD  . LYS A 1 6   ? 9.868   7.819   -7.071  1.00 25.70 ? 7   LYS A CD  1 
ATOM   50   C  CE  . LYS A 1 6   ? 9.292   8.056   -8.504  1.00 27.23 ? 7   LYS A CE  1 
ATOM   51   N  NZ  . LYS A 1 6   ? 7.843   8.473   -8.539  1.00 30.06 ? 7   LYS A NZ  1 
ATOM   52   N  N   . LEU A 1 7   ? 14.294  5.708   -4.287  1.00 20.68 ? 8   LEU A N   1 
ATOM   53   C  CA  . LEU A 1 7   ? 14.749  5.247   -2.979  1.00 19.65 ? 8   LEU A CA  1 
ATOM   54   C  C   . LEU A 1 7   ? 16.217  4.904   -2.821  1.00 19.72 ? 8   LEU A C   1 
ATOM   55   O  O   . LEU A 1 7   ? 16.678  4.722   -1.715  1.00 21.21 ? 8   LEU A O   1 
ATOM   56   C  CB  . LEU A 1 7   ? 13.914  4.061   -2.535  1.00 19.67 ? 8   LEU A CB  1 
ATOM   57   C  CG  . LEU A 1 7   ? 12.466  4.391   -2.164  1.00 18.19 ? 8   LEU A CG  1 
ATOM   58   C  CD1 . LEU A 1 7   ? 11.742  3.086   -1.759  1.00 18.40 ? 8   LEU A CD1 1 
ATOM   59   C  CD2 . LEU A 1 7   ? 12.354  5.440   -1.047  1.00 20.06 ? 8   LEU A CD2 1 
ATOM   60   N  N   . GLY A 1 8   ? 16.962  4.825   -3.908  1.00 21.01 ? 9   GLY A N   1 
ATOM   61   C  CA  . GLY A 1 8   ? 18.390  4.615   -3.830  1.00 21.48 ? 9   GLY A CA  1 
ATOM   62   C  C   . GLY A 1 8   ? 18.876  3.198   -4.069  1.00 21.81 ? 9   GLY A C   1 
ATOM   63   O  O   . GLY A 1 8   ? 19.966  2.851   -3.576  1.00 22.97 ? 9   GLY A O   1 
ATOM   64   N  N   . GLY A 1 9   ? 18.107  2.416   -4.836  1.00 20.74 ? 10  GLY A N   1 
ATOM   65   C  CA  . GLY A 1 9   ? 18.533  1.117   -5.332  1.00 20.51 ? 10  GLY A CA  1 
ATOM   66   C  C   . GLY A 1 9   ? 17.804  -0.041  -4.681  1.00 20.48 ? 10  GLY A C   1 
ATOM   67   O  O   . GLY A 1 9   ? 16.857  0.177   -3.903  1.00 19.80 ? 10  GLY A O   1 
ATOM   68   N  N   . THR A 1 10  ? 18.267  -1.263  -4.986  1.00 20.37 ? 11  THR A N   1 
ATOM   69   C  CA  . THR A 1 10  ? 17.570  -2.518  -4.600  1.00 19.73 ? 11  THR A CA  1 
ATOM   70   C  C   . THR A 1 10  ? 17.527  -2.832  -3.074  1.00 18.86 ? 11  THR A C   1 
ATOM   71   O  O   . THR A 1 10  ? 16.491  -3.281  -2.579  1.00 16.07 ? 11  THR A O   1 
ATOM   72   C  CB  . THR A 1 10  ? 18.109  -3.760  -5.435  1.00 20.16 ? 11  THR A CB  1 
ATOM   73   O  OG1 . THR A 1 10  ? 19.525  -3.891  -5.314  1.00 22.82 ? 11  THR A OG1 1 
ATOM   74   C  CG2 . THR A 1 10  ? 17.895  -3.569  -6.918  1.00 21.72 ? 11  THR A CG2 1 
ATOM   75   N  N   . THR A 1 11  ? 18.608  -2.571  -2.331  1.00 18.06 ? 12  THR A N   1 
ATOM   76   C  CA  . THR A 1 11  ? 18.610  -2.744  -0.878  1.00 18.33 ? 12  THR A CA  1 
ATOM   77   C  C   . THR A 1 11  ? 17.570  -1.841  -0.251  1.00 16.74 ? 12  THR A C   1 
ATOM   78   O  O   . THR A 1 11  ? 16.843  -2.241  0.601   1.00 17.07 ? 12  THR A O   1 
ATOM   79   C  CB  . THR A 1 11  ? 20.009  -2.434  -0.315  1.00 18.08 ? 12  THR A CB  1 
ATOM   80   O  OG1 . THR A 1 11  ? 20.889  -3.464  -0.777  1.00 20.05 ? 12  THR A OG1 1 
ATOM   81   C  CG2 . THR A 1 11  ? 20.069  -2.552  1.208   1.00 20.07 ? 12  THR A CG2 1 
ATOM   82   N  N   . ALA A 1 12  ? 17.546  -0.594  -0.697  1.00 16.76 ? 13  ALA A N   1 
ATOM   83   C  CA  . ALA A 1 12  ? 16.670  0.418   -0.139  1.00 15.98 ? 13  ALA A CA  1 
ATOM   84   C  C   . ALA A 1 12  ? 15.202  0.083   -0.355  1.00 14.23 ? 13  ALA A C   1 
ATOM   85   O  O   . ALA A 1 12  ? 14.384  0.305   0.523   1.00 13.20 ? 13  ALA A O   1 
ATOM   86   C  CB  . ALA A 1 12  ? 16.983  1.766   -0.789  1.00 16.29 ? 13  ALA A CB  1 
ATOM   87   N  N   . VAL A 1 13  ? 14.873  -0.421  -1.538  1.00 14.57 ? 14  VAL A N   1 
ATOM   88   C  CA  . VAL A 1 13  ? 13.498  -0.803  -1.830  1.00 14.11 ? 14  VAL A CA  1 
ATOM   89   C  C   . VAL A 1 13  ? 13.122  -2.006  -0.989  1.00 13.36 ? 14  VAL A C   1 
ATOM   90   O  O   . VAL A 1 13  ? 12.026  -2.067  -0.481  1.00 12.19 ? 14  VAL A O   1 
ATOM   91   C  CB  . VAL A 1 13  ? 13.275  -1.059  -3.345  1.00 14.01 ? 14  VAL A CB  1 
ATOM   92   C  CG1 . VAL A 1 13  ? 11.880  -1.749  -3.609  1.00 16.01 ? 14  VAL A CG1 1 
ATOM   93   C  CG2 . VAL A 1 13  ? 13.429  0.249   -4.104  1.00 15.35 ? 14  VAL A CG2 1 
ATOM   94   N  N   . ASP A 1 14  ? 14.041  -2.956  -0.814  1.00 13.38 ? 15  ASP A N   1 
ATOM   95   C  CA  . ASP A 1 14  ? 13.750  -4.110  0.028   1.00 13.79 ? 15  ASP A CA  1 
ATOM   96   C  C   . ASP A 1 14  ? 13.497  -3.636  1.458   1.00 13.49 ? 15  ASP A C   1 
ATOM   97   O  O   . ASP A 1 14  ? 12.592  -4.108  2.142   1.00 13.99 ? 15  ASP A O   1 
ATOM   98   C  CB  . ASP A 1 14  ? 14.904  -5.076  -0.012  1.00 13.60 ? 15  ASP A CB  1 
ATOM   99   C  CG  . ASP A 1 14  ? 14.645  -6.324  0.751   1.00 12.17 ? 15  ASP A CG  1 
ATOM   100  O  OD1 . ASP A 1 14  ? 15.493  -6.789  1.541   1.00 11.57 ? 15  ASP A OD1 1 
ATOM   101  O  OD2 . ASP A 1 14  ? 13.571  -6.920  0.623   1.00 16.65 ? 15  ASP A OD2 1 
ATOM   102  N  N   . LEU A 1 15  ? 14.287  -2.668  1.911   1.00 13.29 ? 16  LEU A N   1 
ATOM   103  C  CA  . LEU A 1 15  ? 14.127  -2.120  3.250   1.00 12.29 ? 16  LEU A CA  1 
ATOM   104  C  C   . LEU A 1 15  ? 12.727  -1.527  3.415   1.00 11.90 ? 16  LEU A C   1 
ATOM   105  O  O   . LEU A 1 15  ? 12.005  -1.821  4.398   1.00 11.43 ? 16  LEU A O   1 
ATOM   106  C  CB  . LEU A 1 15  ? 15.231  -1.085  3.560   1.00 12.31 ? 16  LEU A CB  1 
ATOM   107  C  CG  . LEU A 1 15  ? 15.054  -0.246  4.838   1.00 13.36 ? 16  LEU A CG  1 
ATOM   108  C  CD1 . LEU A 1 15  ? 15.142  -1.091  6.100   1.00 16.53 ? 16  LEU A CD1 1 
ATOM   109  C  CD2 . LEU A 1 15  ? 16.081  0.851   4.867   1.00 14.64 ? 16  LEU A CD2 1 
ATOM   110  N  N   . ALA A 1 16  ? 12.339  -0.688  2.466   1.00 12.57 ? 17  ALA A N   1 
ATOM   111  C  CA  . ALA A 1 16  ? 11.025  -0.050  2.489   1.00 12.06 ? 17  ALA A CA  1 
ATOM   112  C  C   . ALA A 1 16  ? 9.877   -1.073  2.512   1.00 12.08 ? 17  ALA A C   1 
ATOM   113  O  O   . ALA A 1 16  ? 8.943   -0.952  3.325   1.00 11.65 ? 17  ALA A O   1 
ATOM   114  C  CB  . ALA A 1 16  ? 10.843  0.936   1.304   1.00 14.25 ? 17  ALA A CB  1 
ATOM   115  N  N   . VAL A 1 17  ? 9.952   -2.092  1.650   1.00 10.54 ? 18  VAL A N   1 
ATOM   116  C  CA  . VAL A 1 17  ? 8.870   -3.077  1.532   1.00 11.24 ? 18  VAL A CA  1 
ATOM   117  C  C   . VAL A 1 17  ? 8.834   -3.942  2.795   1.00 11.77 ? 18  VAL A C   1 
ATOM   118  O  O   . VAL A 1 17  ? 7.779   -4.212  3.325   1.00 10.58 ? 18  VAL A O   1 
ATOM   119  C  CB  . VAL A 1 17  ? 9.006   -3.934  0.263   1.00 11.79 ? 18  VAL A CB  1 
ATOM   120  C  CG1 . VAL A 1 17  ? 7.982   -5.093  0.290   1.00 12.63 ? 18  VAL A CG1 1 
ATOM   121  C  CG2 . VAL A 1 17  ? 8.877   -3.074  -0.978  1.00 12.51 ? 18  VAL A CG2 1 
ATOM   122  N  N   . ASP A 1 18  ? 9.999   -4.343  3.310   1.00 11.94 ? 19  ASP A N   1 
ATOM   123  C  CA  . ASP A 1 18  ? 10.059  -5.160  4.538   1.00 12.12 ? 19  ASP A CA  1 
ATOM   124  C  C   . ASP A 1 18  ? 9.499   -4.435  5.751   1.00 12.35 ? 19  ASP A C   1 
ATOM   125  O  O   . ASP A 1 18  ? 8.730   -5.018  6.563   1.00 13.81 ? 19  ASP A O   1 
ATOM   126  C  CB  . ASP A 1 18  ? 11.511  -5.576  4.840   1.00 12.62 ? 19  ASP A CB  1 
ATOM   127  C  CG  . ASP A 1 18  ? 12.032  -6.582  3.897   1.00 14.49 ? 19  ASP A CG  1 
ATOM   128  O  OD1 . ASP A 1 18  ? 11.246  -7.221  3.150   1.00 14.26 ? 19  ASP A OD1 1 
ATOM   129  O  OD2 . ASP A 1 18  ? 13.262  -6.845  3.841   1.00 14.76 ? 19  ASP A OD2 1 
ATOM   130  N  N   . LYS A 1 19  ? 9.875   -3.168  5.904   1.00 12.02 ? 20  LYS A N   1 
ATOM   131  C  CA  . LYS A 1 19  ? 9.395   -2.373  7.048   1.00 13.40 ? 20  LYS A CA  1 
ATOM   132  C  C   . LYS A 1 19  ? 7.873   -2.169  6.982   1.00 13.23 ? 20  LYS A C   1 
ATOM   133  O  O   . LYS A 1 19  ? 7.177   -2.278  8.022   1.00 13.02 ? 20  LYS A O   1 
ATOM   134  C  CB  . LYS A 1 19  ? 10.130  -1.041  7.117   1.00 14.73 ? 20  LYS A CB  1 
ATOM   135  C  CG  . LYS A 1 19  ? 11.561  -1.164  7.602   1.00 18.06 ? 20  LYS A CG  1 
ATOM   136  C  CD  . LYS A 1 19  ? 11.635  -1.457  9.119   1.00 25.53 ? 20  LYS A CD  1 
ATOM   137  C  CE  . LYS A 1 19  ? 12.251  -0.290  9.967   1.00 30.51 ? 20  LYS A CE  1 
ATOM   138  N  NZ  . LYS A 1 19  ? 13.075  -0.782  11.173  1.00 30.66 ? 20  LYS A NZ  1 
ATOM   139  N  N   . PHE A 1 20  ? 7.384   -1.903  5.777   1.00 12.53 ? 21  PHE A N   1 
ATOM   140  C  CA  . PHE A 1 20  ? 5.940   -1.678  5.517   1.00 12.19 ? 21  PHE A CA  1 
ATOM   141  C  C   . PHE A 1 20  ? 5.147   -2.943  5.799   1.00 13.32 ? 21  PHE A C   1 
ATOM   142  O  O   . PHE A 1 20  ? 4.138   -2.938  6.529   1.00 13.86 ? 21  PHE A O   1 
ATOM   143  C  CB  . PHE A 1 20  ? 5.767   -1.175  4.074   1.00 12.07 ? 21  PHE A CB  1 
ATOM   144  C  CG  . PHE A 1 20  ? 4.343   -0.858  3.654   1.00 11.46 ? 21  PHE A CG  1 
ATOM   145  C  CD1 . PHE A 1 20  ? 3.407   -0.401  4.560   1.00 12.33 ? 21  PHE A CD1 1 
ATOM   146  C  CD2 . PHE A 1 20  ? 3.951   -1.036  2.320   1.00 10.38 ? 21  PHE A CD2 1 
ATOM   147  C  CE1 . PHE A 1 20  ? 2.095   -0.078  4.129   1.00 12.21 ? 21  PHE A CE1 1 
ATOM   148  C  CE2 . PHE A 1 20  ? 2.642   -0.723  1.885   1.00 14.33 ? 21  PHE A CE2 1 
ATOM   149  C  CZ  . PHE A 1 20  ? 1.710   -0.261  2.799   1.00 11.18 ? 21  PHE A CZ  1 
ATOM   150  N  N   . TYR A 1 21  ? 5.627   -4.053  5.256   1.00 13.38 ? 22  TYR A N   1 
ATOM   151  C  CA  . TYR A 1 21  ? 5.052   -5.369  5.535   1.00 14.81 ? 22  TYR A CA  1 
ATOM   152  C  C   . TYR A 1 21  ? 5.037   -5.626  7.050   1.00 15.31 ? 22  TYR A C   1 
ATOM   153  O  O   . TYR A 1 21  ? 4.047   -6.084  7.581   1.00 13.75 ? 22  TYR A O   1 
ATOM   154  C  CB  . TYR A 1 21  ? 5.852   -6.445  4.814   1.00 14.60 ? 22  TYR A CB  1 
ATOM   155  C  CG  . TYR A 1 21  ? 5.630   -7.845  5.322   1.00 15.65 ? 22  TYR A CG  1 
ATOM   156  C  CD1 . TYR A 1 21  ? 4.518   -8.548  4.967   1.00 14.09 ? 22  TYR A CD1 1 
ATOM   157  C  CD2 . TYR A 1 21  ? 6.574   -8.461  6.140   1.00 18.33 ? 22  TYR A CD2 1 
ATOM   158  C  CE1 . TYR A 1 21  ? 4.307   -9.859  5.409   1.00 18.26 ? 22  TYR A CE1 1 
ATOM   159  C  CE2 . TYR A 1 21  ? 6.387   -9.740  6.600   1.00 20.42 ? 22  TYR A CE2 1 
ATOM   160  C  CZ  . TYR A 1 21  ? 5.250   -10.447 6.224   1.00 19.34 ? 22  TYR A CZ  1 
ATOM   161  O  OH  . TYR A 1 21  ? 5.099   -11.716 6.693   1.00 21.41 ? 22  TYR A OH  1 
ATOM   162  N  N   . GLU A 1 22  ? 6.131   -5.342  7.746   1.00 16.07 ? 23  GLU A N   1 
ATOM   163  C  CA  . GLU A 1 22  ? 6.158   -5.603  9.184   1.00 17.14 ? 23  GLU A CA  1 
ATOM   164  C  C   . GLU A 1 22  ? 5.131   -4.772  9.947   1.00 17.56 ? 23  GLU A C   1 
ATOM   165  O  O   . GLU A 1 22  ? 4.457   -5.248  10.860  1.00 17.38 ? 23  GLU A O   1 
ATOM   166  C  CB  . GLU A 1 22  ? 7.546   -5.341  9.751   1.00 18.15 ? 23  GLU A CB  1 
ATOM   167  C  CG  . GLU A 1 22  ? 7.633   -5.696  11.212  1.00 22.84 ? 23  GLU A CG  1 
ATOM   168  C  CD  . GLU A 1 22  ? 8.932   -5.275  11.827  1.00 28.57 ? 23  GLU A CD  1 
ATOM   169  O  OE1 . GLU A 1 22  ? 8.882   -4.842  12.993  1.00 35.90 ? 23  GLU A OE1 1 
ATOM   170  O  OE2 . GLU A 1 22  ? 9.994   -5.381  11.158  1.00 33.68 ? 23  GLU A OE2 1 
ATOM   171  N  N   . ARG A 1 23  ? 4.995   -3.529  9.557   1.00 15.99 ? 24  ARG A N   1 
ATOM   172  C  CA  . ARG A 1 23  ? 4.068   -2.642  10.238  1.00 17.05 ? 24  ARG A CA  1 
ATOM   173  C  C   . ARG A 1 23  ? 2.604   -3.051  9.971   1.00 15.81 ? 24  ARG A C   1 
ATOM   174  O  O   . ARG A 1 23  ? 1.785   -3.010  10.873  1.00 15.78 ? 24  ARG A O   1 
ATOM   175  C  CB  . ARG A 1 23  ? 4.369   -1.210  9.817   1.00 18.18 ? 24  ARG A CB  1 
ATOM   176  C  CG  . ARG A 1 23  ? 3.252   -0.239  10.073  1.00 22.90 ? 24  ARG A CG  1 
ATOM   177  C  CD  . ARG A 1 23  ? 3.539   0.868   10.966  1.00 29.96 ? 24  ARG A CD  1 
ATOM   178  N  NE  . ARG A 1 23  ? 4.866   1.469   10.845  1.00 32.95 ? 24  ARG A NE  1 
ATOM   179  C  CZ  . ARG A 1 23  ? 5.400   2.202   11.812  1.00 35.60 ? 24  ARG A CZ  1 
ATOM   180  N  NH1 . ARG A 1 23  ? 4.701   2.452   12.912  1.00 37.49 ? 24  ARG A NH1 1 
ATOM   181  N  NH2 . ARG A 1 23  ? 6.622   2.707   11.678  1.00 38.10 ? 24  ARG A NH2 1 
ATOM   182  N  N   . VAL A 1 24  ? 2.278   -3.455  8.752   1.00 14.83 ? 25  VAL A N   1 
ATOM   183  C  CA  . VAL A 1 24  ? 0.896   -3.842  8.436   1.00 13.91 ? 25  VAL A CA  1 
ATOM   184  C  C   . VAL A 1 24  ? 0.578   -5.147  9.167   1.00 14.95 ? 25  VAL A C   1 
ATOM   185  O  O   . VAL A 1 24  ? -0.509  -5.347  9.709   1.00 14.52 ? 25  VAL A O   1 
ATOM   186  C  CB  . VAL A 1 24  ? 0.690   -3.903  6.922   1.00 13.99 ? 25  VAL A CB  1 
ATOM   187  C  CG1 . VAL A 1 24  ? -0.591  -4.669  6.551   1.00 14.77 ? 25  VAL A CG1 1 
ATOM   188  C  CG2 . VAL A 1 24  ? 0.660   -2.456  6.331   1.00 14.81 ? 25  VAL A CG2 1 
ATOM   189  N  N   . LEU A 1 25  ? 1.573   -6.025  9.220   1.00 14.87 ? 26  LEU A N   1 
ATOM   190  C  CA  . LEU A 1 25  ? 1.433   -7.310  9.874   1.00 16.33 ? 26  LEU A CA  1 
ATOM   191  C  C   . LEU A 1 25  ? 1.075   -7.171  11.377  1.00 16.12 ? 26  LEU A C   1 
ATOM   192  O  O   . LEU A 1 25  ? 0.328   -8.000  11.918  1.00 16.14 ? 26  LEU A O   1 
ATOM   193  C  CB  . LEU A 1 25  ? 2.744   -8.068  9.656   1.00 17.66 ? 26  LEU A CB  1 
ATOM   194  C  CG  . LEU A 1 25  ? 2.867   -9.442  10.288  1.00 22.09 ? 26  LEU A CG  1 
ATOM   195  C  CD1 . LEU A 1 25  ? 2.146   -10.450 9.449   1.00 24.49 ? 26  LEU A CD1 1 
ATOM   196  C  CD2 . LEU A 1 25  ? 4.374   -9.775  10.492  1.00 25.47 ? 26  LEU A CD2 1 
ATOM   197  N  N   . GLN A 1 26  ? 1.550   -6.090  11.979  1.00 15.97 ? 27  GLN A N   1 
ATOM   198  C  CA  . GLN A 1 26  ? 1.372   -5.804  13.408  1.00 17.77 ? 27  GLN A CA  1 
ATOM   199  C  C   . GLN A 1 26  ? 0.162   -4.921  13.682  1.00 16.27 ? 27  GLN A C   1 
ATOM   200  O  O   . GLN A 1 26  ? -0.169  -4.653  14.841  1.00 18.12 ? 27  GLN A O   1 
ATOM   201  C  CB  . GLN A 1 26  ? 2.695   -5.217  13.980  1.00 19.04 ? 27  GLN A CB  1 
ATOM   202  C  CG  . GLN A 1 26  ? 3.864   -6.232  13.861  1.00 25.16 ? 27  GLN A CG  1 
ATOM   203  C  CD  . GLN A 1 26  ? 5.260   -5.745  14.353  1.00 29.75 ? 27  GLN A CD  1 
ATOM   204  O  OE1 . GLN A 1 26  ? 6.172   -6.574  14.555  1.00 36.27 ? 27  GLN A OE1 1 
ATOM   205  N  NE2 . GLN A 1 26  ? 5.430   -4.433  14.516  1.00 32.86 ? 27  GLN A NE2 1 
ATOM   206  N  N   . ASP A 1 27  ? -0.490  -4.442  12.622  1.00 14.67 ? 28  ASP A N   1 
ATOM   207  C  CA  . ASP A 1 27  ? -1.552  -3.464  12.747  1.00 14.25 ? 28  ASP A CA  1 
ATOM   208  C  C   . ASP A 1 27  ? -2.930  -4.111  12.943  1.00 13.32 ? 28  ASP A C   1 
ATOM   209  O  O   . ASP A 1 27  ? -3.515  -4.607  11.976  1.00 12.11 ? 28  ASP A O   1 
ATOM   210  C  CB  . ASP A 1 27  ? -1.556  -2.567  11.505  1.00 13.55 ? 28  ASP A CB  1 
ATOM   211  C  CG  . ASP A 1 27  ? -2.472  -1.385  11.637  1.00 13.70 ? 28  ASP A CG  1 
ATOM   212  O  OD1 . ASP A 1 27  ? -3.364  -1.380  12.552  1.00 12.22 ? 28  ASP A OD1 1 
ATOM   213  O  OD2 . ASP A 1 27  ? -2.413  -0.417  10.808  1.00 12.37 ? 28  ASP A OD2 1 
ATOM   214  N  N   . ASP A 1 28  ? -3.450  -4.079  14.183  1.00 14.80 ? 29  ASP A N   1 
ATOM   215  C  CA  . ASP A 1 28  ? -4.678  -4.795  14.554  1.00 15.37 ? 29  ASP A CA  1 
ATOM   216  C  C   . ASP A 1 28  ? -5.898  -4.264  13.813  1.00 15.03 ? 29  ASP A C   1 
ATOM   217  O  O   . ASP A 1 28  ? -6.940  -4.909  13.773  1.00 15.92 ? 29  ASP A O   1 
ATOM   218  C  CB  . ASP A 1 28  ? -4.955  -4.682  16.066  1.00 17.49 ? 29  ASP A CB  1 
ATOM   219  C  CG  . ASP A 1 28  ? -4.065  -5.582  16.896  1.00 22.29 ? 29  ASP A CG  1 
ATOM   220  O  OD1 . ASP A 1 28  ? -3.892  -5.278  18.095  1.00 31.15 ? 29  ASP A OD1 1 
ATOM   221  O  OD2 . ASP A 1 28  ? -3.501  -6.599  16.454  1.00 28.72 ? 29  ASP A OD2 1 
ATOM   222  N  N   . ARG A 1 29  ? -5.786  -3.089  13.214  1.00 13.64 ? 30  ARG A N   1 
ATOM   223  C  CA  . ARG A 1 29  ? -6.871  -2.510  12.445  1.00 13.13 ? 30  ARG A CA  1 
ATOM   224  C  C   . ARG A 1 29  ? -7.130  -3.232  11.119  1.00 13.65 ? 30  ARG A C   1 
ATOM   225  O  O   . ARG A 1 29  ? -8.255  -3.243  10.625  1.00 14.67 ? 30  ARG A O   1 
ATOM   226  C  CB  . ARG A 1 29  ? -6.583  -1.038  12.126  1.00 13.53 ? 30  ARG A CB  1 
ATOM   227  C  CG  . ARG A 1 29  ? -6.535  -0.114  13.302  1.00 13.91 ? 30  ARG A CG  1 
ATOM   228  C  CD  . ARG A 1 29  ? -6.185  1.324   12.887  1.00 15.32 ? 30  ARG A CD  1 
ATOM   229  N  NE  . ARG A 1 29  ? -4.816  1.366   12.384  1.00 14.39 ? 30  ARG A NE  1 
ATOM   230  C  CZ  . ARG A 1 29  ? -4.143  2.458   12.059  1.00 18.63 ? 30  ARG A CZ  1 
ATOM   231  N  NH1 . ARG A 1 29  ? -4.712  3.648   12.144  1.00 16.73 ? 30  ARG A NH1 1 
ATOM   232  N  NH2 . ARG A 1 29  ? -2.901  2.347   11.614  1.00 17.67 ? 30  ARG A NH2 1 
ATOM   233  N  N   . ILE A 1 30  ? -6.092  -3.827  10.551  1.00 12.85 ? 31  ILE A N   1 
ATOM   234  C  CA  . ILE A 1 30  ? -6.137  -4.300  9.171   1.00 14.46 ? 31  ILE A CA  1 
ATOM   235  C  C   . ILE A 1 30  ? -5.566  -5.681  8.943   1.00 13.61 ? 31  ILE A C   1 
ATOM   236  O  O   . ILE A 1 30  ? -5.678  -6.232  7.828   1.00 13.03 ? 31  ILE A O   1 
ATOM   237  C  CB  . ILE A 1 30  ? -5.448  -3.279  8.211   1.00 14.97 ? 31  ILE A CB  1 
ATOM   238  C  CG1 . ILE A 1 30  ? -4.059  -2.934  8.721   1.00 16.45 ? 31  ILE A CG1 1 
ATOM   239  C  CG2 . ILE A 1 30  ? -6.298  -2.049  8.035   1.00 15.64 ? 31  ILE A CG2 1 
ATOM   240  C  CD1 . ILE A 1 30  ? -3.335  -1.987  7.889   1.00 17.61 ? 31  ILE A CD1 1 
ATOM   241  N  N   . LYS A 1 31  ? -4.966  -6.282  9.956   1.00 13.99 ? 32  LYS A N   1 
ATOM   242  C  CA  . LYS A 1 31  ? -4.286  -7.531  9.707   1.00 15.36 ? 32  LYS A CA  1 
ATOM   243  C  C   . LYS A 1 31  ? -5.284  -8.641  9.295   1.00 14.45 ? 32  LYS A C   1 
ATOM   244  O  O   . LYS A 1 31  ? -4.915  -9.515  8.487   1.00 14.66 ? 32  LYS A O   1 
ATOM   245  C  CB  . LYS A 1 31  ? -3.337  -7.905  10.886  1.00 17.99 ? 32  LYS A CB  1 
ATOM   246  C  CG  . LYS A 1 31  ? -4.000  -8.406  12.098  1.00 20.26 ? 32  LYS A CG  1 
ATOM   247  C  CD  . LYS A 1 31  ? -2.982  -8.583  13.264  1.00 23.18 ? 32  LYS A CD  1 
ATOM   248  C  CE  . LYS A 1 31  ? -3.651  -9.140  14.530  1.00 27.81 ? 32  LYS A CE  1 
ATOM   249  N  NZ  . LYS A 1 31  ? -2.757  -8.979  15.778  1.00 31.25 ? 32  LYS A NZ  1 
ATOM   250  N  N   . HIS A 1 32  ? -6.542  -8.579  9.770   1.00 12.86 ? 33  HIS A N   1 
ATOM   251  C  CA  . HIS A 1 32  ? -7.541  -9.603  9.407   1.00 12.84 ? 33  HIS A CA  1 
ATOM   252  C  C   . HIS A 1 32  ? -7.901  -9.638  7.919   1.00 12.07 ? 33  HIS A C   1 
ATOM   253  O  O   . HIS A 1 32  ? -8.461  -10.617 7.483   1.00 12.89 ? 33  HIS A O   1 
ATOM   254  C  CB  . HIS A 1 32  ? -8.847  -9.531  10.208  1.00 13.36 ? 33  HIS A CB  1 
ATOM   255  C  CG  . HIS A 1 32  ? -9.791  -8.453  9.762   1.00 11.55 ? 33  HIS A CG  1 
ATOM   256  N  ND1 . HIS A 1 32  ? -10.683 -8.606  8.713   1.00 10.83 ? 33  HIS A ND1 1 
ATOM   257  C  CD2 . HIS A 1 32  ? -10.040 -7.227  10.284  1.00 12.03 ? 33  HIS A CD2 1 
ATOM   258  C  CE1 . HIS A 1 32  ? -11.379 -7.496  8.564   1.00 11.76 ? 33  HIS A CE1 1 
ATOM   259  N  NE2 . HIS A 1 32  ? -11.043 -6.657  9.528   1.00 9.53  ? 33  HIS A NE2 1 
ATOM   260  N  N   . PHE A 1 33  ? -7.616  -8.582  7.159   1.00 12.04 ? 34  PHE A N   1 
ATOM   261  C  CA  . PHE A 1 33  ? -7.887  -8.591  5.731   1.00 12.47 ? 34  PHE A CA  1 
ATOM   262  C  C   . PHE A 1 33  ? -6.968  -9.559  4.984   1.00 13.12 ? 34  PHE A C   1 
ATOM   263  O  O   . PHE A 1 33  ? -7.312  -10.012 3.876   1.00 13.98 ? 34  PHE A O   1 
ATOM   264  C  CB  . PHE A 1 33  ? -7.784  -7.187  5.164   1.00 12.26 ? 34  PHE A CB  1 
ATOM   265  C  CG  . PHE A 1 33  ? -8.850  -6.266  5.662   1.00 11.06 ? 34  PHE A CG  1 
ATOM   266  C  CD1 . PHE A 1 33  ? -10.146 -6.381  5.217   1.00 13.11 ? 34  PHE A CD1 1 
ATOM   267  C  CD2 . PHE A 1 33  ? -8.543  -5.276  6.570   1.00 14.01 ? 34  PHE A CD2 1 
ATOM   268  C  CE1 . PHE A 1 33  ? -11.146 -5.551  5.693   1.00 13.81 ? 34  PHE A CE1 1 
ATOM   269  C  CE2 . PHE A 1 33  ? -9.492  -4.470  7.065   1.00 14.03 ? 34  PHE A CE2 1 
ATOM   270  C  CZ  . PHE A 1 33  ? -10.835 -4.596  6.627   1.00 13.62 ? 34  PHE A CZ  1 
ATOM   271  N  N   . PHE A 1 34  ? -5.870  -9.955  5.634   1.00 12.33 ? 35  PHE A N   1 
ATOM   272  C  CA  . PHE A 1 34  ? -4.919  -10.868 5.031   1.00 14.16 ? 35  PHE A CA  1 
ATOM   273  C  C   . PHE A 1 34  ? -4.997  -12.268 5.670   1.00 14.23 ? 35  PHE A C   1 
ATOM   274  O  O   . PHE A 1 34  ? -4.099  -13.112 5.493   1.00 14.93 ? 35  PHE A O   1 
ATOM   275  C  CB  . PHE A 1 34  ? -3.512  -10.290 5.184   1.00 14.12 ? 35  PHE A CB  1 
ATOM   276  C  CG  . PHE A 1 34  ? -3.302  -9.005  4.457   1.00 14.18 ? 35  PHE A CG  1 
ATOM   277  C  CD1 . PHE A 1 34  ? -3.436  -7.780  5.117   1.00 12.84 ? 35  PHE A CD1 1 
ATOM   278  C  CD2 . PHE A 1 34  ? -2.973  -8.996  3.107   1.00 14.89 ? 35  PHE A CD2 1 
ATOM   279  C  CE1 . PHE A 1 34  ? -3.245  -6.576  4.443   1.00 14.30 ? 35  PHE A CE1 1 
ATOM   280  C  CE2 . PHE A 1 34  ? -2.790  -7.776  2.423   1.00 17.56 ? 35  PHE A CE2 1 
ATOM   281  C  CZ  . PHE A 1 34  ? -2.920  -6.585  3.087   1.00 17.54 ? 35  PHE A CZ  1 
ATOM   282  N  N   . ALA A 1 35  ? -6.056  -12.531 6.434   1.00 15.30 ? 36  ALA A N   1 
ATOM   283  C  CA  . ALA A 1 35  ? -6.088  -13.760 7.248   1.00 15.59 ? 36  ALA A CA  1 
ATOM   284  C  C   . ALA A 1 35  ? -6.154  -15.047 6.411   1.00 16.03 ? 36  ALA A C   1 
ATOM   285  O  O   . ALA A 1 35  ? -5.720  -16.113 6.885   1.00 18.30 ? 36  ALA A O   1 
ATOM   286  C  CB  . ALA A 1 35  ? -7.221  -13.726 8.241   1.00 16.19 ? 36  ALA A CB  1 
ATOM   287  N  N   . ASP A 1 36  ? -6.667  -14.947 5.184   1.00 16.52 ? 37  ASP A N   1 
ATOM   288  C  CA  . ASP A 1 36  ? -6.913  -16.115 4.310   1.00 18.45 ? 37  ASP A CA  1 
ATOM   289  C  C   . ASP A 1 36  ? -5.884  -16.192 3.192   1.00 19.71 ? 37  ASP A C   1 
ATOM   290  O  O   . ASP A 1 36  ? -6.070  -16.832 2.138   1.00 21.01 ? 37  ASP A O   1 
ATOM   291  C  CB  . ASP A 1 36  ? -8.369  -16.156 3.791   1.00 18.56 ? 37  ASP A CB  1 
ATOM   292  C  CG  . ASP A 1 36  ? -8.750  -14.974 2.929   1.00 19.42 ? 37  ASP A CG  1 
ATOM   293  O  OD1 . ASP A 1 36  ? -8.269  -13.844 3.201   1.00 21.17 ? 37  ASP A OD1 1 
ATOM   294  O  OD2 . ASP A 1 36  ? -9.548  -15.069 1.964   1.00 18.67 ? 37  ASP A OD2 1 
ATOM   295  N  N   . VAL A 1 37  ? -4.756  -15.565 3.475   1.00 19.75 ? 38  VAL A N   1 
ATOM   296  C  CA  . VAL A 1 37  ? -3.681  -15.465 2.537   1.00 20.62 ? 38  VAL A CA  1 
ATOM   297  C  C   . VAL A 1 37  ? -2.340  -15.726 3.259   1.00 19.92 ? 38  VAL A C   1 
ATOM   298  O  O   . VAL A 1 37  ? -2.199  -15.467 4.481   1.00 18.99 ? 38  VAL A O   1 
ATOM   299  C  CB  . VAL A 1 37  ? -3.857  -14.112 1.880   1.00 21.73 ? 38  VAL A CB  1 
ATOM   300  C  CG1 . VAL A 1 37  ? -2.828  -13.119 2.244   1.00 20.72 ? 38  VAL A CG1 1 
ATOM   301  C  CG2 . VAL A 1 37  ? -4.132  -14.287 0.403   1.00 25.11 ? 38  VAL A CG2 1 
ATOM   302  N  N   . ASP A 1 38  ? -1.380  -16.307 2.538   1.00 18.42 ? 39  ASP A N   1 
ATOM   303  C  CA  . ASP A 1 38  ? -0.117  -16.680 3.167   1.00 18.35 ? 39  ASP A CA  1 
ATOM   304  C  C   . ASP A 1 38  ? 0.836   -15.489 3.325   1.00 17.92 ? 39  ASP A C   1 
ATOM   305  O  O   . ASP A 1 38  ? 0.556   -14.377 2.907   1.00 16.56 ? 39  ASP A O   1 
ATOM   306  C  CB  . ASP A 1 38  ? 0.518   -17.949 2.504   1.00 18.41 ? 39  ASP A CB  1 
ATOM   307  C  CG  . ASP A 1 38  ? 1.091   -17.742 1.103   1.00 20.71 ? 39  ASP A CG  1 
ATOM   308  O  OD1 . ASP A 1 38  ? 1.367   -16.612 0.636   1.00 17.23 ? 39  ASP A OD1 1 
ATOM   309  O  OD2 . ASP A 1 38  ? 1.346   -18.748 0.380   1.00 20.59 ? 39  ASP A OD2 1 
ATOM   310  N  N   . MET A 1 39  ? 1.970   -15.697 3.973   1.00 19.21 ? 40  MET A N   1 
ATOM   311  C  CA  . MET A 1 39  ? 2.818   -14.558 4.338   1.00 19.62 ? 40  MET A CA  1 
ATOM   312  C  C   . MET A 1 39  ? 3.554   -13.993 3.147   1.00 19.19 ? 40  MET A C   1 
ATOM   313  O  O   . MET A 1 39  ? 3.762   -12.788 3.077   1.00 18.40 ? 40  MET A O   1 
ATOM   314  C  CB  . MET A 1 39  ? 3.781   -14.929 5.469   1.00 20.53 ? 40  MET A CB  1 
ATOM   315  C  CG  . MET A 1 39  ? 3.130   -15.619 6.663   1.00 24.23 ? 40  MET A CG  1 
ATOM   316  S  SD  . MET A 1 39  ? 1.707   -14.799 7.429   1.00 32.15 ? 40  MET A SD  1 
ATOM   317  C  CE  . MET A 1 39  ? 2.350   -13.223 7.781   1.00 32.67 ? 40  MET A CE  1 
ATOM   318  N  N   . ALA A 1 40  ? 3.925   -14.841 2.186   1.00 19.09 ? 41  ALA A N   1 
ATOM   319  C  CA  . ALA A 1 40  ? 4.520   -14.320 0.977   1.00 18.35 ? 41  ALA A CA  1 
ATOM   320  C  C   . ALA A 1 40  ? 3.534   -13.420 0.213   1.00 17.87 ? 41  ALA A C   1 
ATOM   321  O  O   . ALA A 1 40  ? 3.940   -12.409 -0.377  1.00 18.13 ? 41  ALA A O   1 
ATOM   322  C  CB  . ALA A 1 40  ? 5.028   -15.455 0.090   1.00 19.12 ? 41  ALA A CB  1 
ATOM   323  N  N   . LYS A 1 41  ? 2.272   -13.821 0.186   1.00 17.80 ? 42  LYS A N   1 
ATOM   324  C  CA  . LYS A 1 41  ? 1.242   -13.093 -0.565  1.00 17.46 ? 42  LYS A CA  1 
ATOM   325  C  C   . LYS A 1 41  ? 0.992   -11.742 0.102   1.00 15.28 ? 42  LYS A C   1 
ATOM   326  O  O   . LYS A 1 41  ? 0.865   -10.728 -0.589  1.00 14.12 ? 42  LYS A O   1 
ATOM   327  C  CB  . LYS A 1 41  ? -0.069  -13.870 -0.594  1.00 18.69 ? 42  LYS A CB  1 
ATOM   328  C  CG  . LYS A 1 41  ? -1.095  -13.446 -1.649  1.00 21.59 ? 42  LYS A CG  1 
ATOM   329  C  CD  . LYS A 1 41  ? -0.843  -14.116 -3.043  1.00 27.18 ? 42  LYS A CD  1 
ATOM   330  C  CE  . LYS A 1 41  ? -1.999  -13.852 -4.050  1.00 29.17 ? 42  LYS A CE  1 
ATOM   331  N  NZ  . LYS A 1 41  ? -1.588  -14.185 -5.453  1.00 31.35 ? 42  LYS A NZ  1 
ATOM   332  N  N   . GLN A 1 42  ? 0.933   -11.737 1.433   1.00 14.10 ? 43  GLN A N   1 
ATOM   333  C  CA  . GLN A 1 42  ? 0.803   -10.488 2.187   1.00 14.40 ? 43  GLN A CA  1 
ATOM   334  C  C   . GLN A 1 42  ? 1.980   -9.525  1.896   1.00 14.51 ? 43  GLN A C   1 
ATOM   335  O  O   . GLN A 1 42  ? 1.798   -8.342  1.628   1.00 12.96 ? 43  GLN A O   1 
ATOM   336  C  CB  . GLN A 1 42  ? 0.674   -10.766 3.695   1.00 15.51 ? 43  GLN A CB  1 
ATOM   337  C  CG  . GLN A 1 42  ? 0.483   -9.476  4.512   1.00 17.44 ? 43  GLN A CG  1 
ATOM   338  C  CD  . GLN A 1 42  ? 0.162   -9.625  6.015   1.00 17.60 ? 43  GLN A CD  1 
ATOM   339  O  OE1 . GLN A 1 42  ? 0.148   -8.586  6.746   1.00 20.06 ? 43  GLN A OE1 1 
ATOM   340  N  NE2 . GLN A 1 42  ? -0.169  -10.847 6.473   1.00 19.08 ? 43  GLN A NE2 1 
ATOM   341  N  N   . ARG A 1 43  ? 3.202   -10.041 1.943   1.00 14.83 ? 44  ARG A N   1 
ATOM   342  C  CA  . ARG A 1 43  ? 4.339   -9.242  1.494   1.00 14.11 ? 44  ARG A CA  1 
ATOM   343  C  C   . ARG A 1 43  ? 4.228   -8.721  0.063   1.00 13.72 ? 44  ARG A C   1 
ATOM   344  O  O   . ARG A 1 43  ? 4.508   -7.533  -0.162  1.00 13.09 ? 44  ARG A O   1 
ATOM   345  C  CB  . ARG A 1 43  ? 5.673   -9.970  1.650   1.00 15.36 ? 44  ARG A CB  1 
ATOM   346  C  CG  . ARG A 1 43  ? 6.837   -8.954  1.623   1.00 15.06 ? 44  ARG A CG  1 
ATOM   347  C  CD  . ARG A 1 43  ? 8.180   -9.544  1.530   1.00 16.37 ? 44  ARG A CD  1 
ATOM   348  N  NE  . ARG A 1 43  ? 9.223   -8.551  1.323   1.00 13.73 ? 44  ARG A NE  1 
ATOM   349  C  CZ  . ARG A 1 43  ? 9.689   -8.129  0.152   1.00 13.67 ? 44  ARG A CZ  1 
ATOM   350  N  NH1 . ARG A 1 43  ? 9.188   -8.553  -1.005  1.00 17.49 ? 44  ARG A NH1 1 
ATOM   351  N  NH2 . ARG A 1 43  ? 10.672  -7.231  0.143   1.00 18.90 ? 44  ARG A NH2 1 
ATOM   352  N  N   . ALA A 1 44  ? 3.848   -9.576  -0.886  1.00 14.61 ? 45  ALA A N   1 
ATOM   353  C  CA  . ALA A 1 44  ? 3.687   -9.154  -2.271  1.00 14.54 ? 45  ALA A CA  1 
ATOM   354  C  C   . ALA A 1 44  ? 2.678   -7.999  -2.379  1.00 14.85 ? 45  ALA A C   1 
ATOM   355  O  O   . ALA A 1 44  ? 2.869   -7.076  -3.158  1.00 14.54 ? 45  ALA A O   1 
ATOM   356  C  CB  . ALA A 1 44  ? 3.268   -10.319 -3.167  1.00 15.45 ? 45  ALA A CB  1 
ATOM   357  N  N   . HIS A 1 45  ? 1.657   -8.027  -1.529  1.00 14.22 ? 46  HIS A N   1 
ATOM   358  C  CA  . HIS A 1 45  ? 0.676   -6.946  -1.516  1.00 13.86 ? 46  HIS A CA  1 
ATOM   359  C  C   . HIS A 1 45  ? 1.297   -5.616  -1.070  1.00 14.00 ? 46  HIS A C   1 
ATOM   360  O  O   . HIS A 1 45  ? 1.080   -4.573  -1.689  1.00 12.74 ? 46  HIS A O   1 
ATOM   361  C  CB  . HIS A 1 45  ? -0.512  -7.222  -0.592  1.00 14.39 ? 46  HIS A CB  1 
ATOM   362  C  CG  . HIS A 1 45  ? -1.527  -6.132  -0.701  1.00 11.96 ? 46  HIS A CG  1 
ATOM   363  N  ND1 . HIS A 1 45  ? -1.399  -4.930  -0.053  1.00 13.07 ? 46  HIS A ND1 1 
ATOM   364  C  CD2 . HIS A 1 45  ? -2.615  -6.019  -1.485  1.00 13.15 ? 46  HIS A CD2 1 
ATOM   365  C  CE1 . HIS A 1 45  ? -2.392  -4.135  -0.402  1.00 13.39 ? 46  HIS A CE1 1 
ATOM   366  N  NE2 . HIS A 1 45  ? -3.149  -4.776  -1.267  1.00 10.39 ? 46  HIS A NE2 1 
ATOM   367  N  N   . GLN A 1 46  ? 2.057   -5.634  0.022   1.00 12.52 ? 47  GLN A N   1 
ATOM   368  C  CA  . GLN A 1 46  ? 2.691   -4.422  0.484   1.00 12.24 ? 47  GLN A CA  1 
ATOM   369  C  C   . GLN A 1 46  ? 3.700   -3.886  -0.548  1.00 12.76 ? 47  GLN A C   1 
ATOM   370  O  O   . GLN A 1 46  ? 3.831   -2.709  -0.690  1.00 12.25 ? 47  GLN A O   1 
ATOM   371  C  CB  . GLN A 1 46  ? 3.284   -4.579  1.903   1.00 12.87 ? 47  GLN A CB  1 
ATOM   372  C  CG  . GLN A 1 46  ? 2.327   -4.182  3.031   1.00 14.74 ? 47  GLN A CG  1 
ATOM   373  C  CD  . GLN A 1 46  ? 0.905   -4.703  2.855   1.00 16.19 ? 47  GLN A CD  1 
ATOM   374  O  OE1 . GLN A 1 46  ? 0.083   -4.096  2.132   1.00 15.72 ? 47  GLN A OE1 1 
ATOM   375  N  NE2 . GLN A 1 46  ? 0.591   -5.833  3.535   1.00 16.49 ? 47  GLN A NE2 1 
ATOM   376  N  N   . LYS A 1 47  ? 4.358   -4.764  -1.291  1.00 13.10 ? 48  LYS A N   1 
ATOM   377  C  CA  . LYS A 1 47  ? 5.217   -4.355  -2.394  1.00 14.26 ? 48  LYS A CA  1 
ATOM   378  C  C   . LYS A 1 47  ? 4.418   -3.630  -3.478  1.00 14.93 ? 48  LYS A C   1 
ATOM   379  O  O   . LYS A 1 47  ? 4.799   -2.566  -3.975  1.00 13.17 ? 48  LYS A O   1 
ATOM   380  C  CB  . LYS A 1 47  ? 5.916   -5.564  -3.005  1.00 15.16 ? 48  LYS A CB  1 
ATOM   381  C  CG  . LYS A 1 47  ? 6.906   -5.212  -4.120  1.00 18.25 ? 48  LYS A CG  1 
ATOM   382  C  CD  . LYS A 1 47  ? 7.802   -6.384  -4.460  1.00 25.27 ? 48  LYS A CD  1 
ATOM   383  C  CE  . LYS A 1 47  ? 8.693   -6.060  -5.663  1.00 30.81 ? 48  LYS A CE  1 
ATOM   384  N  NZ  . LYS A 1 47  ? 8.004   -6.421  -6.965  1.00 32.87 ? 48  LYS A NZ  1 
ATOM   385  N  N   . ALA A 1 48  ? 3.272   -4.204  -3.806  1.00 14.38 ? 49  ALA A N   1 
ATOM   386  C  CA  . ALA A 1 48  ? 2.406   -3.666  -4.861  1.00 14.23 ? 49  ALA A CA  1 
ATOM   387  C  C   . ALA A 1 48  ? 1.821   -2.327  -4.463  1.00 15.25 ? 49  ALA A C   1 
ATOM   388  O  O   . ALA A 1 48  ? 1.823   -1.396  -5.253  1.00 14.73 ? 49  ALA A O   1 
ATOM   389  C  CB  . ALA A 1 48  ? 1.307   -4.674  -5.162  1.00 14.37 ? 49  ALA A CB  1 
ATOM   390  N  N   . PHE A 1 49  ? 1.356   -2.220  -3.217  1.00 14.56 ? 50  PHE A N   1 
ATOM   391  C  CA  . PHE A 1 49  ? 0.845   -0.967  -2.659  1.00 14.17 ? 50  PHE A CA  1 
ATOM   392  C  C   . PHE A 1 49  ? 1.890   0.151   -2.697  1.00 15.12 ? 50  PHE A C   1 
ATOM   393  O  O   . PHE A 1 49  ? 1.617   1.287   -3.126  1.00 15.05 ? 50  PHE A O   1 
ATOM   394  C  CB  . PHE A 1 49  ? 0.332   -1.224  -1.228  1.00 13.80 ? 50  PHE A CB  1 
ATOM   395  C  CG  . PHE A 1 49  ? -0.423  -0.073  -0.608  1.00 12.80 ? 50  PHE A CG  1 
ATOM   396  C  CD1 . PHE A 1 49  ? -1.796  -0.185  -0.373  1.00 13.16 ? 50  PHE A CD1 1 
ATOM   397  C  CD2 . PHE A 1 49  ? 0.222   1.066   -0.177  1.00 13.47 ? 50  PHE A CD2 1 
ATOM   398  C  CE1 . PHE A 1 49  ? -2.531  0.879   0.160   1.00 12.26 ? 50  PHE A CE1 1 
ATOM   399  C  CE2 . PHE A 1 49  ? -0.476  2.119   0.394   1.00 12.59 ? 50  PHE A CE2 1 
ATOM   400  C  CZ  . PHE A 1 49  ? -1.875  2.022   0.584   1.00 13.56 ? 50  PHE A CZ  1 
ATOM   401  N  N   . LEU A 1 50  ? 3.089   -0.172  -2.255  1.00 14.68 ? 51  LEU A N   1 
ATOM   402  C  CA  . LEU A 1 50  ? 4.192   0.763   -2.242  1.00 15.52 ? 51  LEU A CA  1 
ATOM   403  C  C   . LEU A 1 50  ? 4.598   1.156   -3.663  1.00 16.50 ? 51  LEU A C   1 
ATOM   404  O  O   . LEU A 1 50  ? 4.905   2.309   -3.908  1.00 18.23 ? 51  LEU A O   1 
ATOM   405  C  CB  . LEU A 1 50  ? 5.384   0.142   -1.496  1.00 15.69 ? 51  LEU A CB  1 
ATOM   406  C  CG  . LEU A 1 50  ? 6.579   1.051   -1.224  1.00 15.92 ? 51  LEU A CG  1 
ATOM   407  C  CD1 . LEU A 1 50  ? 7.255   0.737   0.134   1.00 16.53 ? 51  LEU A CD1 1 
ATOM   408  C  CD2 . LEU A 1 50  ? 7.539   0.849   -2.338  1.00 14.71 ? 51  LEU A CD2 1 
ATOM   409  N  N   . THR A 1 51  ? 4.594   0.208   -4.577  1.00 17.54 ? 52  THR A N   1 
ATOM   410  C  CA  . THR A 1 51  ? 5.057   0.448   -5.949  1.00 18.47 ? 52  THR A CA  1 
ATOM   411  C  C   . THR A 1 51  ? 4.079   1.405   -6.619  1.00 18.72 ? 52  THR A C   1 
ATOM   412  O  O   . THR A 1 51  ? 4.450   2.373   -7.292  1.00 19.31 ? 52  THR A O   1 
ATOM   413  C  CB  . THR A 1 51  ? 5.150   -0.894  -6.723  1.00 18.88 ? 52  THR A CB  1 
ATOM   414  O  OG1 . THR A 1 51  ? 6.182   -1.729  -6.187  1.00 18.98 ? 52  THR A OG1 1 
ATOM   415  C  CG2 . THR A 1 51  ? 5.569   -0.662  -8.166  1.00 20.23 ? 52  THR A CG2 1 
ATOM   416  N  N   . TYR A 1 52  ? 2.802   1.159   -6.356  1.00 18.45 ? 53  TYR A N   1 
ATOM   417  C  CA  . TYR A 1 52  ? 1.744   1.984   -6.861  1.00 18.39 ? 53  TYR A CA  1 
ATOM   418  C  C   . TYR A 1 52  ? 1.887   3.404   -6.365  1.00 19.58 ? 53  TYR A C   1 
ATOM   419  O  O   . TYR A 1 52  ? 1.894   4.362   -7.179  1.00 20.30 ? 53  TYR A O   1 
ATOM   420  C  CB  . TYR A 1 52  ? 0.404   1.389   -6.448  1.00 19.07 ? 53  TYR A CB  1 
ATOM   421  C  CG  . TYR A 1 52  ? -0.823  2.111   -6.980  1.00 17.81 ? 53  TYR A CG  1 
ATOM   422  C  CD1 . TYR A 1 52  ? -1.477  1.648   -8.101  1.00 19.91 ? 53  TYR A CD1 1 
ATOM   423  C  CD2 . TYR A 1 52  ? -1.313  3.229   -6.352  1.00 18.73 ? 53  TYR A CD2 1 
ATOM   424  C  CE1 . TYR A 1 52  ? -2.601  2.286   -8.587  1.00 20.59 ? 53  TYR A CE1 1 
ATOM   425  C  CE2 . TYR A 1 52  ? -2.431  3.879   -6.823  1.00 18.69 ? 53  TYR A CE2 1 
ATOM   426  C  CZ  . TYR A 1 52  ? -3.072  3.399   -7.952  1.00 20.27 ? 53  TYR A CZ  1 
ATOM   427  O  OH  . TYR A 1 52  ? -4.211  4.001   -8.456  1.00 22.74 ? 53  TYR A OH  1 
ATOM   428  N  N   . ALA A 1 53  ? 2.068   3.519   -5.048  1.00 19.52 ? 54  ALA A N   1 
ATOM   429  C  CA  . ALA A 1 53  ? 2.186   4.771   -4.345  1.00 19.80 ? 54  ALA A CA  1 
ATOM   430  C  C   . ALA A 1 53  ? 3.337   5.624   -4.859  1.00 20.73 ? 54  ALA A C   1 
ATOM   431  O  O   . ALA A 1 53  ? 3.213   6.850   -4.891  1.00 21.50 ? 54  ALA A O   1 
ATOM   432  C  CB  . ALA A 1 53  ? 2.337   4.534   -2.848  1.00 18.63 ? 54  ALA A CB  1 
ATOM   433  N  N   . PHE A 1 54  ? 4.444   4.987   -5.227  1.00 21.49 ? 55  PHE A N   1 
ATOM   434  C  CA  . PHE A 1 54  ? 5.608   5.713   -5.772  1.00 22.71 ? 55  PHE A CA  1 
ATOM   435  C  C   . PHE A 1 54  ? 5.494   6.026   -7.276  1.00 25.86 ? 55  PHE A C   1 
ATOM   436  O  O   . PHE A 1 54  ? 6.322   6.747   -7.841  1.00 26.09 ? 55  PHE A O   1 
ATOM   437  C  CB  . PHE A 1 54  ? 6.903   4.963   -5.490  1.00 21.94 ? 55  PHE A CB  1 
ATOM   438  C  CG  . PHE A 1 54  ? 7.460   5.201   -4.106  1.00 20.68 ? 55  PHE A CG  1 
ATOM   439  C  CD1 . PHE A 1 54  ? 8.494   6.105   -3.902  1.00 19.37 ? 55  PHE A CD1 1 
ATOM   440  C  CD2 . PHE A 1 54  ? 6.955   4.513   -3.008  1.00 18.33 ? 55  PHE A CD2 1 
ATOM   441  C  CE1 . PHE A 1 54  ? 9.024   6.316   -2.636  1.00 18.75 ? 55  PHE A CE1 1 
ATOM   442  C  CE2 . PHE A 1 54  ? 7.483   4.712   -1.728  1.00 17.82 ? 55  PHE A CE2 1 
ATOM   443  C  CZ  . PHE A 1 54  ? 8.510   5.616   -1.535  1.00 19.54 ? 55  PHE A CZ  1 
ATOM   444  N  N   . GLY A 1 55  ? 4.483   5.481   -7.927  1.00 28.82 ? 56  GLY A N   1 
ATOM   445  C  CA  . GLY A 1 55  ? 3.959   6.098   -9.133  1.00 30.77 ? 56  GLY A CA  1 
ATOM   446  C  C   . GLY A 1 55  ? 3.994   5.195   -10.306 1.00 32.31 ? 56  GLY A C   1 
ATOM   447  O  O   . GLY A 1 55  ? 3.846   5.659   -11.442 1.00 32.03 ? 56  GLY A O   1 
ATOM   448  N  N   . GLY A 1 56  ? 4.240   3.912   -10.025 1.00 34.35 ? 57  GLY A N   1 
ATOM   449  C  CA  . GLY A 1 56  ? 3.953   2.820   -10.939 1.00 35.81 ? 57  GLY A CA  1 
ATOM   450  C  C   . GLY A 1 56  ? 2.472   2.442   -10.886 1.00 36.54 ? 57  GLY A C   1 
ATOM   451  O  O   . GLY A 1 56  ? 2.123   1.260   -10.778 1.00 36.31 ? 57  GLY A O   1 
ATOM   452  N  N   . THR A 1 57  ? 1.622   3.476   -10.973 1.00 37.65 ? 58  THR A N   1 
ATOM   453  C  CA  . THR A 1 57  ? 0.159   3.368   -10.983 1.00 38.60 ? 58  THR A CA  1 
ATOM   454  C  C   . THR A 1 57  ? -0.328  2.517   -12.174 1.00 38.89 ? 58  THR A C   1 
ATOM   455  O  O   . THR A 1 57  ? -1.302  1.755   -12.082 1.00 39.61 ? 58  THR A O   1 
ATOM   456  C  CB  . THR A 1 57  ? -0.446  4.813   -11.088 1.00 39.23 ? 58  THR A CB  1 
ATOM   457  O  OG1 . THR A 1 57  ? 0.058   5.642   -10.034 1.00 39.43 ? 58  THR A OG1 1 
ATOM   458  C  CG2 . THR A 1 57  ? -1.988  4.832   -10.866 1.00 38.82 ? 58  THR A CG2 1 
ATOM   459  N  N   . ASP A 1 58  ? 0.370   2.661   -13.292 1.00 39.35 ? 59  ASP A N   1 
ATOM   460  C  CA  . ASP A 1 58  ? -0.048  2.109   -14.579 1.00 39.70 ? 59  ASP A CA  1 
ATOM   461  C  C   . ASP A 1 58  ? -0.135  0.590   -14.596 1.00 39.42 ? 59  ASP A C   1 
ATOM   462  O  O   . ASP A 1 58  ? -0.879  0.005   -15.397 1.00 40.77 ? 59  ASP A O   1 
ATOM   463  C  CB  . ASP A 1 58  ? 0.892   2.643   -15.682 1.00 40.48 ? 59  ASP A CB  1 
ATOM   464  C  CG  . ASP A 1 58  ? 0.787   4.159   -15.828 1.00 42.02 ? 59  ASP A CG  1 
ATOM   465  O  OD1 . ASP A 1 58  ? -0.367  4.642   -15.892 1.00 43.10 ? 59  ASP A OD1 1 
ATOM   466  O  OD2 . ASP A 1 58  ? 1.778   4.940   -15.856 1.00 44.41 ? 59  ASP A OD2 1 
ATOM   467  N  N   . LYS A 1 59  ? 0.600   -0.049  -13.686 1.00 38.61 ? 60  LYS A N   1 
ATOM   468  C  CA  . LYS A 1 59  ? 0.504   -1.498  -13.484 1.00 37.19 ? 60  LYS A CA  1 
ATOM   469  C  C   . LYS A 1 59  ? -0.882  -1.925  -12.976 1.00 34.92 ? 60  LYS A C   1 
ATOM   470  O  O   . LYS A 1 59  ? -1.332  -3.061  -13.255 1.00 35.50 ? 60  LYS A O   1 
ATOM   471  C  CB  . LYS A 1 59  ? 1.611   -1.985  -12.525 1.00 37.88 ? 60  LYS A CB  1 
ATOM   472  C  CG  . LYS A 1 59  ? 2.488   -3.124  -13.079 1.00 39.35 ? 60  LYS A CG  1 
ATOM   473  C  CD  . LYS A 1 59  ? 3.821   -2.633  -13.672 1.00 41.71 ? 60  LYS A CD  1 
ATOM   474  C  CE  . LYS A 1 59  ? 3.769   -2.493  -15.199 1.00 42.91 ? 60  LYS A CE  1 
ATOM   475  N  NZ  . LYS A 1 59  ? 4.783   -1.521  -15.700 1.00 42.16 ? 60  LYS A NZ  1 
ATOM   476  N  N   . TYR A 1 60  ? -1.559  -1.012  -12.263 1.00 31.86 ? 61  TYR A N   1 
ATOM   477  C  CA  . TYR A 1 60  ? -2.824  -1.302  -11.623 1.00 27.24 ? 61  TYR A CA  1 
ATOM   478  C  C   . TYR A 1 60  ? -3.987  -0.443  -12.133 1.00 24.42 ? 61  TYR A C   1 
ATOM   479  O  O   . TYR A 1 60  ? -4.293  0.623   -11.628 1.00 22.25 ? 61  TYR A O   1 
ATOM   480  C  CB  . TYR A 1 60  ? -2.646  -1.269  -10.113 1.00 27.55 ? 61  TYR A CB  1 
ATOM   481  C  CG  . TYR A 1 60  ? -1.579  -2.268  -9.700  1.00 25.88 ? 61  TYR A CG  1 
ATOM   482  C  CD1 . TYR A 1 60  ? -0.593  -1.925  -8.835  1.00 26.81 ? 61  TYR A CD1 1 
ATOM   483  C  CD2 . TYR A 1 60  ? -1.550  -3.555  -10.245 1.00 24.84 ? 61  TYR A CD2 1 
ATOM   484  C  CE1 . TYR A 1 60  ? 0.417   -2.834  -8.482  1.00 25.58 ? 61  TYR A CE1 1 
ATOM   485  C  CE2 . TYR A 1 60  ? -0.570  -4.460  -9.904  1.00 27.78 ? 61  TYR A CE2 1 
ATOM   486  C  CZ  . TYR A 1 60  ? 0.414   -4.100  -9.009  1.00 27.63 ? 61  TYR A CZ  1 
ATOM   487  O  OH  . TYR A 1 60  ? 1.412   -5.006  -8.669  1.00 29.26 ? 61  TYR A OH  1 
ATOM   488  N  N   . ASP A 1 61  ? -4.588  -0.966  -13.191 1.00 20.98 ? 62  ASP A N   1 
ATOM   489  C  CA  . ASP A 1 61  ? -5.873  -0.528  -13.702 1.00 18.93 ? 62  ASP A CA  1 
ATOM   490  C  C   . ASP A 1 61  ? -6.921  -0.495  -12.594 1.00 17.24 ? 62  ASP A C   1 
ATOM   491  O  O   . ASP A 1 61  ? -7.044  -1.438  -11.830 1.00 15.54 ? 62  ASP A O   1 
ATOM   492  C  CB  . ASP A 1 61  ? -6.279  -1.518  -14.795 1.00 18.38 ? 62  ASP A CB  1 
ATOM   493  C  CG  . ASP A 1 61  ? -7.308  -0.960  -15.730 1.00 17.91 ? 62  ASP A CG  1 
ATOM   494  O  OD1 . ASP A 1 61  ? -8.456  -0.737  -15.284 1.00 15.96 ? 62  ASP A OD1 1 
ATOM   495  O  OD2 . ASP A 1 61  ? -7.029  -0.723  -16.930 1.00 15.90 ? 62  ASP A OD2 1 
ATOM   496  N  N   . GLY A 1 62  ? -7.706  0.581   -12.530 1.00 16.56 ? 63  GLY A N   1 
ATOM   497  C  CA  . GLY A 1 62  ? -8.757  0.701   -11.549 1.00 16.37 ? 63  GLY A CA  1 
ATOM   498  C  C   . GLY A 1 62  ? -9.791  -0.425  -11.611 1.00 15.93 ? 63  GLY A C   1 
ATOM   499  O  O   . GLY A 1 62  ? -10.379 -0.835  -10.602 1.00 16.21 ? 63  GLY A O   1 
ATOM   500  N  N   . ARG A 1 63  ? -10.078 -0.895  -12.809 1.00 16.12 ? 64  ARG A N   1 
ATOM   501  C  CA  . ARG A 1 63  ? -10.993 -2.039  -12.968 1.00 15.64 ? 64  ARG A CA  1 
ATOM   502  C  C   . ARG A 1 63  ? -10.445 -3.287  -12.276 1.00 16.20 ? 64  ARG A C   1 
ATOM   503  O  O   . ARG A 1 63  ? -11.187 -4.030  -11.629 1.00 16.17 ? 64  ARG A O   1 
ATOM   504  C  CB  . ARG A 1 63  ? -11.275 -2.310  -14.449 1.00 15.52 ? 64  ARG A CB  1 
ATOM   505  C  CG  . ARG A 1 63  ? -12.088 -1.214  -15.132 1.00 16.14 ? 64  ARG A CG  1 
ATOM   506  C  CD  . ARG A 1 63  ? -12.031 -1.233  -16.649 1.00 14.64 ? 64  ARG A CD  1 
ATOM   507  N  NE  . ARG A 1 63  ? -10.672 -0.986  -17.124 1.00 14.83 ? 64  ARG A NE  1 
ATOM   508  C  CZ  . ARG A 1 63  ? -10.363 -0.883  -18.413 1.00 14.22 ? 64  ARG A CZ  1 
ATOM   509  N  NH1 . ARG A 1 63  ? -11.309 -1.002  -19.331 1.00 16.87 ? 64  ARG A NH1 1 
ATOM   510  N  NH2 . ARG A 1 63  ? -9.127  -0.647  -18.779 1.00 13.45 ? 64  ARG A NH2 1 
ATOM   511  N  N   . TYR A 1 64  ? -9.141  -3.513  -12.395 1.00 14.88 ? 65  TYR A N   1 
ATOM   512  C  CA  . TYR A 1 64  ? -8.489  -4.611  -11.714 1.00 15.46 ? 65  TYR A CA  1 
ATOM   513  C  C   . TYR A 1 64  ? -8.485  -4.411  -10.196 1.00 15.23 ? 65  TYR A C   1 
ATOM   514  O  O   . TYR A 1 64  ? -8.753  -5.350  -9.449  1.00 15.34 ? 65  TYR A O   1 
ATOM   515  C  CB  . TYR A 1 64  ? -7.079  -4.780  -12.294 1.00 15.77 ? 65  TYR A CB  1 
ATOM   516  C  CG  . TYR A 1 64  ? -6.175  -5.818  -11.625 1.00 17.99 ? 65  TYR A CG  1 
ATOM   517  C  CD1 . TYR A 1 64  ? -6.628  -7.099  -11.326 1.00 23.40 ? 65  TYR A CD1 1 
ATOM   518  C  CD2 . TYR A 1 64  ? -4.856  -5.503  -11.336 1.00 18.80 ? 65  TYR A CD2 1 
ATOM   519  C  CE1 . TYR A 1 64  ? -5.776  -8.036  -10.697 1.00 24.01 ? 65  TYR A CE1 1 
ATOM   520  C  CE2 . TYR A 1 64  ? -4.002  -6.412  -10.714 1.00 18.67 ? 65  TYR A CE2 1 
ATOM   521  C  CZ  . TYR A 1 64  ? -4.461  -7.680  -10.402 1.00 20.80 ? 65  TYR A CZ  1 
ATOM   522  O  OH  . TYR A 1 64  ? -3.580  -8.585  -9.798  1.00 23.20 ? 65  TYR A OH  1 
ATOM   523  N  N   . MET A 1 65  ? -8.248  -3.180  -9.748  1.00 15.74 ? 66  MET A N   1 
ATOM   524  C  CA  . MET A 1 65  ? -8.380  -2.819  -8.331  1.00 15.68 ? 66  MET A CA  1 
ATOM   525  C  C   . MET A 1 65  ? -9.773  -3.058  -7.777  1.00 15.82 ? 66  MET A C   1 
ATOM   526  O  O   . MET A 1 65  ? -9.939  -3.581  -6.670  1.00 15.52 ? 66  MET A O   1 
ATOM   527  C  CB  . MET A 1 65  ? -7.941  -1.366  -8.110  1.00 15.70 ? 66  MET A CB  1 
ATOM   528  C  CG  . MET A 1 65  ? -6.452  -1.132  -8.388  1.00 15.41 ? 66  MET A CG  1 
ATOM   529  S  SD  . MET A 1 65  ? -5.308  -2.207  -7.401  1.00 15.90 ? 66  MET A SD  1 
ATOM   530  C  CE  . MET A 1 65  ? -5.160  -3.555  -8.365  1.00 18.47 ? 66  MET A CE  1 
ATOM   531  N  N   . ARG A 1 66  ? -10.797 -2.754  -8.547  1.00 15.65 ? 67  ARG A N   1 
ATOM   532  C  CA  . ARG A 1 66  ? -12.151 -3.000  -8.060  1.00 16.72 ? 67  ARG A CA  1 
ATOM   533  C  C   . ARG A 1 66  ? -12.371 -4.459  -7.805  1.00 16.90 ? 67  ARG A C   1 
ATOM   534  O  O   . ARG A 1 66  ? -12.787 -4.858  -6.702  1.00 16.68 ? 67  ARG A O   1 
ATOM   535  C  CB  . ARG A 1 66  ? -13.194 -2.507  -9.050  1.00 17.11 ? 67  ARG A CB  1 
ATOM   536  C  CG  . ARG A 1 66  ? -13.343 -1.078  -9.035  1.00 20.23 ? 67  ARG A CG  1 
ATOM   537  C  CD  . ARG A 1 66  ? -14.632 -0.625  -9.686  1.00 25.77 ? 67  ARG A CD  1 
ATOM   538  N  NE  . ARG A 1 66  ? -14.697 0.794   -9.490  1.00 28.92 ? 67  ARG A NE  1 
ATOM   539  C  CZ  . ARG A 1 66  ? -15.552 1.398   -8.703  1.00 29.86 ? 67  ARG A CZ  1 
ATOM   540  N  NH1 . ARG A 1 66  ? -16.507 0.706   -8.065  1.00 29.34 ? 67  ARG A NH1 1 
ATOM   541  N  NH2 . ARG A 1 66  ? -15.462 2.717   -8.595  1.00 31.67 ? 67  ARG A NH2 1 
ATOM   542  N  N   . GLU A 1 67  ? -12.039 -5.271  -8.798  1.00 17.37 ? 68  GLU A N   1 
ATOM   543  C  CA  . GLU A 1 67  ? -12.223 -6.723  -8.687  1.00 17.88 ? 68  GLU A CA  1 
ATOM   544  C  C   . GLU A 1 67  ? -11.359 -7.349  -7.593  1.00 17.29 ? 68  GLU A C   1 
ATOM   545  O  O   . GLU A 1 67  ? -11.837 -8.180  -6.806  1.00 18.24 ? 68  GLU A O   1 
ATOM   546  C  CB  . GLU A 1 67  ? -11.951 -7.385  -10.039 1.00 18.32 ? 68  GLU A CB  1 
ATOM   547  C  CG  . GLU A 1 67  ? -12.205 -8.894  -10.088 1.00 22.63 ? 68  GLU A CG  1 
ATOM   548  C  CD  . GLU A 1 67  ? -13.612 -9.334  -9.673  1.00 26.66 ? 68  GLU A CD  1 
ATOM   549  O  OE1 . GLU A 1 67  ? -14.600 -8.562  -9.843  1.00 30.87 ? 68  GLU A OE1 1 
ATOM   550  O  OE2 . GLU A 1 67  ? -13.707 -10.512 -9.205  1.00 29.51 ? 68  GLU A OE2 1 
ATOM   551  N  N   . ALA A 1 68  ? -10.092 -6.941  -7.504  1.00 16.99 ? 69  ALA A N   1 
ATOM   552  C  CA  . ALA A 1 68  ? -9.162  -7.517  -6.528  1.00 16.49 ? 69  ALA A CA  1 
ATOM   553  C  C   . ALA A 1 68  ? -9.618  -7.326  -5.085  1.00 16.60 ? 69  ALA A C   1 
ATOM   554  O  O   . ALA A 1 68  ? -9.303  -8.154  -4.227  1.00 16.86 ? 69  ALA A O   1 
ATOM   555  C  CB  . ALA A 1 68  ? -7.773  -6.914  -6.693  1.00 17.34 ? 69  ALA A CB  1 
ATOM   556  N  N   . HIS A 1 69  ? -10.352 -6.252  -4.816  1.00 14.81 ? 70  HIS A N   1 
ATOM   557  C  CA  . HIS A 1 69  ? -10.731 -5.930  -3.444  1.00 14.49 ? 70  HIS A CA  1 
ATOM   558  C  C   . HIS A 1 69  ? -12.195 -6.190  -3.140  1.00 15.18 ? 70  HIS A C   1 
ATOM   559  O  O   . HIS A 1 69  ? -12.658 -5.995  -2.004  1.00 13.25 ? 70  HIS A O   1 
ATOM   560  C  CB  . HIS A 1 69  ? -10.365 -4.512  -3.147  1.00 14.80 ? 70  HIS A CB  1 
ATOM   561  C  CG  . HIS A 1 69  ? -8.897  -4.241  -3.302  1.00 11.56 ? 70  HIS A CG  1 
ATOM   562  N  ND1 . HIS A 1 69  ? -8.340  -3.737  -4.454  1.00 12.89 ? 70  HIS A ND1 1 
ATOM   563  C  CD2 . HIS A 1 69  ? -7.865  -4.482  -2.451  1.00 12.23 ? 70  HIS A CD2 1 
ATOM   564  C  CE1 . HIS A 1 69  ? -7.025  -3.657  -4.297  1.00 12.47 ? 70  HIS A CE1 1 
ATOM   565  N  NE2 . HIS A 1 69  ? -6.713  -4.105  -3.085  1.00 12.10 ? 70  HIS A NE2 1 
ATOM   566  N  N   . LYS A 1 70  ? -12.918 -6.643  -4.153  1.00 16.00 ? 71  LYS A N   1 
ATOM   567  C  CA  . LYS A 1 70  ? -14.355 -6.882  -3.987  1.00 16.72 ? 71  LYS A CA  1 
ATOM   568  C  C   . LYS A 1 70  ? -14.699 -7.804  -2.805  1.00 16.91 ? 71  LYS A C   1 
ATOM   569  O  O   . LYS A 1 70  ? -15.626 -7.509  -2.060  1.00 18.38 ? 71  LYS A O   1 
ATOM   570  C  CB  . LYS A 1 70  ? -14.952 -7.423  -5.260  1.00 16.58 ? 71  LYS A CB  1 
ATOM   571  C  CG  . LYS A 1 70  ? -16.460 -7.705  -5.125  1.00 20.57 ? 71  LYS A CG  1 
ATOM   572  C  CD  . LYS A 1 70  ? -16.977 -8.541  -6.283  1.00 26.16 ? 71  LYS A CD  1 
ATOM   573  C  CE  . LYS A 1 70  ? -17.105 -7.709  -7.525  1.00 30.35 ? 71  LYS A CE  1 
ATOM   574  N  NZ  . LYS A 1 70  ? -17.998 -6.500  -7.366  1.00 32.66 ? 71  LYS A NZ  1 
ATOM   575  N  N   . GLU A 1 71  ? -13.975 -8.909  -2.622  1.00 17.22 ? 72  GLU A N   1 
ATOM   576  C  CA  . GLU A 1 71  ? -14.271 -9.808  -1.493  1.00 17.05 ? 72  GLU A CA  1 
ATOM   577  C  C   . GLU A 1 71  ? -13.940 -9.122  -0.157  1.00 16.64 ? 72  GLU A C   1 
ATOM   578  O  O   . GLU A 1 71  ? -14.628 -9.336  0.827   1.00 18.57 ? 72  GLU A O   1 
ATOM   579  C  CB  . GLU A 1 71  ? -13.563 -11.151 -1.615  1.00 17.48 ? 72  GLU A CB  1 
ATOM   580  C  CG  . GLU A 1 71  ? -13.906 -11.965 -2.879  1.00 20.17 ? 72  GLU A CG  1 
ATOM   581  C  CD  . GLU A 1 71  ? -13.325 -13.350 -2.801  1.00 22.54 ? 72  GLU A CD  1 
ATOM   582  O  OE1 . GLU A 1 71  ? -12.071 -13.457 -2.731  1.00 21.30 ? 72  GLU A OE1 1 
ATOM   583  O  OE2 . GLU A 1 71  ? -14.107 -14.326 -2.773  1.00 23.29 ? 72  GLU A OE2 1 
ATOM   584  N  N   . LEU A 1 72  ? -12.915 -8.270  -0.130  1.00 16.19 ? 73  LEU A N   1 
ATOM   585  C  CA  . LEU A 1 72  ? -12.649 -7.495  1.101   1.00 16.40 ? 73  LEU A CA  1 
ATOM   586  C  C   . LEU A 1 72  ? -13.813 -6.655  1.459   1.00 16.13 ? 73  LEU A C   1 
ATOM   587  O  O   . LEU A 1 72  ? -14.192 -6.577  2.614   1.00 15.56 ? 73  LEU A O   1 
ATOM   588  C  CB  . LEU A 1 72  ? -11.440 -6.615  0.936   1.00 16.99 ? 73  LEU A CB  1 
ATOM   589  C  CG  . LEU A 1 72  ? -10.189 -7.370  0.582   1.00 16.23 ? 73  LEU A CG  1 
ATOM   590  C  CD1 . LEU A 1 72  ? -9.097  -6.332  0.688   1.00 19.66 ? 73  LEU A CD1 1 
ATOM   591  C  CD2 . LEU A 1 72  ? -9.882  -8.622  1.434   1.00 18.25 ? 73  LEU A CD2 1 
ATOM   592  N  N   . VAL A 1 73  ? -14.401 -5.999  0.466   1.00 16.21 ? 74  VAL A N   1 
ATOM   593  C  CA  . VAL A 1 73  ? -15.524 -5.096  0.716   1.00 16.12 ? 74  VAL A CA  1 
ATOM   594  C  C   . VAL A 1 73  ? -16.791 -5.877  1.133   1.00 17.00 ? 74  VAL A C   1 
ATOM   595  O  O   . VAL A 1 73  ? -17.477 -5.533  2.119   1.00 16.50 ? 74  VAL A O   1 
ATOM   596  C  CB  . VAL A 1 73  ? -15.848 -4.242  -0.550  1.00 16.38 ? 74  VAL A CB  1 
ATOM   597  C  CG1 . VAL A 1 73  ? -17.069 -3.407  -0.316  1.00 17.40 ? 74  VAL A CG1 1 
ATOM   598  C  CG2 . VAL A 1 73  ? -14.673 -3.380  -0.881  1.00 15.54 ? 74  VAL A CG2 1 
ATOM   599  N  N   . GLU A 1 74  ? -17.064 -6.945  0.399   1.00 17.51 ? 75  GLU A N   1 
ATOM   600  C  CA  . GLU A 1 74  ? -18.301 -7.708  0.572   1.00 17.88 ? 75  GLU A CA  1 
ATOM   601  C  C   . GLU A 1 74  ? -18.253 -8.679  1.752   1.00 18.08 ? 75  GLU A C   1 
ATOM   602  O  O   . GLU A 1 74  ? -19.291 -8.945  2.355   1.00 19.15 ? 75  GLU A O   1 
ATOM   603  C  CB  . GLU A 1 74  ? -18.631 -8.466  -0.712  1.00 18.40 ? 75  GLU A CB  1 
ATOM   604  C  CG  . GLU A 1 74  ? -18.971 -7.490  -1.836  1.00 19.06 ? 75  GLU A CG  1 
ATOM   605  C  CD  . GLU A 1 74  ? -19.501 -8.121  -3.128  1.00 23.87 ? 75  GLU A CD  1 
ATOM   606  O  OE1 . GLU A 1 74  ? -19.585 -9.358  -3.231  1.00 27.04 ? 75  GLU A OE1 1 
ATOM   607  O  OE2 . GLU A 1 74  ? -19.804 -7.339  -4.068  1.00 28.63 ? 75  GLU A OE2 1 
ATOM   608  N  N   . ASN A 1 75  ? -17.068 -9.179  2.106   1.00 16.60 ? 76  ASN A N   1 
ATOM   609  C  CA  . ASN A 1 75  ? -16.925 -10.313 3.051   1.00 16.28 ? 76  ASN A CA  1 
ATOM   610  C  C   . ASN A 1 75  ? -16.134 -9.959  4.319   1.00 15.95 ? 76  ASN A C   1 
ATOM   611  O  O   . ASN A 1 75  ? -16.332 -10.570 5.358   1.00 15.36 ? 76  ASN A O   1 
ATOM   612  C  CB  . ASN A 1 75  ? -16.179 -11.484 2.389   1.00 16.28 ? 76  ASN A CB  1 
ATOM   613  C  CG  . ASN A 1 75  ? -16.914 -12.123 1.181   1.00 18.16 ? 76  ASN A CG  1 
ATOM   614  O  OD1 . ASN A 1 75  ? -16.296 -12.951 0.470   1.00 21.29 ? 76  ASN A OD1 1 
ATOM   615  N  ND2 . ASN A 1 75  ? -18.208 -11.853 1.012   1.00 18.73 ? 76  ASN A ND2 1 
ATOM   616  N  N   . HIS A 1 76  ? -15.222 -8.995  4.247   1.00 14.98 ? 77  HIS A N   1 
ATOM   617  C  CA  . HIS A 1 76  ? -14.412 -8.629  5.427   1.00 15.14 ? 77  HIS A CA  1 
ATOM   618  C  C   . HIS A 1 76  ? -14.779 -7.243  5.941   1.00 14.95 ? 77  HIS A C   1 
ATOM   619  O  O   . HIS A 1 76  ? -14.158 -6.734  6.881   1.00 15.64 ? 77  HIS A O   1 
ATOM   620  C  CB  . HIS A 1 76  ? -12.898 -8.596  5.123   1.00 14.95 ? 77  HIS A CB  1 
ATOM   621  C  CG  . HIS A 1 76  ? -12.300 -9.869  4.624   1.00 14.26 ? 77  HIS A CG  1 
ATOM   622  N  ND1 . HIS A 1 76  ? -11.207 -10.444 5.227   1.00 13.78 ? 77  HIS A ND1 1 
ATOM   623  C  CD2 . HIS A 1 76  ? -12.587 -10.650 3.548   1.00 15.98 ? 77  HIS A CD2 1 
ATOM   624  C  CE1 . HIS A 1 76  ? -10.814 -11.495 4.530   1.00 16.42 ? 77  HIS A CE1 1 
ATOM   625  N  NE2 . HIS A 1 76  ? -11.636 -11.639 3.505   1.00 14.63 ? 77  HIS A NE2 1 
ATOM   626  N  N   . GLY A 1 77  ? -15.776 -6.591  5.342   1.00 15.78 ? 78  GLY A N   1 
ATOM   627  C  CA  . GLY A 1 77  ? -16.165 -5.266  5.821   1.00 15.85 ? 78  GLY A CA  1 
ATOM   628  C  C   . GLY A 1 77  ? -15.172 -4.132  5.559   1.00 14.88 ? 78  GLY A C   1 
ATOM   629  O  O   . GLY A 1 77  ? -15.141 -3.176  6.308   1.00 14.77 ? 78  GLY A O   1 
ATOM   630  N  N   . LEU A 1 78  ? -14.426 -4.193  4.463   1.00 14.93 ? 79  LEU A N   1 
ATOM   631  C  CA  . LEU A 1 78  ? -13.414 -3.182  4.144   1.00 15.60 ? 79  LEU A CA  1 
ATOM   632  C  C   . LEU A 1 78  ? -14.059 -1.807  3.968   1.00 16.72 ? 79  LEU A C   1 
ATOM   633  O  O   . LEU A 1 78  ? -15.075 -1.638  3.250   1.00 16.99 ? 79  LEU A O   1 
ATOM   634  C  CB  . LEU A 1 78  ? -12.608 -3.547  2.882   1.00 15.45 ? 79  LEU A CB  1 
ATOM   635  C  CG  . LEU A 1 78  ? -11.459 -2.554  2.546   1.00 16.20 ? 79  LEU A CG  1 
ATOM   636  C  CD1 . LEU A 1 78  ? -10.274 -2.559  3.512   1.00 14.70 ? 79  LEU A CD1 1 
ATOM   637  C  CD2 . LEU A 1 78  ? -11.001 -2.724  1.057   1.00 15.72 ? 79  LEU A CD2 1 
ATOM   638  N  N   . ASN A 1 79  ? -13.499 -0.815  4.635   1.00 17.12 ? 80  ASN A N   1 
ATOM   639  C  CA  . ASN A 1 79  ? -14.078 0.529   4.545   1.00 18.28 ? 80  ASN A CA  1 
ATOM   640  C  C   . ASN A 1 79  ? -13.011 1.596   4.499   1.00 17.40 ? 80  ASN A C   1 
ATOM   641  O  O   . ASN A 1 79  ? -11.825 1.289   4.519   1.00 17.04 ? 80  ASN A O   1 
ATOM   642  C  CB  . ASN A 1 79  ? -15.121 0.748   5.661   1.00 19.75 ? 80  ASN A CB  1 
ATOM   643  C  CG  . ASN A 1 79  ? -14.536 0.797   7.047   1.00 23.85 ? 80  ASN A CG  1 
ATOM   644  O  OD1 . ASN A 1 79  ? -13.390 1.214   7.246   1.00 30.27 ? 80  ASN A OD1 1 
ATOM   645  N  ND2 . ASN A 1 79  ? -15.334 0.356   8.051   1.00 30.21 ? 80  ASN A ND2 1 
ATOM   646  N  N   . GLY A 1 80  ? -13.403 2.857   4.367   1.00 16.33 ? 81  GLY A N   1 
ATOM   647  C  CA  . GLY A 1 80  ? -12.423 3.918   4.284   1.00 15.70 ? 81  GLY A CA  1 
ATOM   648  C  C   . GLY A 1 80  ? -11.465 4.037   5.456   1.00 15.98 ? 81  GLY A C   1 
ATOM   649  O  O   . GLY A 1 80  ? -10.314 4.410   5.281   1.00 15.11 ? 81  GLY A O   1 
ATOM   650  N  N   . GLU A 1 81  ? -11.939 3.723   6.665   1.00 15.23 ? 82  GLU A N   1 
ATOM   651  C  CA  . GLU A 1 81  ? -11.097 3.734   7.831   1.00 15.72 ? 82  GLU A CA  1 
ATOM   652  C  C   . GLU A 1 81  ? -9.874  2.794   7.662   1.00 14.14 ? 82  GLU A C   1 
ATOM   653  O  O   . GLU A 1 81  ? -8.777  3.141   8.063   1.00 13.66 ? 82  GLU A O   1 
ATOM   654  C  CB  . GLU A 1 81  ? -11.906 3.257   9.042   1.00 16.81 ? 82  GLU A CB  1 
ATOM   655  C  CG  . GLU A 1 81  ? -11.159 3.276   10.353  1.00 18.73 ? 82  GLU A CG  1 
ATOM   656  C  CD  . GLU A 1 81  ? -12.019 2.760   11.490  1.00 19.44 ? 82  GLU A CD  1 
ATOM   657  O  OE1 . GLU A 1 81  ? -13.132 3.306   11.670  1.00 21.35 ? 82  GLU A OE1 1 
ATOM   658  O  OE2 . GLU A 1 81  ? -11.551 1.849   12.191  1.00 17.96 ? 82  GLU A OE2 1 
ATOM   659  N  N   . HIS A 1 82  ? -10.119 1.598   7.121   1.00 13.97 ? 83  HIS A N   1 
ATOM   660  C  CA  . HIS A 1 82  ? -9.053  0.588   6.893   1.00 12.83 ? 83  HIS A CA  1 
ATOM   661  C  C   . HIS A 1 82  ? -8.098  1.047   5.780   1.00 13.74 ? 83  HIS A C   1 
ATOM   662  O  O   . HIS A 1 82  ? -6.882  0.956   5.924   1.00 13.24 ? 83  HIS A O   1 
ATOM   663  C  CB  . HIS A 1 82  ? -9.644  -0.757  6.505   1.00 12.58 ? 83  HIS A CB  1 
ATOM   664  C  CG  . HIS A 1 82  ? -10.693 -1.219  7.449   1.00 12.95 ? 83  HIS A CG  1 
ATOM   665  N  ND1 . HIS A 1 82  ? -12.039 -1.148  7.153   1.00 16.00 ? 83  HIS A ND1 1 
ATOM   666  C  CD2 . HIS A 1 82  ? -10.600 -1.711  8.705   1.00 14.90 ? 83  HIS A CD2 1 
ATOM   667  C  CE1 . HIS A 1 82  ? -12.734 -1.598  8.187   1.00 16.34 ? 83  HIS A CE1 1 
ATOM   668  N  NE2 . HIS A 1 82  ? -11.885 -1.951  9.139   1.00 15.96 ? 83  HIS A NE2 1 
ATOM   669  N  N   . PHE A 1 83  ? -8.672  1.583   4.708   1.00 13.37 ? 84  PHE A N   1 
ATOM   670  C  CA  . PHE A 1 83  ? -7.889  2.172   3.626   1.00 14.84 ? 84  PHE A CA  1 
ATOM   671  C  C   . PHE A 1 83  ? -6.913  3.211   4.142   1.00 15.64 ? 84  PHE A C   1 
ATOM   672  O  O   . PHE A 1 83  ? -5.721  3.176   3.834   1.00 14.66 ? 84  PHE A O   1 
ATOM   673  C  CB  . PHE A 1 83  ? -8.814  2.750   2.526   1.00 15.30 ? 84  PHE A CB  1 
ATOM   674  C  CG  . PHE A 1 83  ? -8.058  3.279   1.323   1.00 15.26 ? 84  PHE A CG  1 
ATOM   675  C  CD1 . PHE A 1 83  ? -7.423  4.506   1.374   1.00 19.66 ? 84  PHE A CD1 1 
ATOM   676  C  CD2 . PHE A 1 83  ? -8.019  2.529   0.146   1.00 19.13 ? 84  PHE A CD2 1 
ATOM   677  C  CE1 . PHE A 1 83  ? -6.721  4.981   0.271   1.00 22.00 ? 84  PHE A CE1 1 
ATOM   678  C  CE2 . PHE A 1 83  ? -7.317  2.967   -0.956  1.00 16.30 ? 84  PHE A CE2 1 
ATOM   679  C  CZ  . PHE A 1 83  ? -6.666  4.203   -0.900  1.00 20.48 ? 84  PHE A CZ  1 
ATOM   680  N  N   . ASP A 1 84  ? -7.394  4.134   4.965   1.00 15.83 ? 85  ASP A N   1 
ATOM   681  C  CA  . ASP A 1 84  ? -6.557  5.164   5.494   1.00 17.62 ? 85  ASP A CA  1 
ATOM   682  C  C   . ASP A 1 84  ? -5.466  4.611   6.419   1.00 17.49 ? 85  ASP A C   1 
ATOM   683  O  O   . ASP A 1 84  ? -4.352  5.111   6.417   1.00 18.48 ? 85  ASP A O   1 
ATOM   684  C  CB  . ASP A 1 84  ? -7.392  6.229   6.223   1.00 17.58 ? 85  ASP A CB  1 
ATOM   685  C  CG  . ASP A 1 84  ? -8.287  7.042   5.280   1.00 19.84 ? 85  ASP A CG  1 
ATOM   686  O  OD1 . ASP A 1 84  ? -8.247  6.887   4.045   1.00 23.61 ? 85  ASP A OD1 1 
ATOM   687  O  OD2 . ASP A 1 84  ? -9.134  7.861   5.713   1.00 24.93 ? 85  ASP A OD2 1 
ATOM   688  N  N   . ALA A 1 85  ? -5.760  3.520   7.134   1.00 16.15 ? 86  ALA A N   1 
ATOM   689  C  CA  . ALA A 1 85  ? -4.781  2.869   7.998   1.00 15.59 ? 86  ALA A CA  1 
ATOM   690  C  C   . ALA A 1 85  ? -3.585  2.281   7.206   1.00 14.62 ? 86  ALA A C   1 
ATOM   691  O  O   . ALA A 1 85  ? -2.421  2.416   7.639   1.00 14.78 ? 86  ALA A O   1 
ATOM   692  C  CB  . ALA A 1 85  ? -5.426  1.794   8.839   1.00 15.33 ? 86  ALA A CB  1 
ATOM   693  N  N   . VAL A 1 86  ? -3.839  1.658   6.064   1.00 13.76 ? 87  VAL A N   1 
ATOM   694  C  CA  . VAL A 1 86  ? -2.730  1.113   5.266   1.00 14.62 ? 87  VAL A CA  1 
ATOM   695  C  C   . VAL A 1 86  ? -1.856  2.266   4.782   1.00 15.88 ? 87  VAL A C   1 
ATOM   696  O  O   . VAL A 1 86  ? -0.616  2.206   4.896   1.00 15.74 ? 87  VAL A O   1 
ATOM   697  C  CB  . VAL A 1 86  ? -3.180  0.285   4.045   1.00 13.80 ? 87  VAL A CB  1 
ATOM   698  C  CG1 . VAL A 1 86  ? -1.963  -0.391  3.374   1.00 15.88 ? 87  VAL A CG1 1 
ATOM   699  C  CG2 . VAL A 1 86  ? -4.165  -0.803  4.445   1.00 15.43 ? 87  VAL A CG2 1 
ATOM   700  N  N   . ALA A 1 87  ? -2.490  3.298   4.215   1.00 16.69 ? 88  ALA A N   1 
ATOM   701  C  CA  . ALA A 1 87  ? -1.753  4.469   3.730   1.00 17.07 ? 88  ALA A CA  1 
ATOM   702  C  C   . ALA A 1 87  ? -0.934  5.112   4.854   1.00 17.95 ? 88  ALA A C   1 
ATOM   703  O  O   . ALA A 1 87  ? 0.232   5.475   4.655   1.00 17.73 ? 88  ALA A O   1 
ATOM   704  C  CB  . ALA A 1 87  ? -2.698  5.471   3.086   1.00 17.81 ? 88  ALA A CB  1 
ATOM   705  N  N   . GLU A 1 88  ? -1.525  5.203   6.049   1.00 17.30 ? 89  GLU A N   1 
ATOM   706  C  CA  . GLU A 1 88  ? -0.866  5.754   7.223   1.00 18.54 ? 89  GLU A CA  1 
ATOM   707  C  C   . GLU A 1 88  ? 0.382   4.952   7.564   1.00 17.98 ? 89  GLU A C   1 
ATOM   708  O  O   . GLU A 1 88  ? 1.456   5.507   7.845   1.00 17.05 ? 89  GLU A O   1 
ATOM   709  C  CB  . GLU A 1 88  ? -1.817  5.713   8.422   1.00 19.29 ? 89  GLU A CB  1 
ATOM   710  C  CG  . GLU A 1 88  ? -1.202  6.065   9.781   1.00 22.16 ? 89  GLU A CG  1 
ATOM   711  C  CD  . GLU A 1 88  ? -2.180  5.794   10.926  1.00 25.90 ? 89  GLU A CD  1 
ATOM   712  O  OE1 . GLU A 1 88  ? -3.386  5.919   10.713  1.00 28.03 ? 89  GLU A OE1 1 
ATOM   713  O  OE2 . GLU A 1 88  ? -1.748  5.415   12.015  1.00 33.89 ? 89  GLU A OE2 1 
ATOM   714  N  N   . ASP A 1 89  ? 0.225   3.629   7.531   1.00 15.82 ? 90  ASP A N   1 
ATOM   715  C  CA  . ASP A 1 89  ? 1.320   2.719   7.815   1.00 16.28 ? 90  ASP A CA  1 
ATOM   716  C  C   . ASP A 1 89  ? 2.499   2.853   6.864   1.00 16.14 ? 90  ASP A C   1 
ATOM   717  O  O   . ASP A 1 89  ? 3.651   2.719   7.305   1.00 16.05 ? 90  ASP A O   1 
ATOM   718  C  CB  . ASP A 1 89  ? 0.838   1.279   7.782   1.00 15.91 ? 90  ASP A CB  1 
ATOM   719  C  CG  . ASP A 1 89  ? -0.035  0.905   8.969   1.00 16.47 ? 90  ASP A CG  1 
ATOM   720  O  OD1 . ASP A 1 89  ? -0.108  1.681   9.962   1.00 14.30 ? 90  ASP A OD1 1 
ATOM   721  O  OD2 . ASP A 1 89  ? -0.665  -0.201  8.964   1.00 12.63 ? 90  ASP A OD2 1 
ATOM   722  N  N   . LEU A 1 90  ? 2.215   3.097   5.589   1.00 16.15 ? 91  LEU A N   1 
ATOM   723  C  CA  . LEU A 1 90  ? 3.248   3.292   4.595   1.00 17.08 ? 91  LEU A CA  1 
ATOM   724  C  C   . LEU A 1 90  ? 4.023   4.559   4.953   1.00 17.51 ? 91  LEU A C   1 
ATOM   725  O  O   . LEU A 1 90  ? 5.256   4.555   4.995   1.00 17.23 ? 91  LEU A O   1 
ATOM   726  C  CB  . LEU A 1 90  ? 2.655   3.425   3.191   1.00 17.08 ? 91  LEU A CB  1 
ATOM   727  C  CG  . LEU A 1 90  ? 3.637   3.894   2.096   1.00 16.02 ? 91  LEU A CG  1 
ATOM   728  C  CD1 . LEU A 1 90  ? 4.814   2.930   1.951   1.00 18.03 ? 91  LEU A CD1 1 
ATOM   729  C  CD2 . LEU A 1 90  ? 2.919   4.008   0.837   1.00 15.85 ? 91  LEU A CD2 1 
ATOM   730  N  N   . LEU A 1 91  ? 3.298   5.642   5.190   1.00 18.47 ? 92  LEU A N   1 
ATOM   731  C  CA  . LEU A 1 91  ? 3.958   6.936   5.432   1.00 19.98 ? 92  LEU A CA  1 
ATOM   732  C  C   . LEU A 1 91  ? 4.805   6.885   6.704   1.00 20.47 ? 92  LEU A C   1 
ATOM   733  O  O   . LEU A 1 91  ? 5.895   7.451   6.749   1.00 21.76 ? 92  LEU A O   1 
ATOM   734  C  CB  . LEU A 1 91  ? 2.918   8.062   5.517   1.00 20.47 ? 92  LEU A CB  1 
ATOM   735  C  CG  . LEU A 1 91  ? 2.012   8.274   4.314   1.00 21.19 ? 92  LEU A CG  1 
ATOM   736  C  CD1 . LEU A 1 91  ? 1.347   9.646   4.428   1.00 22.34 ? 92  LEU A CD1 1 
ATOM   737  C  CD2 . LEU A 1 91  ? 2.746   8.181   3.001   1.00 22.55 ? 92  LEU A CD2 1 
ATOM   738  N  N   . ALA A 1 92  ? 4.335   6.172   7.725   1.00 20.50 ? 93  ALA A N   1 
ATOM   739  C  CA  . ALA A 1 92  ? 5.073   6.028   8.967   1.00 19.96 ? 93  ALA A CA  1 
ATOM   740  C  C   . ALA A 1 92  ? 6.397   5.292   8.730   1.00 20.70 ? 93  ALA A C   1 
ATOM   741  O  O   . ALA A 1 92  ? 7.444   5.661   9.317   1.00 20.71 ? 93  ALA A O   1 
ATOM   742  C  CB  . ALA A 1 92  ? 4.242   5.320   9.984   1.00 20.25 ? 93  ALA A CB  1 
ATOM   743  N  N   . THR A 1 93  ? 6.345   4.265   7.880   1.00 19.20 ? 94  THR A N   1 
ATOM   744  C  CA  . THR A 1 93  ? 7.527   3.491   7.475   1.00 20.77 ? 94  THR A CA  1 
ATOM   745  C  C   . THR A 1 93  ? 8.535   4.354   6.748   1.00 20.84 ? 94  THR A C   1 
ATOM   746  O  O   . THR A 1 93  ? 9.725   4.289   7.022   1.00 21.84 ? 94  THR A O   1 
ATOM   747  C  CB  . THR A 1 93  ? 7.067   2.323   6.550   1.00 20.03 ? 94  THR A CB  1 
ATOM   748  O  OG1 . THR A 1 93  ? 6.491   1.307   7.379   1.00 23.78 ? 94  THR A OG1 1 
ATOM   749  C  CG2 . THR A 1 93  ? 8.221   1.655   5.828   1.00 22.43 ? 94  THR A CG2 1 
ATOM   750  N  N   . LEU A 1 94  ? 8.051   5.168   5.833   1.00 22.08 ? 95  LEU A N   1 
ATOM   751  C  CA  . LEU A 1 94  ? 8.932   5.980   5.002   1.00 22.90 ? 95  LEU A CA  1 
ATOM   752  C  C   . LEU A 1 94  ? 9.604   7.032   5.871   1.00 24.91 ? 95  LEU A C   1 
ATOM   753  O  O   . LEU A 1 94  ? 10.813  7.230   5.793   1.00 24.70 ? 95  LEU A O   1 
ATOM   754  C  CB  . LEU A 1 94  ? 8.147   6.612   3.855   1.00 22.86 ? 95  LEU A CB  1 
ATOM   755  C  CG  . LEU A 1 94  ? 7.566   5.663   2.800   1.00 21.18 ? 95  LEU A CG  1 
ATOM   756  C  CD1 . LEU A 1 94  ? 6.837   6.444   1.702   1.00 22.47 ? 95  LEU A CD1 1 
ATOM   757  C  CD2 . LEU A 1 94  ? 8.649   4.787   2.204   1.00 19.75 ? 95  LEU A CD2 1 
ATOM   758  N  N   . LYS A 1 95  ? 8.823   7.673   6.730   1.00 26.62 ? 96  LYS A N   1 
ATOM   759  C  CA  . LYS A 1 95  ? 9.351   8.660   7.674   1.00 28.16 ? 96  LYS A CA  1 
ATOM   760  C  C   . LYS A 1 95  ? 10.472  8.050   8.556   1.00 29.53 ? 96  LYS A C   1 
ATOM   761  O  O   . LYS A 1 95  ? 11.524  8.662   8.740   1.00 29.08 ? 96  LYS A O   1 
ATOM   762  C  CB  . LYS A 1 95  ? 8.213   9.252   8.523   1.00 28.41 ? 96  LYS A CB  1 
ATOM   763  C  CG  . LYS A 1 95  ? 8.667   10.338  9.494   1.00 31.17 ? 96  LYS A CG  1 
ATOM   764  C  CD  . LYS A 1 95  ? 7.581   11.341  9.847   1.00 33.77 ? 96  LYS A CD  1 
ATOM   765  C  CE  . LYS A 1 95  ? 8.165   12.503  10.678  1.00 36.10 ? 96  LYS A CE  1 
ATOM   766  N  NZ  . LYS A 1 95  ? 9.110   12.013  11.756  1.00 36.68 ? 96  LYS A NZ  1 
ATOM   767  N  N   . GLU A 1 96  ? 10.254  6.834   9.052   1.00 30.74 ? 97  GLU A N   1 
ATOM   768  C  CA  . GLU A 1 96  ? 11.251  6.097   9.851   1.00 31.79 ? 97  GLU A CA  1 
ATOM   769  C  C   . GLU A 1 96  ? 12.553  5.784   9.100   1.00 31.77 ? 97  GLU A C   1 
ATOM   770  O  O   . GLU A 1 96  ? 13.598  5.578   9.720   1.00 32.59 ? 97  GLU A O   1 
ATOM   771  C  CB  . GLU A 1 96  ? 10.662  4.767   10.335  1.00 32.51 ? 97  GLU A CB  1 
ATOM   772  C  CG  . GLU A 1 96  ? 9.918   4.811   11.659  1.00 35.79 ? 97  GLU A CG  1 
ATOM   773  C  CD  . GLU A 1 96  ? 9.745   3.415   12.279  1.00 40.17 ? 97  GLU A CD  1 
ATOM   774  O  OE1 . GLU A 1 96  ? 9.637   2.425   11.501  1.00 40.86 ? 97  GLU A OE1 1 
ATOM   775  O  OE2 . GLU A 1 96  ? 9.730   3.303   13.544  1.00 42.28 ? 97  GLU A OE2 1 
ATOM   776  N  N   . MET A 1 97  ? 12.461  5.693   7.775   1.00 31.34 ? 98  MET A N   1 
ATOM   777  C  CA  . MET A 1 97  ? 13.592  5.412   6.894   1.00 31.29 ? 98  MET A CA  1 
ATOM   778  C  C   . MET A 1 97  ? 14.378  6.676   6.500   1.00 30.86 ? 98  MET A C   1 
ATOM   779  O  O   . MET A 1 97  ? 15.419  6.557   5.879   1.00 30.77 ? 98  MET A O   1 
ATOM   780  C  CB  . MET A 1 97  ? 13.083  4.806   5.568   1.00 30.99 ? 98  MET A CB  1 
ATOM   781  C  CG  . MET A 1 97  ? 12.705  3.363   5.582   1.00 32.94 ? 98  MET A CG  1 
ATOM   782  S  SD  . MET A 1 97  ? 12.274  2.833   3.935   1.00 32.21 ? 98  MET A SD  1 
ATOM   783  C  CE  . MET A 1 97  ? 13.604  3.296   2.979   1.00 29.11 ? 98  MET A CE  1 
ATOM   784  N  N   . GLY A 1 98  ? 13.822  7.859   6.745   1.00 30.34 ? 99  GLY A N   1 
ATOM   785  C  CA  . GLY A 1 98  ? 14.481  9.120   6.397   1.00 30.19 ? 99  GLY A CA  1 
ATOM   786  C  C   . GLY A 1 98  ? 14.117  9.680   5.027   1.00 29.87 ? 99  GLY A C   1 
ATOM   787  O  O   . GLY A 1 98  ? 14.799  10.554  4.498   1.00 29.43 ? 99  GLY A O   1 
ATOM   788  N  N   . VAL A 1 99  ? 13.028  9.181   4.448   1.00 29.18 ? 100 VAL A N   1 
ATOM   789  C  CA  . VAL A 1 99  ? 12.594  9.625   3.133   1.00 29.13 ? 100 VAL A CA  1 
ATOM   790  C  C   . VAL A 1 99  ? 12.172  11.092  3.229   1.00 29.62 ? 100 VAL A C   1 
ATOM   791  O  O   . VAL A 1 99  ? 11.376  11.422  4.080   1.00 29.90 ? 100 VAL A O   1 
ATOM   792  C  CB  . VAL A 1 99  ? 11.433  8.754   2.612   1.00 28.61 ? 100 VAL A CB  1 
ATOM   793  C  CG1 . VAL A 1 99  ? 10.893  9.256   1.274   1.00 28.23 ? 100 VAL A CG1 1 
ATOM   794  C  CG2 . VAL A 1 99  ? 11.906  7.299   2.501   1.00 27.69 ? 100 VAL A CG2 1 
ATOM   795  N  N   . PRO A 1 100 ? 12.690  11.957  2.355   1.00 30.58 ? 101 PRO A N   1 
ATOM   796  C  CA  . PRO A 1 100 ? 12.359  13.392  2.395   1.00 31.08 ? 101 PRO A CA  1 
ATOM   797  C  C   . PRO A 1 100 ? 10.853  13.667  2.380   1.00 31.91 ? 101 PRO A C   1 
ATOM   798  O  O   . PRO A 1 100 ? 10.120  12.985  1.682   1.00 31.48 ? 101 PRO A O   1 
ATOM   799  C  CB  . PRO A 1 100 ? 12.990  13.946  1.110   1.00 31.04 ? 101 PRO A CB  1 
ATOM   800  C  CG  . PRO A 1 100 ? 14.042  12.949  0.716   1.00 31.25 ? 101 PRO A CG  1 
ATOM   801  C  CD  . PRO A 1 100 ? 13.631  11.632  1.263   1.00 30.48 ? 101 PRO A CD  1 
ATOM   802  N  N   . GLU A 1 101 ? 10.411  14.696  3.098   1.00 32.44 ? 102 GLU A N   1 
ATOM   803  C  CA  . GLU A 1 101 ? 8.973   14.915  3.318   1.00 33.45 ? 102 GLU A CA  1 
ATOM   804  C  C   . GLU A 1 101 ? 8.222   15.249  2.010   1.00 32.91 ? 102 GLU A C   1 
ATOM   805  O  O   . GLU A 1 101 ? 7.031   14.915  1.862   1.00 32.61 ? 102 GLU A O   1 
ATOM   806  C  CB  . GLU A 1 101 ? 8.760   15.971  4.437   1.00 34.24 ? 102 GLU A CB  1 
ATOM   807  C  CG  . GLU A 1 101 ? 7.659   15.667  5.487   1.00 37.79 ? 102 GLU A CG  1 
ATOM   808  C  CD  . GLU A 1 101 ? 7.772   14.315  6.246   1.00 41.86 ? 102 GLU A CD  1 
ATOM   809  O  OE1 . GLU A 1 101 ? 6.767   13.531  6.245   1.00 44.86 ? 102 GLU A OE1 1 
ATOM   810  O  OE2 . GLU A 1 101 ? 8.824   14.037  6.885   1.00 41.63 ? 102 GLU A OE2 1 
ATOM   811  N  N   . ASP A 1 102 ? 8.909   15.866  1.039   1.00 32.32 ? 103 ASP A N   1 
ATOM   812  C  CA  . ASP A 1 102 ? 8.302   16.118  -0.279  1.00 32.00 ? 103 ASP A CA  1 
ATOM   813  C  C   . ASP A 1 102 ? 7.985   14.842  -1.070  1.00 30.32 ? 103 ASP A C   1 
ATOM   814  O  O   . ASP A 1 102 ? 6.977   14.783  -1.807  1.00 29.10 ? 103 ASP A O   1 
ATOM   815  C  CB  . ASP A 1 102 ? 9.189   17.030  -1.142  1.00 32.99 ? 103 ASP A CB  1 
ATOM   816  C  CG  . ASP A 1 102 ? 9.064   18.506  -0.770  1.00 36.07 ? 103 ASP A CG  1 
ATOM   817  O  OD1 . ASP A 1 102 ? 9.814   19.316  -1.367  1.00 38.85 ? 103 ASP A OD1 1 
ATOM   818  O  OD2 . ASP A 1 102 ? 8.263   18.942  0.101   1.00 40.99 ? 103 ASP A OD2 1 
ATOM   819  N  N   . LEU A 1 103 ? 8.871   13.848  -0.967  1.00 28.66 ? 104 LEU A N   1 
ATOM   820  C  CA  . LEU A 1 103 ? 8.622   12.535  -1.548  1.00 27.65 ? 104 LEU A CA  1 
ATOM   821  C  C   . LEU A 1 103 ? 7.474   11.858  -0.803  1.00 26.50 ? 104 LEU A C   1 
ATOM   822  O  O   . LEU A 1 103 ? 6.588   11.256  -1.429  1.00 25.56 ? 104 LEU A O   1 
ATOM   823  C  CB  . LEU A 1 103 ? 9.852   11.638  -1.438  1.00 28.04 ? 104 LEU A CB  1 
ATOM   824  C  CG  . LEU A 1 103 ? 10.282  10.839  -2.659  1.00 28.98 ? 104 LEU A CG  1 
ATOM   825  C  CD1 . LEU A 1 103 ? 11.230  9.704   -2.226  1.00 27.19 ? 104 LEU A CD1 1 
ATOM   826  C  CD2 . LEU A 1 103 ? 9.146   10.330  -3.493  1.00 28.32 ? 104 LEU A CD2 1 
ATOM   827  N  N   . ILE A 1 104 ? 7.462   11.983  0.519   1.00 26.09 ? 105 ILE A N   1 
ATOM   828  C  CA  . ILE A 1 104 ? 6.389   11.350  1.285   1.00 25.58 ? 105 ILE A CA  1 
ATOM   829  C  C   . ILE A 1 104 ? 5.026   11.886  0.832   1.00 26.03 ? 105 ILE A C   1 
ATOM   830  O  O   . ILE A 1 104 ? 4.059   11.117  0.750   1.00 25.50 ? 105 ILE A O   1 
ATOM   831  C  CB  . ILE A 1 104 ? 6.630   11.459  2.801   1.00 25.73 ? 105 ILE A CB  1 
ATOM   832  C  CG1 . ILE A 1 104 ? 7.840   10.601  3.196   1.00 23.37 ? 105 ILE A CG1 1 
ATOM   833  C  CG2 . ILE A 1 104 ? 5.409   10.963  3.618   1.00 25.43 ? 105 ILE A CG2 1 
ATOM   834  C  CD1 . ILE A 1 104 ? 8.290   10.763  4.644   1.00 21.87 ? 105 ILE A CD1 1 
ATOM   835  N  N   . ALA A 1 105 ? 4.944   13.179  0.498   1.00 25.66 ? 106 ALA A N   1 
ATOM   836  C  CA  . ALA A 1 105 ? 3.649   13.781  0.154   1.00 25.68 ? 106 ALA A CA  1 
ATOM   837  C  C   . ALA A 1 105 ? 3.260   13.334  -1.231  1.00 26.11 ? 106 ALA A C   1 
ATOM   838  O  O   . ALA A 1 105 ? 2.068   13.146  -1.518  1.00 25.72 ? 106 ALA A O   1 
ATOM   839  C  CB  . ALA A 1 105 ? 3.701   15.325  0.250   1.00 26.17 ? 106 ALA A CB  1 
ATOM   840  N  N   . GLU A 1 106 ? 4.251   13.160  -2.105  1.00 25.89 ? 107 GLU A N   1 
ATOM   841  C  CA  . GLU A 1 106 ? 3.970   12.698  -3.453  1.00 27.04 ? 107 GLU A CA  1 
ATOM   842  C  C   . GLU A 1 106 ? 3.311   11.336  -3.383  1.00 26.55 ? 107 GLU A C   1 
ATOM   843  O  O   . GLU A 1 106 ? 2.313   11.071  -4.095  1.00 26.21 ? 107 GLU A O   1 
ATOM   844  C  CB  . GLU A 1 106 ? 5.242   12.570  -4.305  1.00 27.87 ? 107 GLU A CB  1 
ATOM   845  C  CG  . GLU A 1 106 ? 5.577   13.786  -5.144  1.00 31.78 ? 107 GLU A CG  1 
ATOM   846  C  CD  . GLU A 1 106 ? 6.833   13.576  -5.982  1.00 34.24 ? 107 GLU A CD  1 
ATOM   847  O  OE1 . GLU A 1 106 ? 6.951   12.499  -6.624  1.00 36.17 ? 107 GLU A OE1 1 
ATOM   848  O  OE2 . GLU A 1 106 ? 7.694   14.488  -5.978  1.00 36.34 ? 107 GLU A OE2 1 
ATOM   849  N  N   . VAL A 1 107 ? 3.897   10.460  -2.564  1.00 25.24 ? 108 VAL A N   1 
ATOM   850  C  CA  . VAL A 1 107 ? 3.445   9.079   -2.501  1.00 25.21 ? 108 VAL A CA  1 
ATOM   851  C  C   . VAL A 1 107 ? 2.100   9.017   -1.765  1.00 23.88 ? 108 VAL A C   1 
ATOM   852  O  O   . VAL A 1 107 ? 1.265   8.218   -2.114  1.00 22.88 ? 108 VAL A O   1 
ATOM   853  C  CB  . VAL A 1 107 ? 4.488   8.095   -1.882  1.00 25.99 ? 108 VAL A CB  1 
ATOM   854  C  CG1 . VAL A 1 107 ? 5.861   8.234   -2.561  1.00 26.73 ? 108 VAL A CG1 1 
ATOM   855  C  CG2 . VAL A 1 107 ? 4.632   8.279   -0.417  1.00 27.95 ? 108 VAL A CG2 1 
ATOM   856  N  N   . ALA A 1 108 ? 1.902   9.886   -0.790  1.00 22.24 ? 109 ALA A N   1 
ATOM   857  C  CA  . ALA A 1 108 ? 0.649   9.917   -0.052  1.00 22.89 ? 109 ALA A CA  1 
ATOM   858  C  C   . ALA A 1 108 ? -0.508  10.327  -0.966  1.00 22.98 ? 109 ALA A C   1 
ATOM   859  O  O   . ALA A 1 108 ? -1.589  9.763   -0.864  1.00 23.47 ? 109 ALA A O   1 
ATOM   860  C  CB  . ALA A 1 108 ? 0.760   10.868  1.127   1.00 22.38 ? 109 ALA A CB  1 
ATOM   861  N  N   . ALA A 1 109 ? -0.277  11.271  -1.888  1.00 22.68 ? 110 ALA A N   1 
ATOM   862  C  CA  . ALA A 1 109 ? -1.329  11.698  -2.821  1.00 23.40 ? 110 ALA A CA  1 
ATOM   863  C  C   . ALA A 1 109 ? -1.703  10.622  -3.818  1.00 23.87 ? 110 ALA A C   1 
ATOM   864  O  O   . ALA A 1 109 ? -2.849  10.585  -4.300  1.00 24.04 ? 110 ALA A O   1 
ATOM   865  C  CB  . ALA A 1 109 ? -0.911  12.976  -3.578  1.00 23.82 ? 110 ALA A CB  1 
ATOM   866  N  N   . VAL A 1 110 ? -0.738  9.780   -4.175  1.00 23.00 ? 111 VAL A N   1 
ATOM   867  C  CA  . VAL A 1 110 ? -1.002  8.681   -5.059  1.00 23.77 ? 111 VAL A CA  1 
ATOM   868  C  C   . VAL A 1 110 ? -1.694  7.556   -4.301  1.00 23.75 ? 111 VAL A C   1 
ATOM   869  O  O   . VAL A 1 110 ? -2.645  6.958   -4.818  1.00 23.66 ? 111 VAL A O   1 
ATOM   870  C  CB  . VAL A 1 110 ? 0.268   8.167   -5.739  1.00 23.50 ? 111 VAL A CB  1 
ATOM   871  C  CG1 . VAL A 1 110 ? -0.028  6.926   -6.522  1.00 24.60 ? 111 VAL A CG1 1 
ATOM   872  C  CG2 . VAL A 1 110 ? 0.823   9.238   -6.651  1.00 25.53 ? 111 VAL A CG2 1 
ATOM   873  N  N   . ALA A 1 111 ? -1.218  7.265   -3.093  1.00 23.55 ? 112 ALA A N   1 
ATOM   874  C  CA  . ALA A 1 111 ? -1.742  6.112   -2.340  1.00 24.15 ? 112 ALA A CA  1 
ATOM   875  C  C   . ALA A 1 111 ? -3.197  6.346   -1.913  1.00 23.61 ? 112 ALA A C   1 
ATOM   876  O  O   . ALA A 1 111 ? -4.013  5.420   -1.925  1.00 23.97 ? 112 ALA A O   1 
ATOM   877  C  CB  . ALA A 1 111 ? -0.867  5.794   -1.130  1.00 23.76 ? 112 ALA A CB  1 
ATOM   878  N  N   . GLY A 1 112 ? -3.498  7.584   -1.545  1.00 24.09 ? 113 GLY A N   1 
ATOM   879  C  CA  . GLY A 1 112 ? -4.828  8.003   -1.157  1.00 24.07 ? 113 GLY A CA  1 
ATOM   880  C  C   . GLY A 1 112 ? -5.567  8.698   -2.285  1.00 23.68 ? 113 GLY A C   1 
ATOM   881  O  O   . GLY A 1 112 ? -6.551  9.376   -2.040  1.00 24.00 ? 113 GLY A O   1 
ATOM   882  N  N   . ALA A 1 113 ? -5.121  8.514   -3.524  1.00 22.95 ? 114 ALA A N   1 
ATOM   883  C  CA  . ALA A 1 113 ? -5.794  9.115   -4.679  1.00 21.73 ? 114 ALA A CA  1 
ATOM   884  C  C   . ALA A 1 113 ? -7.250  8.748   -4.564  1.00 20.90 ? 114 ALA A C   1 
ATOM   885  O  O   . ALA A 1 113 ? -7.561  7.563   -4.409  1.00 20.33 ? 114 ALA A O   1 
ATOM   886  C  CB  . ALA A 1 113 ? -5.230  8.564   -5.974  1.00 22.46 ? 114 ALA A CB  1 
ATOM   887  N  N   . PRO A 1 114 ? -8.136  9.735   -4.625  1.00 20.42 ? 115 PRO A N   1 
ATOM   888  C  CA  . PRO A 1 114 ? -9.577  9.479   -4.566  1.00 19.61 ? 115 PRO A CA  1 
ATOM   889  C  C   . PRO A 1 114 ? -10.062 8.449   -5.558  1.00 17.55 ? 115 PRO A C   1 
ATOM   890  O  O   . PRO A 1 114 ? -10.872 7.620   -5.198  1.00 16.68 ? 115 PRO A O   1 
ATOM   891  C  CB  . PRO A 1 114 ? -10.187 10.845  -4.862  1.00 19.93 ? 115 PRO A CB  1 
ATOM   892  C  CG  . PRO A 1 114 ? -9.156  11.792  -4.382  1.00 20.85 ? 115 PRO A CG  1 
ATOM   893  C  CD  . PRO A 1 114 ? -7.853  11.183  -4.687  1.00 21.15 ? 115 PRO A CD  1 
ATOM   894  N  N   . ALA A 1 115 ? -9.562  8.473   -6.780  1.00 16.72 ? 116 ALA A N   1 
ATOM   895  C  CA  . ALA A 1 115 ? -9.972  7.462   -7.755  1.00 16.06 ? 116 ALA A CA  1 
ATOM   896  C  C   . ALA A 1 115 ? -9.605  6.049   -7.277  1.00 15.22 ? 116 ALA A C   1 
ATOM   897  O  O   . ALA A 1 115 ? -10.388 5.134   -7.376  1.00 15.24 ? 116 ALA A O   1 
ATOM   898  C  CB  . ALA A 1 115 ? -9.342  7.737   -9.102  1.00 16.70 ? 116 ALA A CB  1 
ATOM   899  N  N   . HIS A 1 116 ? -8.383  5.880   -6.824  1.00 15.91 ? 117 HIS A N   1 
ATOM   900  C  CA  . HIS A 1 116 ? -7.967  4.590   -6.259  1.00 15.81 ? 117 HIS A CA  1 
ATOM   901  C  C   . HIS A 1 116 ? -8.761  4.179   -5.028  1.00 15.05 ? 117 HIS A C   1 
ATOM   902  O  O   . HIS A 1 116 ? -9.124  3.015   -4.898  1.00 14.10 ? 117 HIS A O   1 
ATOM   903  C  CB  . HIS A 1 116 ? -6.507  4.625   -5.928  1.00 15.66 ? 117 HIS A CB  1 
ATOM   904  C  CG  . HIS A 1 116 ? -5.956  3.319   -5.416  1.00 16.59 ? 117 HIS A CG  1 
ATOM   905  N  ND1 . HIS A 1 116 ? -5.758  2.223   -6.232  1.00 17.88 ? 117 HIS A ND1 1 
ATOM   906  C  CD2 . HIS A 1 116 ? -5.455  2.979   -4.207  1.00 14.25 ? 117 HIS A CD2 1 
ATOM   907  C  CE1 . HIS A 1 116 ? -5.195  1.254   -5.541  1.00 14.32 ? 117 HIS A CE1 1 
ATOM   908  N  NE2 . HIS A 1 116 ? -4.993  1.687   -4.305  1.00 13.20 ? 117 HIS A NE2 1 
ATOM   909  N  N   . LYS A 1 117 ? -9.035  5.111   -4.116  1.00 15.84 ? 118 LYS A N   1 
ATOM   910  C  CA  . LYS A 1 117 ? -9.848  4.782   -2.931  1.00 16.39 ? 118 LYS A CA  1 
ATOM   911  C  C   . LYS A 1 117 ? -11.244 4.295   -3.345  1.00 16.55 ? 118 LYS A C   1 
ATOM   912  O  O   . LYS A 1 117 ? -11.758 3.324   -2.819  1.00 16.32 ? 118 LYS A O   1 
ATOM   913  C  CB  . LYS A 1 117 ? -9.941  5.965   -1.973  1.00 17.19 ? 118 LYS A CB  1 
ATOM   914  C  CG  . LYS A 1 117 ? -10.570 5.662   -0.614  1.00 18.00 ? 118 LYS A CG  1 
ATOM   915  C  CD  . LYS A 1 117 ? -10.132 6.580   0.505   1.00 21.92 ? 118 LYS A CD  1 
ATOM   916  C  CE  . LYS A 1 117 ? -11.054 6.441   1.722   1.00 23.77 ? 118 LYS A CE  1 
ATOM   917  N  NZ  . LYS A 1 117 ? -10.796 7.414   2.877   1.00 23.55 ? 118 LYS A NZ  1 
ATOM   918  N  N   . ARG A 1 118 ? -11.850 4.975   -4.300  1.00 15.39 ? 119 ARG A N   1 
ATOM   919  C  CA  . ARG A 1 118 ? -13.145 4.576   -4.852  1.00 16.76 ? 119 ARG A CA  1 
ATOM   920  C  C   . ARG A 1 118 ? -13.086 3.172   -5.410  1.00 15.53 ? 119 ARG A C   1 
ATOM   921  O  O   . ARG A 1 118 ? -13.978 2.369   -5.220  1.00 15.45 ? 119 ARG A O   1 
ATOM   922  C  CB  . ARG A 1 118 ? -13.521 5.548   -5.996  1.00 17.26 ? 119 ARG A CB  1 
ATOM   923  C  CG  . ARG A 1 118 ? -14.969 5.690   -6.345  1.00 25.17 ? 119 ARG A CG  1 
ATOM   924  C  CD  . ARG A 1 118 ? -15.288 7.019   -7.118  1.00 30.61 ? 119 ARG A CD  1 
ATOM   925  N  NE  . ARG A 1 118 ? -14.899 8.166   -6.292  1.00 34.83 ? 119 ARG A NE  1 
ATOM   926  C  CZ  . ARG A 1 118 ? -14.084 9.189   -6.644  1.00 37.75 ? 119 ARG A CZ  1 
ATOM   927  N  NH1 . ARG A 1 118 ? -13.538 9.297   -7.866  1.00 39.46 ? 119 ARG A NH1 1 
ATOM   928  N  NH2 . ARG A 1 118 ? -13.823 10.137  -5.743  1.00 37.43 ? 119 ARG A NH2 1 
ATOM   929  N  N   . ASP A 1 119 ? -12.025 2.861   -6.148  1.00 15.48 ? 120 ASP A N   1 
ATOM   930  C  CA  . ASP A 1 119 ? -11.934 1.536   -6.748  1.00 15.13 ? 120 ASP A CA  1 
ATOM   931  C  C   . ASP A 1 119 ? -11.819 0.428   -5.684  1.00 14.65 ? 120 ASP A C   1 
ATOM   932  O  O   . ASP A 1 119 ? -12.575 -0.543  -5.680  1.00 15.78 ? 120 ASP A O   1 
ATOM   933  C  CB  . ASP A 1 119 ? -10.729 1.477   -7.689  1.00 15.20 ? 120 ASP A CB  1 
ATOM   934  C  CG  . ASP A 1 119 ? -10.946 2.273   -8.977  1.00 17.31 ? 120 ASP A CG  1 
ATOM   935  O  OD1 . ASP A 1 119 ? -12.124 2.388   -9.430  1.00 17.72 ? 120 ASP A OD1 1 
ATOM   936  O  OD2 . ASP A 1 119 ? -9.987  2.783   -9.607  1.00 16.31 ? 120 ASP A OD2 1 
ATOM   937  N  N   . VAL A 1 120 ? -10.830 0.568   -4.831  1.00 15.03 ? 121 VAL A N   1 
ATOM   938  C  CA  . VAL A 1 120 ? -10.544 -0.366  -3.717  1.00 15.39 ? 121 VAL A CA  1 
ATOM   939  C  C   . VAL A 1 120 ? -11.790 -0.628  -2.843  1.00 16.02 ? 121 VAL A C   1 
ATOM   940  O  O   . VAL A 1 120 ? -12.107 -1.777  -2.522  1.00 15.44 ? 121 VAL A O   1 
ATOM   941  C  CB  . VAL A 1 120 ? -9.377  0.166   -2.881  1.00 15.02 ? 121 VAL A CB  1 
ATOM   942  C  CG1 . VAL A 1 120 ? -9.193  -0.684  -1.609  1.00 15.32 ? 121 VAL A CG1 1 
ATOM   943  C  CG2 . VAL A 1 120 ? -8.099  0.196   -3.718  1.00 15.46 ? 121 VAL A CG2 1 
ATOM   944  N  N   . LEU A 1 121 ? -12.527 0.433   -2.505  1.00 17.47 ? 122 LEU A N   1 
ATOM   945  C  CA  . LEU A 1 121 ? -13.738 0.307   -1.677  1.00 18.56 ? 122 LEU A CA  1 
ATOM   946  C  C   . LEU A 1 121 ? -15.015 -0.060  -2.473  1.00 20.15 ? 122 LEU A C   1 
ATOM   947  O  O   . LEU A 1 121 ? -16.097 -0.209  -1.892  1.00 20.37 ? 122 LEU A O   1 
ATOM   948  C  CB  . LEU A 1 121 ? -13.965 1.607   -0.900  1.00 19.44 ? 122 LEU A CB  1 
ATOM   949  C  CG  . LEU A 1 121 ? -12.832 2.058   0.002   1.00 20.11 ? 122 LEU A CG  1 
ATOM   950  C  CD1 . LEU A 1 121 ? -13.208 3.393   0.684   1.00 21.99 ? 122 LEU A CD1 1 
ATOM   951  C  CD2 . LEU A 1 121 ? -12.487 1.001   1.046   1.00 21.38 ? 122 LEU A CD2 1 
ATOM   952  N  N   . ASN A 1 122 ? -14.892 -0.193  -3.787  1.00 20.28 ? 123 ASN A N   1 
ATOM   953  C  CA  . ASN A 1 122 ? -16.002 -0.590  -4.688  1.00 22.11 ? 123 ASN A CA  1 
ATOM   954  C  C   . ASN A 1 122 ? -17.157 0.412   -4.592  1.00 24.35 ? 123 ASN A C   1 
ATOM   955  O  O   . ASN A 1 122 ? -18.357 0.013   -4.600  1.00 24.98 ? 123 ASN A O   1 
ATOM   956  C  CB  . ASN A 1 122 ? -16.517 -2.013  -4.392  1.00 21.97 ? 123 ASN A CB  1 
ATOM   957  C  CG  . ASN A 1 122 ? -15.603 -3.126  -4.881  1.00 23.90 ? 123 ASN A CG  1 
ATOM   958  O  OD1 . ASN A 1 122 ? -16.116 -4.194  -5.210  1.00 27.20 ? 123 ASN A OD1 1 
ATOM   959  N  ND2 . ASN A 1 122 ? -14.259 -2.933  -4.873  1.00 19.39 ? 123 ASN A ND2 1 
ATOM   960  N  N   . GLN A 1 123 ? -16.807 1.697   -4.504  1.00 26.32 ? 124 GLN A N   1 
ATOM   961  C  CA  . GLN A 1 123 ? -17.788 2.792   -4.396  1.00 28.99 ? 124 GLN A CA  1 
ATOM   962  C  C   . GLN A 1 123 ? -18.134 3.410   -5.765  1.00 30.72 ? 124 GLN A C   1 
ATOM   963  O  O   . GLN A 1 123 ? -17.703 2.977   -6.833  1.00 30.21 ? 124 GLN A O   1 
ATOM   964  C  CB  . GLN A 1 123 ? -17.269 3.900   -3.480  1.00 29.61 ? 124 GLN A CB  1 
ATOM   965  C  CG  . GLN A 1 123 ? -16.854 3.471   -2.067  1.00 33.49 ? 124 GLN A CG  1 
ATOM   966  C  CD  . GLN A 1 123 ? -18.030 3.132   -1.145  1.00 39.58 ? 124 GLN A CD  1 
ATOM   967  O  OE1 . GLN A 1 123 ? -19.134 3.672   -1.302  1.00 44.95 ? 124 GLN A OE1 1 
ATOM   968  N  NE2 . GLN A 1 123 ? -17.791 2.243   -0.168  1.00 44.66 ? 124 GLN A NE2 1 
ATOM   969  O  OXT . GLN A 1 123 ? -18.877 4.409   -5.893  1.00 33.53 ? 124 GLN A OXT 1 
HETATM 970  CD CD  . CD  B 2 .   ? -11.097 -10.619 7.746   1.00 13.57 ? 201 CD  A CD  1 
HETATM 971  CD CD  . CD  C 2 .   ? -11.648 3.757   -11.234 1.00 18.72 ? 202 CD  A CD  1 
HETATM 972  S  S   . SO3 D 3 .   ? 11.328  -8.983  -4.394  0.80 33.64 ? 204 SO3 A S   1 
HETATM 973  O  O1  . SO3 D 3 .   ? 10.898  -7.727  -3.194  0.80 29.73 ? 204 SO3 A O1  1 
HETATM 974  O  O2  . SO3 D 3 .   ? 10.364  -10.437 -4.044  0.80 32.30 ? 204 SO3 A O2  1 
HETATM 975  O  O3  . SO3 D 3 .   ? 13.094  -9.231  -4.227  0.80 31.70 ? 204 SO3 A O3  1 
HETATM 976  C  CHA . HEM E 4 .   ? -4.916  -7.622  -3.380  1.00 16.90 ? 125 HEM A CHA 1 
HETATM 977  C  CHB . HEM E 4 .   ? -3.318  -3.524  -5.068  1.00 14.42 ? 125 HEM A CHB 1 
HETATM 978  C  CHC . HEM E 4 .   ? -5.003  -1.181  -1.263  1.00 11.44 ? 125 HEM A CHC 1 
HETATM 979  C  CHD . HEM E 4 .   ? -6.025  -5.339  0.679   1.00 14.28 ? 125 HEM A CHD 1 
HETATM 980  C  C1A . HEM E 4 .   ? -4.447  -6.679  -4.226  1.00 16.20 ? 125 HEM A C1A 1 
HETATM 981  C  C2A . HEM E 4 .   ? -3.913  -6.980  -5.524  1.00 15.71 ? 125 HEM A C2A 1 
HETATM 982  C  C3A . HEM E 4 .   ? -3.472  -5.840  -6.007  1.00 16.80 ? 125 HEM A C3A 1 
HETATM 983  C  C4A . HEM E 4 .   ? -3.679  -4.837  -4.977  1.00 15.27 ? 125 HEM A C4A 1 
HETATM 984  C  CMA . HEM E 4 .   ? -2.713  -5.708  -7.323  1.00 19.97 ? 125 HEM A CMA 1 
HETATM 985  C  CAA . HEM E 4 .   ? -3.905  -8.324  -6.228  1.00 18.19 ? 125 HEM A CAA 1 
HETATM 986  C  CBA . HEM E 4 .   ? -2.895  -9.324  -5.830  1.00 19.17 ? 125 HEM A CBA 1 
HETATM 987  C  CGA . HEM E 4 .   ? -3.114  -10.670 -6.439  1.00 22.53 ? 125 HEM A CGA 1 
HETATM 988  O  O1A . HEM E 4 .   ? -4.219  -11.056 -6.823  1.00 24.03 ? 125 HEM A O1A 1 
HETATM 989  O  O2A . HEM E 4 .   ? -2.048  -11.330 -6.498  1.00 24.23 ? 125 HEM A O2A 1 
HETATM 990  C  C1B . HEM E 4 .   ? -3.664  -2.496  -4.216  1.00 14.10 ? 125 HEM A C1B 1 
HETATM 991  C  C2B . HEM E 4 .   ? -3.413  -1.078  -4.447  1.00 13.54 ? 125 HEM A C2B 1 
HETATM 992  C  C3B . HEM E 4 .   ? -3.897  -0.421  -3.374  1.00 11.97 ? 125 HEM A C3B 1 
HETATM 993  C  C4B . HEM E 4 .   ? -4.432  -1.446  -2.501  1.00 11.55 ? 125 HEM A C4B 1 
HETATM 994  C  CMB . HEM E 4 .   ? -2.630  -0.566  -5.632  1.00 16.38 ? 125 HEM A CMB 1 
HETATM 995  C  CAB . HEM E 4 .   ? -3.750  0.933   -3.025  1.00 14.75 ? 125 HEM A CAB 1 
HETATM 996  C  CBB . HEM E 4 .   ? -2.608  1.766   -3.354  1.00 14.00 ? 125 HEM A CBB 1 
HETATM 997  C  C1C . HEM E 4 .   ? -5.443  -2.147  -0.401  1.00 10.32 ? 125 HEM A C1C 1 
HETATM 998  C  C2C . HEM E 4 .   ? -5.978  -1.794  0.876   1.00 10.83 ? 125 HEM A C2C 1 
HETATM 999  C  C3C . HEM E 4 .   ? -6.259  -2.974  1.475   1.00 11.15 ? 125 HEM A C3C 1 
HETATM 1000 C  C4C . HEM E 4 .   ? -5.830  -4.003  0.546   1.00 10.71 ? 125 HEM A C4C 1 
HETATM 1001 C  CMC . HEM E 4 .   ? -6.160  -0.430  1.522   1.00 13.87 ? 125 HEM A CMC 1 
HETATM 1002 C  CAC . HEM E 4 .   ? -6.756  -3.019  2.792   1.00 14.23 ? 125 HEM A CAC 1 
HETATM 1003 C  CBC . HEM E 4 .   ? -6.590  -4.139  3.654   1.00 19.48 ? 125 HEM A CBC 1 
HETATM 1004 C  C1D . HEM E 4 .   ? -5.792  -6.318  -0.240  1.00 14.65 ? 125 HEM A C1D 1 
HETATM 1005 C  C2D . HEM E 4 .   ? -6.125  -7.695  -0.048  1.00 14.94 ? 125 HEM A C2D 1 
HETATM 1006 C  C3D . HEM E 4 .   ? -5.836  -8.309  -1.196  1.00 14.99 ? 125 HEM A C3D 1 
HETATM 1007 C  C4D . HEM E 4 .   ? -5.375  -7.320  -2.122  1.00 14.41 ? 125 HEM A C4D 1 
HETATM 1008 C  CMD . HEM E 4 .   ? -6.680  -8.260  1.252   1.00 17.83 ? 125 HEM A CMD 1 
HETATM 1009 C  CAD . HEM E 4 .   ? -6.042  -9.763  -1.377  1.00 20.41 ? 125 HEM A CAD 1 
HETATM 1010 C  CBD . HEM E 4 .   ? -4.950  -10.622 -0.833  1.00 25.12 ? 125 HEM A CBD 1 
HETATM 1011 C  CGD . HEM E 4 .   ? -3.666  -10.561 -1.596  1.00 29.45 ? 125 HEM A CGD 1 
HETATM 1012 O  O1D . HEM E 4 .   ? -2.711  -9.892  -1.224  1.00 32.98 ? 125 HEM A O1D 1 
HETATM 1013 O  O2D . HEM E 4 .   ? -3.649  -11.266 -2.650  1.00 36.60 ? 125 HEM A O2D 1 
HETATM 1014 N  NA  . HEM E 4 .   ? -4.298  -5.344  -3.885  1.00 12.90 ? 125 HEM A NA  1 
HETATM 1015 N  NB  . HEM E 4 .   ? -4.291  -2.705  -3.028  1.00 10.71 ? 125 HEM A NB  1 
HETATM 1016 N  NC  . HEM E 4 .   ? -5.339  -3.496  -0.616  1.00 10.61 ? 125 HEM A NC  1 
HETATM 1017 N  ND  . HEM E 4 .   ? -5.373  -6.107  -1.509  1.00 13.65 ? 125 HEM A ND  1 
HETATM 1018 FE FE  . HEM E 4 .   ? -4.839  -4.396  -2.244  1.00 13.83 ? 125 HEM A FE  1 
HETATM 1019 S  S   . SO2 F 5 .   ? 22.001  -1.082  -4.529  1.00 50.17 ? 203 SO2 A S   1 
HETATM 1020 O  O1  . SO2 F 5 .   ? 21.439  -1.674  -3.247  1.00 44.40 ? 203 SO2 A O1  1 
HETATM 1021 O  O2  . SO2 F 5 .   ? 21.322  -1.925  -5.590  1.00 48.60 ? 203 SO2 A O2  1 
HETATM 1022 S  S   . SO2 G 5 .   ? 11.507  -5.649  13.424  1.00 19.99 ? 205 SO2 A S   1 
HETATM 1023 O  O1  . SO2 G 5 .   ? 10.641  -4.836  14.451  1.00 26.44 ? 205 SO2 A O1  1 
HETATM 1024 O  O2  . SO2 G 5 .   ? 11.065  -6.955  14.090  1.00 27.80 ? 205 SO2 A O2  1 
HETATM 1025 O  O   . HOH H 6 .   ? -7.321  -7.235  12.240  1.00 14.11 ? 206 HOH A O   1 
HETATM 1026 O  O   . HOH H 6 .   ? 7.174   -9.957  -2.219  1.00 20.97 ? 207 HOH A O   1 
HETATM 1027 O  O   . HOH H 6 .   ? 1.937   -6.825  5.867   1.00 14.05 ? 208 HOH A O   1 
HETATM 1028 O  O   . HOH H 6 .   ? 7.035   2.604   -8.583  1.00 20.17 ? 209 HOH A O   1 
HETATM 1029 O  O   . HOH H 6 .   ? -13.591 -5.050  9.237   1.00 14.49 ? 210 HOH A O   1 
HETATM 1030 O  O   . HOH H 6 .   ? -2.132  -17.292 -0.174  1.00 23.81 ? 211 HOH A O   1 
HETATM 1031 O  O   . HOH H 6 .   ? 11.654  -6.011  -2.566  1.00 32.46 ? 212 HOH A O   1 
HETATM 1032 O  O   . HOH H 6 .   ? -1.214  -13.299 5.475   1.00 20.83 ? 213 HOH A O   1 
HETATM 1033 O  O   . HOH H 6 .   ? 13.264  -3.282  10.445  1.00 27.02 ? 214 HOH A O   1 
HETATM 1034 O  O   . HOH H 6 .   ? -0.700  -9.921  -2.752  1.00 20.01 ? 215 HOH A O   1 
HETATM 1035 O  O   . HOH H 6 .   ? 3.965   -7.558  -5.511  1.00 20.89 ? 216 HOH A O   1 
HETATM 1036 O  O   . HOH H 6 .   ? -13.904 -14.161 0.823   1.00 21.98 ? 217 HOH A O   1 
HETATM 1037 O  O   . HOH H 6 .   ? -13.304 -3.094  11.238  1.00 24.79 ? 218 HOH A O   1 
HETATM 1038 O  O   . HOH H 6 .   ? -12.567 8.586   -3.070  1.00 19.33 ? 219 HOH A O   1 
HETATM 1039 O  O   . HOH H 6 .   ? -7.321  1.999   -8.584  1.00 18.85 ? 220 HOH A O   1 
HETATM 1040 O  O   . HOH H 6 .   ? -0.329  -6.460  16.758  1.00 39.43 ? 221 HOH A O   1 
HETATM 1041 O  O   . HOH H 6 .   ? 4.199   18.440  -1.200  1.00 40.81 ? 222 HOH A O   1 
HETATM 1042 O  O   . HOH H 6 .   ? 14.362  3.311   -11.016 1.00 29.78 ? 223 HOH A O   1 
HETATM 1043 O  O   . HOH H 6 .   ? -4.225  7.822   5.872   1.00 20.73 ? 224 HOH A O   1 
HETATM 1044 O  O   . HOH H 6 .   ? -10.628 -4.198  11.604  1.00 14.81 ? 225 HOH A O   1 
HETATM 1045 O  O   . HOH H 6 .   ? 18.582  6.690   -5.907  1.00 36.10 ? 226 HOH A O   1 
HETATM 1046 O  O   . HOH H 6 .   ? -3.581  -11.735 9.052   1.00 19.78 ? 227 HOH A O   1 
HETATM 1047 O  O   . HOH H 6 .   ? 2.055   -8.990  -6.780  1.00 28.55 ? 228 HOH A O   1 
HETATM 1048 O  O   . HOH H 6 .   ? 8.100   -1.510  10.607  1.00 21.16 ? 229 HOH A O   1 
HETATM 1049 O  O   . HOH H 6 .   ? -12.059 5.400   -9.717  1.00 17.45 ? 230 HOH A O   1 
HETATM 1050 O  O   . HOH H 6 .   ? 6.630   -12.325 -1.125  1.00 20.86 ? 231 HOH A O   1 
HETATM 1051 O  O   . HOH H 6 .   ? -19.940 -10.773 -5.794  1.00 33.20 ? 232 HOH A O   1 
HETATM 1052 O  O   . HOH H 6 .   ? -16.590 -13.987 -2.158  1.00 26.24 ? 233 HOH A O   1 
HETATM 1053 O  O   . HOH H 6 .   ? 12.130  9.348   -10.128 1.00 43.38 ? 234 HOH A O   1 
HETATM 1054 O  O   . HOH H 6 .   ? -5.598  2.477   -10.490 1.00 21.94 ? 235 HOH A O   1 
HETATM 1055 O  O   . HOH H 6 .   ? 6.814   9.549   -6.488  1.00 35.31 ? 236 HOH A O   1 
HETATM 1056 O  O   . HOH H 6 .   ? -2.264  -2.356  16.185  1.00 21.07 ? 237 HOH A O   1 
HETATM 1057 O  O   . HOH H 6 .   ? 7.780   5.427   -11.285 1.00 36.48 ? 238 HOH A O   1 
HETATM 1058 O  O   . HOH H 6 .   ? 4.183   9.088   -6.182  1.00 22.98 ? 239 HOH A O   1 
HETATM 1059 O  O   . HOH H 6 .   ? -11.671 1.920   -12.597 1.00 20.05 ? 240 HOH A O   1 
HETATM 1060 O  O   . HOH H 6 .   ? 14.822  1.171   11.227  1.00 26.82 ? 241 HOH A O   1 
HETATM 1061 O  O   . HOH H 6 .   ? -5.571  6.285   9.575   1.00 23.47 ? 242 HOH A O   1 
HETATM 1062 O  O   . HOH H 6 .   ? -7.902  -11.652 1.844   1.00 23.45 ? 243 HOH A O   1 
HETATM 1063 O  O   . HOH H 6 .   ? 14.256  2.330   8.971   1.00 33.16 ? 244 HOH A O   1 
HETATM 1064 O  O   . HOH H 6 .   ? 17.690  -4.958  1.382   1.00 31.29 ? 245 HOH A O   1 
HETATM 1065 O  O   . HOH H 6 .   ? 12.402  11.337  8.423   1.00 28.65 ? 246 HOH A O   1 
HETATM 1066 O  O   . HOH H 6 .   ? 5.683   18.489  0.809   1.00 39.54 ? 247 HOH A O   1 
HETATM 1067 O  O   . HOH H 6 .   ? -11.780 9.686   1.631   1.00 27.23 ? 248 HOH A O   1 
HETATM 1068 O  O   . HOH H 6 .   ? 21.105  -4.072  -7.641  1.00 34.85 ? 249 HOH A O   1 
HETATM 1069 O  O   . HOH H 6 .   ? -1.380  -10.592 9.221   1.00 33.02 ? 250 HOH A O   1 
HETATM 1070 O  O   . HOH H 6 .   ? 11.532  2.047   8.318   1.00 41.92 ? 251 HOH A O   1 
HETATM 1071 O  O   . HOH H 6 .   ? 1.790   12.652  -6.191  1.00 28.95 ? 252 HOH A O   1 
HETATM 1072 O  O   . HOH H 6 .   ? 18.115  2.233   -10.126 1.00 20.38 ? 253 HOH A O   1 
HETATM 1073 O  O   . HOH H 6 .   ? -14.992 4.437   7.033   1.00 43.85 ? 254 HOH A O   1 
HETATM 1074 O  O   . HOH H 6 .   ? -4.780  2.862   1.200   1.00 48.31 ? 255 HOH A O   1 
HETATM 1075 O  O   . HOH H 6 .   ? 3.814   -19.078 -0.062  1.00 31.61 ? 256 HOH A O   1 
HETATM 1076 O  O   . HOH H 6 .   ? 7.962   -3.602  14.814  1.00 50.14 ? 257 HOH A O   1 
HETATM 1077 O  O   . HOH H 6 .   ? 5.000   14.578  3.857   1.00 32.29 ? 258 HOH A O   1 
HETATM 1078 O  O   . HOH H 6 .   ? 14.512  -4.860  -3.938  1.00 21.47 ? 259 HOH A O   1 
HETATM 1079 O  O   . HOH H 6 .   ? -13.749 6.044   11.278  1.00 29.02 ? 260 HOH A O   1 
HETATM 1080 O  O   . HOH H 6 .   ? -5.875  -12.557 -3.507  1.00 57.50 ? 261 HOH A O   1 
HETATM 1081 O  O   . HOH H 6 .   ? -17.490 -2.980  3.466   1.00 22.61 ? 262 HOH A O   1 
HETATM 1082 O  O   . HOH H 6 .   ? 4.022   9.846   8.907   1.00 30.27 ? 263 HOH A O   1 
HETATM 1083 O  O   . HOH H 6 .   ? -15.281 -5.737  -10.043 1.00 25.50 ? 264 HOH A O   1 
HETATM 1084 O  O   . HOH H 6 .   ? -2.390  -0.023  14.913  1.00 39.54 ? 265 HOH A O   1 
HETATM 1085 O  O   . HOH H 6 .   ? -11.342 -13.068 1.351   1.00 19.09 ? 266 HOH A O   1 
HETATM 1086 O  O   . HOH H 6 .   ? -7.892  4.878   9.830   1.00 21.87 ? 267 HOH A O   1 
HETATM 1087 O  O   . HOH H 6 .   ? -19.528 -5.368  -8.211  1.00 37.02 ? 268 HOH A O   1 
HETATM 1088 O  O   . HOH H 6 .   ? 1.676   -1.837  13.336  1.00 21.04 ? 269 HOH A O   1 
HETATM 1089 O  O   . HOH H 6 .   ? -10.137 -11.695 -0.637  1.00 34.44 ? 270 HOH A O   1 
HETATM 1090 O  O   . HOH H 6 .   ? 10.123  0.674   -10.898 1.00 40.55 ? 271 HOH A O   1 
HETATM 1091 O  O   . HOH H 6 .   ? 3.321   -3.506  -8.396  1.00 45.07 ? 272 HOH A O   1 
HETATM 1092 O  O   . HOH H 6 .   ? -10.591 -12.128 -4.567  1.00 33.64 ? 273 HOH A O   1 
HETATM 1093 O  O   . HOH H 6 .   ? 10.274  12.273  -6.609  1.00 55.35 ? 274 HOH A O   1 
HETATM 1094 O  O   . HOH H 6 .   ? 5.559   12.973  12.371  1.00 56.53 ? 275 HOH A O   1 
HETATM 1095 O  O   . HOH H 6 .   ? 8.106   4.857   -8.892  1.00 30.86 ? 276 HOH A O   1 
HETATM 1096 O  O   . HOH H 6 .   ? 18.472  -0.494  -8.682  1.00 27.93 ? 277 HOH A O   1 
HETATM 1097 O  O   . HOH H 6 .   ? 16.381  2.052   -12.084 1.00 29.08 ? 278 HOH A O   1 
HETATM 1098 O  O   . HOH H 6 .   ? 14.187  9.251   -1.177  1.00 25.64 ? 279 HOH A O   1 
HETATM 1099 O  O   . HOH H 6 .   ? -11.362 10.255  -1.305  1.00 30.81 ? 280 HOH A O   1 
HETATM 1100 O  O   . HOH H 6 .   ? 17.056  2.824   -14.772 1.00 32.29 ? 281 HOH A O   1 
HETATM 1101 O  O   . HOH H 6 .   ? 14.419  8.573   -16.454 1.00 29.22 ? 282 HOH A O   1 
HETATM 1102 O  O   . HOH H 6 .   ? -0.461  -14.426 10.598  1.00 34.35 ? 283 HOH A O   1 
HETATM 1103 O  O   . HOH H 6 .   ? 4.635   17.951  3.181   1.00 50.67 ? 284 HOH A O   1 
HETATM 1104 O  O   . HOH H 6 .   ? -17.232 -2.076  7.752   1.00 27.26 ? 285 HOH A O   1 
HETATM 1105 O  O   . HOH H 6 .   ? -16.199 -0.243  1.069   1.00 28.22 ? 286 HOH A O   1 
HETATM 1106 O  O   . HOH H 6 .   ? -18.746 -4.424  -4.293  1.00 26.37 ? 287 HOH A O   1 
HETATM 1107 O  O   . HOH H 6 .   ? -13.702 -4.360  -12.307 1.00 22.45 ? 288 HOH A O   1 
HETATM 1108 O  O   . HOH H 6 .   ? 18.018  3.994   4.922   1.00 30.98 ? 289 HOH A O   1 
HETATM 1109 O  O   . HOH H 6 .   ? -10.747 -9.242  -2.109  1.00 25.04 ? 290 HOH A O   1 
HETATM 1110 O  O   . HOH H 6 .   ? -1.489  -7.836  8.625   1.00 31.21 ? 291 HOH A O   1 
HETATM 1111 O  O   . HOH H 6 .   ? 0.324   0.712   12.701  1.00 23.77 ? 292 HOH A O   1 
HETATM 1112 O  O   . HOH H 6 .   ? 1.708   7.940   9.109   1.00 20.91 ? 293 HOH A O   1 
HETATM 1113 O  O   . HOH H 6 .   ? -1.883  8.868   5.843   1.00 24.66 ? 294 HOH A O   1 
HETATM 1114 O  O   . HOH H 6 .   ? 9.214   -8.632  4.611   1.00 20.25 ? 295 HOH A O   1 
HETATM 1115 O  O   . HOH H 6 .   ? 9.574   -7.587  7.334   1.00 20.04 ? 296 HOH A O   1 
HETATM 1116 O  O   . HOH H 6 .   ? -13.907 3.878   -11.588 1.00 20.62 ? 297 HOH A O   1 
HETATM 1117 O  O   . HOH H 6 .   ? -8.206  -10.642 -4.617  1.00 23.14 ? 298 HOH A O   1 
HETATM 1118 O  O   . HOH H 6 .   ? 15.203  7.817   0.795   1.00 23.07 ? 299 HOH A O   1 
HETATM 1119 O  O   . HOH H 6 .   ? 15.539  5.262   0.803   1.00 29.55 ? 300 HOH A O   1 
HETATM 1120 O  O   . HOH H 6 .   ? 18.664  5.086   0.472   1.00 27.94 ? 301 HOH A O   1 
HETATM 1121 O  O   . HOH H 6 .   ? 18.040  2.992   2.416   1.00 30.15 ? 302 HOH A O   1 
HETATM 1122 O  O   . HOH H 6 .   ? 20.017  0.564   -2.131  1.00 25.16 ? 303 HOH A O   1 
HETATM 1123 O  O   . HOH H 6 .   ? 4.689   8.995   11.377  1.00 33.54 ? 304 HOH A O   1 
HETATM 1124 O  O   . HOH H 6 .   ? 7.209   7.127   11.659  1.00 34.44 ? 305 HOH A O   1 
HETATM 1125 O  O   . HOH H 6 .   ? 6.975   5.479   13.642  1.00 40.16 ? 306 HOH A O   1 
HETATM 1126 O  O   . HOH H 6 .   ? 21.267  -1.478  -8.969  1.00 32.44 ? 307 HOH A O   1 
HETATM 1127 O  O   . HOH H 6 .   ? -16.332 -4.821  -7.603  1.00 39.92 ? 308 HOH A O   1 
HETATM 1128 O  O   . HOH H 6 .   ? -18.979 -10.984 6.108   1.00 22.82 ? 309 HOH A O   1 
HETATM 1129 O  O   . HOH H 6 .   ? -18.530 -7.651  5.200   1.00 22.12 ? 310 HOH A O   1 
HETATM 1130 O  O   . HOH H 6 .   ? 0.219   -10.636 -5.172  1.00 25.81 ? 311 HOH A O   1 
HETATM 1131 O  O   . HOH H 6 .   ? 1.712   -12.801 -5.228  1.00 31.78 ? 312 HOH A O   1 
HETATM 1132 O  O   . HOH H 6 .   ? 2.698   -14.374 -3.172  1.00 26.40 ? 313 HOH A O   1 
HETATM 1133 O  O   . HOH H 6 .   ? 5.399   -14.144 -3.516  1.00 25.89 ? 314 HOH A O   1 
HETATM 1134 O  O   . HOH H 6 .   ? -1.364  -13.108 -7.991  1.00 27.86 ? 315 HOH A O   1 
HETATM 1135 O  O   . HOH H 6 .   ? -9.869  -17.483 1.113   1.00 26.49 ? 316 HOH A O   1 
HETATM 1136 O  O   . HOH H 6 .   ? -15.187 -1.820  -12.880 1.00 31.75 ? 317 HOH A O   1 
HETATM 1137 O  O   . HOH H 6 .   ? -13.766 -10.858 -6.583  1.00 46.19 ? 318 HOH A O   1 
HETATM 1138 O  O   . HOH H 6 .   ? -17.481 -11.006 -3.087  1.00 36.94 ? 319 HOH A O   1 
HETATM 1139 O  O   . HOH H 6 .   ? 5.554   16.756  -2.928  1.00 33.98 ? 320 HOH A O   1 
HETATM 1140 O  O   . HOH H 6 .   ? -3.423  6.652   -8.061  1.00 41.79 ? 321 HOH A O   1 
HETATM 1141 O  O   . HOH H 6 .   ? -3.078  11.744  -6.637  1.00 34.27 ? 322 HOH A O   1 
HETATM 1142 O  O   . HOH H 6 .   ? 21.744  5.023   -1.970  1.00 33.13 ? 323 HOH A O   1 
HETATM 1143 O  O   . HOH H 6 .   ? -7.830  4.388   12.548  1.00 29.58 ? 324 HOH A O   1 
HETATM 1144 O  O   . HOH H 6 .   ? -5.284  8.756   8.086   1.00 26.86 ? 325 HOH A O   1 
HETATM 1145 O  O   . HOH H 6 .   ? -16.247 2.947   3.434   1.00 34.62 ? 326 HOH A O   1 
HETATM 1146 O  O   . HOH H 6 .   ? -11.949 -10.063 -4.755  1.00 28.35 ? 327 HOH A O   1 
HETATM 1147 O  O   . HOH H 6 .   ? -14.866 -12.622 -10.054 1.00 26.33 ? 328 HOH A O   1 
HETATM 1148 O  O   . HOH H 6 .   ? -4.084  -16.478 -2.128  1.00 33.71 ? 329 HOH A O   1 
HETATM 1149 O  O   . HOH H 6 .   ? -10.786 -17.313 0.077   1.00 33.42 ? 330 HOH A O   1 
HETATM 1150 O  O   . HOH H 6 .   ? 15.452  -9.286  -5.053  1.00 32.51 ? 331 HOH A O   1 
HETATM 1151 O  O   . HOH H 6 .   ? -1.748  -5.665  18.925  1.00 39.60 ? 332 HOH A O   1 
HETATM 1152 O  O   . HOH H 6 .   ? 3.594   -18.150 -2.782  1.00 30.20 ? 333 HOH A O   1 
HETATM 1153 O  O   . HOH H 6 .   ? -14.028 -6.361  -13.943 1.00 30.40 ? 334 HOH A O   1 
HETATM 1154 O  O   . HOH H 6 .   ? 14.188  6.091   -15.407 1.00 27.73 ? 335 HOH A O   1 
# 
